data_6BPE
#
_entry.id   6BPE
#
_cell.length_a   106.600
_cell.length_b   123.480
_cell.length_c   143.280
_cell.angle_alpha   90.000
_cell.angle_beta   105.250
_cell.angle_gamma   90.000
#
_symmetry.space_group_name_H-M   'P 1 21 1'
#
loop_
_entity.id
_entity.type
_entity.pdbx_description
1 polymer 'Reticulocyte binding protein 2, putative'
2 polymer 'Monoclonal antibody 6H1 Fab heavy chain'
3 polymer 'Monoclonal antibody 6H1 Fab light chain'
#
loop_
_entity_poly.entity_id
_entity_poly.type
_entity_poly.pdbx_seq_one_letter_code
_entity_poly.pdbx_strand_id
1 'polypeptide(L)'
;GAMGSTNTTDNIDYFDISDESNYYLISQLRPHFSNIYFFDEFKRYASYHTEIKRYEDIHKTKVNSLLNEASRAIGICNRA
KNTVKGLINILENPQKFKTQRESYDVKLRQYEEKKEAFRGCLLNKNRKNLDQIKKINNEIRDLLEKLKCSQDCQTNVYFD
MIKIYLVDFKKMPYENYDTFIKQYKNSYLSGVDMIRKIEKQIDNPVTINAIKFTQKEMGYIIDRFEYHLQKVKHSIDQVT
ALSDGVKPKQVTKNRLKEYYFNIGNYYSIFKFGKDSLNMLNKALIHKEKIVHNLLGELFGHLEERIS
;
A,D,G,J
2 'polypeptide(L)'
;MYFRLSSVFLVLILKGVQCEVKLVESEGGLVQPGSSMNLSCTASGFTFSDYYMAWVRQVPDKGLEWVASVSYDGSITYYL
DSLKSRFIISRDNVKNILNLQMSSLKSEDTATYYCTRVTVVDSFDYWGQGTTLTVSSAKTTAPSVYPLAPVCGDTTGSSV
TLGCLVKGYFPEPVTLTWNSGSLSSGVHTFPAVLQSDLYTLSSSVTVTSSTWPSQSITCNVAHPASSTKVDKKIEPRGPT
IKPCPPCKCPAPNS
;
B,E,H
3 'polypeptide(L)'
;MGIKMESQTQVFVYMLLWLSGVDGDIVMTQSQKFMSTSIGVRVSVTCKASQNVGTNVAWYQQKPGQSPKALIYSASYRNS
GVPDRFTGSGSGTEFTLTISNVQSEDLAEYFCQQYDSYPYPFGGGTKLEIKRADAAPTVSIFPPSSEQLTSGGASVVCFL
NNFYPKDINVKWKIDGSERQNGVLNSWTDQDSKDSTYSMSSTLTLTKDEYERHNSYTCEATHKTSTSPIVKSFNRNEC
;
C,F,I
#
# COMPACT_ATOMS: atom_id res chain seq x y z
N THR A 6 -11.95 14.24 -7.67
CA THR A 6 -11.30 12.98 -8.03
C THR A 6 -10.92 12.98 -9.50
N ASN A 7 -9.99 13.86 -9.87
CA ASN A 7 -9.57 13.96 -11.27
C ASN A 7 -8.83 12.70 -11.71
N THR A 8 -7.78 12.32 -10.99
CA THR A 8 -6.97 11.17 -11.35
C THR A 8 -6.51 10.47 -10.08
N THR A 9 -5.99 9.26 -10.25
CA THR A 9 -5.40 8.54 -9.13
C THR A 9 -4.10 9.21 -8.71
N ASP A 10 -3.94 9.44 -7.41
CA ASP A 10 -2.74 10.06 -6.87
C ASP A 10 -1.88 9.10 -6.06
N ASN A 11 -2.29 7.84 -5.93
CA ASN A 11 -1.53 6.84 -5.19
C ASN A 11 -1.39 5.60 -6.05
N ILE A 12 -0.19 5.03 -6.10
CA ILE A 12 0.10 3.88 -6.94
C ILE A 12 0.83 2.83 -6.11
N ASP A 13 0.63 2.88 -4.79
CA ASP A 13 1.27 1.94 -3.87
C ASP A 13 0.74 0.51 -4.00
N TYR A 14 -0.12 0.18 -4.96
CA TYR A 14 -0.71 -1.16 -5.01
C TYR A 14 0.08 -2.14 -5.86
N PHE A 15 0.99 -1.66 -6.71
CA PHE A 15 1.77 -2.58 -7.54
C PHE A 15 2.67 -3.46 -6.68
N ASP A 16 2.81 -4.72 -7.11
CA ASP A 16 3.74 -5.64 -6.47
C ASP A 16 4.22 -6.64 -7.50
N ILE A 17 5.30 -7.34 -7.17
CA ILE A 17 5.91 -8.30 -8.07
C ILE A 17 6.49 -9.45 -7.25
N SER A 18 6.43 -10.65 -7.81
CA SER A 18 7.01 -11.83 -7.19
C SER A 18 8.12 -12.36 -8.09
N ASP A 19 9.11 -13.01 -7.46
CA ASP A 19 10.20 -13.59 -8.23
C ASP A 19 9.71 -14.82 -8.99
N GLU A 20 10.59 -15.35 -9.85
CA GLU A 20 10.23 -16.52 -10.65
C GLU A 20 9.96 -17.73 -9.77
N SER A 21 10.75 -17.90 -8.71
CA SER A 21 10.51 -18.98 -7.76
C SER A 21 9.24 -18.75 -6.95
N ASN A 22 8.75 -17.51 -6.90
CA ASN A 22 7.48 -17.11 -6.30
C ASN A 22 7.46 -17.26 -4.78
N TYR A 23 8.59 -17.54 -4.14
CA TYR A 23 8.60 -17.66 -2.69
C TYR A 23 8.52 -16.29 -2.01
N TYR A 24 8.97 -15.24 -2.67
CA TYR A 24 9.10 -13.92 -2.07
C TYR A 24 8.25 -12.92 -2.84
N LEU A 25 7.36 -12.23 -2.12
CA LEU A 25 6.49 -11.22 -2.70
C LEU A 25 6.94 -9.85 -2.20
N ILE A 26 7.27 -8.96 -3.13
CA ILE A 26 7.73 -7.61 -2.80
C ILE A 26 6.55 -6.67 -2.89
N SER A 27 6.25 -6.00 -1.79
CA SER A 27 5.18 -5.00 -1.73
C SER A 27 5.79 -3.61 -1.59
N GLN A 28 5.12 -2.62 -2.18
CA GLN A 28 5.59 -1.24 -2.04
C GLN A 28 5.41 -0.72 -0.62
N LEU A 29 4.43 -1.26 0.11
CA LEU A 29 4.25 -0.86 1.49
C LEU A 29 5.34 -1.44 2.37
N ARG A 30 5.86 -0.63 3.29
CA ARG A 30 6.84 -1.10 4.25
C ARG A 30 6.24 -2.23 5.07
N PRO A 31 7.03 -3.25 5.45
CA PRO A 31 8.47 -3.49 5.31
C PRO A 31 8.93 -3.95 3.93
N HIS A 32 8.00 -4.00 2.97
CA HIS A 32 8.25 -4.46 1.60
C HIS A 32 8.45 -5.97 1.53
N PHE A 33 8.76 -6.60 2.66
CA PHE A 33 8.98 -8.04 2.73
C PHE A 33 8.23 -8.60 3.93
N SER A 34 7.49 -9.69 3.72
CA SER A 34 6.77 -10.32 4.82
C SER A 34 7.73 -10.97 5.82
N ASN A 35 8.93 -11.34 5.38
CA ASN A 35 9.87 -12.02 6.26
C ASN A 35 10.38 -11.11 7.37
N ILE A 36 10.47 -9.80 7.12
CA ILE A 36 10.86 -8.87 8.17
C ILE A 36 9.84 -8.88 9.30
N TYR A 37 8.55 -8.99 8.94
CA TYR A 37 7.52 -9.13 9.96
C TYR A 37 7.73 -10.40 10.78
N PHE A 38 8.14 -11.49 10.11
CA PHE A 38 8.48 -12.72 10.84
C PHE A 38 9.70 -12.49 11.73
N PHE A 39 10.71 -11.79 11.21
CA PHE A 39 11.88 -11.46 12.02
C PHE A 39 11.52 -10.60 13.22
N ASP A 40 10.64 -9.61 13.00
CA ASP A 40 10.15 -8.80 14.12
C ASP A 40 9.39 -9.66 15.13
N GLU A 41 8.64 -10.64 14.63
CA GLU A 41 7.85 -11.51 15.49
C GLU A 41 8.69 -12.56 16.21
N PHE A 42 9.85 -12.92 15.64
CA PHE A 42 10.73 -13.87 16.33
C PHE A 42 11.36 -13.22 17.56
N LYS A 43 11.60 -11.91 17.53
CA LYS A 43 12.12 -11.22 18.70
C LYS A 43 11.24 -11.42 19.92
N ARG A 44 9.92 -11.56 19.70
CA ARG A 44 9.01 -11.87 20.80
C ARG A 44 9.30 -13.26 21.37
N TYR A 45 9.68 -14.20 20.50
CA TYR A 45 10.02 -15.54 20.97
C TYR A 45 11.30 -15.54 21.81
N ALA A 46 12.32 -14.81 21.35
CA ALA A 46 13.62 -14.85 22.00
C ALA A 46 13.61 -14.16 23.36
N SER A 47 12.64 -13.28 23.62
CA SER A 47 12.61 -12.60 24.92
C SER A 47 12.30 -13.56 26.06
N TYR A 48 11.49 -14.58 25.81
CA TYR A 48 11.10 -15.52 26.86
C TYR A 48 12.20 -16.51 27.18
N HIS A 49 13.06 -16.84 26.22
CA HIS A 49 14.12 -17.82 26.39
C HIS A 49 15.46 -17.11 26.55
N THR A 50 16.15 -17.39 27.66
CA THR A 50 17.43 -16.74 27.91
C THR A 50 18.51 -17.19 26.93
N GLU A 51 18.43 -18.43 26.44
CA GLU A 51 19.47 -18.95 25.56
C GLU A 51 19.54 -18.18 24.25
N ILE A 52 18.42 -17.60 23.81
CA ILE A 52 18.36 -16.86 22.56
C ILE A 52 18.45 -15.35 22.80
N LYS A 53 18.99 -14.93 23.94
CA LYS A 53 19.13 -13.50 24.22
C LYS A 53 20.12 -12.82 23.27
N ARG A 54 21.06 -13.56 22.70
CA ARG A 54 21.99 -13.00 21.72
C ARG A 54 21.28 -12.54 20.45
N TYR A 55 20.11 -13.11 20.13
CA TYR A 55 19.39 -12.75 18.91
C TYR A 55 19.08 -11.26 18.83
N GLU A 56 19.04 -10.55 19.96
CA GLU A 56 18.77 -9.11 19.92
C GLU A 56 19.83 -8.37 19.13
N ASP A 57 21.08 -8.85 19.16
CA ASP A 57 22.13 -8.22 18.36
C ASP A 57 21.85 -8.39 16.87
N ILE A 58 21.39 -9.58 16.47
CA ILE A 58 21.02 -9.80 15.07
C ILE A 58 19.91 -8.84 14.67
N HIS A 59 18.89 -8.69 15.53
CA HIS A 59 17.78 -7.81 15.21
C HIS A 59 18.21 -6.35 15.21
N LYS A 60 19.07 -5.96 16.15
CA LYS A 60 19.52 -4.58 16.20
C LYS A 60 20.39 -4.22 14.99
N THR A 61 21.09 -5.19 14.42
CA THR A 61 22.03 -4.94 13.34
C THR A 61 21.61 -5.58 12.03
N LYS A 62 21.47 -6.90 11.98
CA LYS A 62 21.23 -7.57 10.70
C LYS A 62 19.84 -7.25 10.15
N VAL A 63 18.82 -7.27 10.99
CA VAL A 63 17.46 -7.07 10.50
C VAL A 63 17.14 -5.59 10.34
N ASN A 64 17.59 -4.75 11.28
CA ASN A 64 17.32 -3.32 11.18
C ASN A 64 18.00 -2.72 9.96
N SER A 65 19.22 -3.13 9.66
CA SER A 65 19.88 -2.66 8.45
C SER A 65 19.17 -3.16 7.20
N LEU A 66 18.60 -4.37 7.27
CA LEU A 66 17.90 -4.91 6.11
C LEU A 66 16.66 -4.08 5.77
N LEU A 67 15.90 -3.67 6.79
CA LEU A 67 14.73 -2.84 6.53
C LEU A 67 15.13 -1.52 5.89
N ASN A 68 16.18 -0.89 6.40
CA ASN A 68 16.67 0.34 5.79
C ASN A 68 17.24 0.07 4.40
N GLU A 69 17.87 -1.10 4.22
CA GLU A 69 18.43 -1.43 2.91
C GLU A 69 17.35 -1.83 1.92
N ALA A 70 16.35 -2.58 2.38
CA ALA A 70 15.24 -2.93 1.49
C ALA A 70 14.42 -1.69 1.11
N SER A 71 14.25 -0.77 2.06
CA SER A 71 13.53 0.46 1.75
C SER A 71 14.30 1.33 0.77
N ARG A 72 15.63 1.34 0.85
CA ARG A 72 16.42 2.17 -0.04
C ARG A 72 16.35 1.68 -1.48
N ALA A 73 16.36 0.36 -1.67
CA ALA A 73 16.28 -0.20 -3.02
C ALA A 73 14.97 0.21 -3.70
N ILE A 74 13.91 0.43 -2.93
CA ILE A 74 12.66 0.92 -3.50
C ILE A 74 12.81 2.36 -3.95
N GLY A 75 13.62 3.15 -3.24
CA GLY A 75 13.80 4.55 -3.60
C GLY A 75 14.41 4.75 -4.97
N ILE A 76 15.28 3.84 -5.40
CA ILE A 76 15.83 3.91 -6.75
C ILE A 76 14.71 3.74 -7.77
N CYS A 77 13.72 2.91 -7.45
CA CYS A 77 12.58 2.71 -8.33
C CYS A 77 11.54 3.83 -8.19
N ASN A 78 11.66 4.68 -7.17
CA ASN A 78 10.68 5.73 -6.97
C ASN A 78 10.67 6.72 -8.12
N ARG A 79 11.84 7.02 -8.68
CA ARG A 79 11.89 7.93 -9.83
C ARG A 79 11.27 7.29 -11.07
N ALA A 80 11.52 6.00 -11.29
CA ALA A 80 10.88 5.31 -12.40
C ALA A 80 9.39 5.13 -12.15
N LYS A 81 8.98 5.08 -10.88
CA LYS A 81 7.56 5.01 -10.55
C LYS A 81 6.83 6.26 -11.02
N ASN A 82 7.42 7.43 -10.76
CA ASN A 82 6.78 8.69 -11.14
C ASN A 82 6.62 8.80 -12.65
N THR A 83 7.54 8.21 -13.42
CA THR A 83 7.39 8.19 -14.87
C THR A 83 6.17 7.38 -15.28
N VAL A 84 6.01 6.19 -14.71
CA VAL A 84 4.85 5.36 -15.00
C VAL A 84 3.58 6.04 -14.51
N LYS A 85 3.60 6.54 -13.26
CA LYS A 85 2.42 7.16 -12.67
C LYS A 85 1.84 8.24 -13.58
N GLY A 86 2.70 9.06 -14.19
CA GLY A 86 2.21 10.10 -15.07
C GLY A 86 1.54 9.56 -16.32
N LEU A 87 1.96 8.39 -16.79
CA LEU A 87 1.35 7.82 -17.99
C LEU A 87 -0.10 7.43 -17.75
N ILE A 88 -0.43 6.96 -16.56
CA ILE A 88 -1.81 6.58 -16.26
C ILE A 88 -2.73 7.79 -16.32
N ASN A 89 -2.26 8.94 -15.81
CA ASN A 89 -3.12 10.12 -15.71
C ASN A 89 -3.60 10.58 -17.08
N ILE A 90 -2.71 10.58 -18.08
CA ILE A 90 -3.11 10.96 -19.42
C ILE A 90 -4.02 9.89 -20.02
N LEU A 91 -3.74 8.61 -19.72
CA LEU A 91 -4.57 7.54 -20.24
C LEU A 91 -5.96 7.53 -19.62
N GLU A 92 -6.06 7.84 -18.32
CA GLU A 92 -7.33 7.74 -17.62
C GLU A 92 -8.21 8.97 -17.77
N ASN A 93 -7.63 10.13 -18.10
CA ASN A 93 -8.41 11.35 -18.26
C ASN A 93 -8.56 11.67 -19.74
N PRO A 94 -9.78 11.72 -20.28
CA PRO A 94 -9.92 12.00 -21.72
C PRO A 94 -9.55 13.42 -22.11
N GLN A 95 -9.84 14.40 -21.25
CA GLN A 95 -9.49 15.78 -21.59
C GLN A 95 -7.97 16.00 -21.56
N LYS A 96 -7.26 15.26 -20.71
CA LYS A 96 -5.81 15.33 -20.71
C LYS A 96 -5.23 14.55 -21.88
N PHE A 97 -5.86 13.43 -22.24
CA PHE A 97 -5.39 12.62 -23.35
C PHE A 97 -5.44 13.39 -24.66
N LYS A 98 -6.38 14.33 -24.80
CA LYS A 98 -6.52 15.07 -26.05
C LYS A 98 -5.30 15.95 -26.33
N THR A 99 -4.66 16.47 -25.29
CA THR A 99 -3.48 17.30 -25.49
C THR A 99 -2.33 16.48 -26.06
N GLN A 100 -2.15 15.26 -25.58
CA GLN A 100 -1.10 14.38 -26.11
C GLN A 100 -1.32 14.09 -27.58
N ARG A 101 -2.55 13.75 -27.95
CA ARG A 101 -2.93 13.39 -29.31
C ARG A 101 -1.98 12.32 -29.89
N GLU A 102 -1.81 11.26 -29.13
CA GLU A 102 -1.21 10.03 -29.62
C GLU A 102 -2.28 8.95 -29.69
N SER A 103 -2.02 7.94 -30.52
CA SER A 103 -2.96 6.84 -30.65
C SER A 103 -3.17 6.18 -29.29
N TYR A 104 -4.40 5.69 -29.06
CA TYR A 104 -4.70 5.05 -27.78
C TYR A 104 -3.88 3.78 -27.60
N ASP A 105 -3.56 3.08 -28.69
CA ASP A 105 -2.82 1.84 -28.58
C ASP A 105 -1.33 2.10 -28.36
N VAL A 106 -0.76 3.11 -29.03
CA VAL A 106 0.64 3.41 -28.80
C VAL A 106 0.85 3.96 -27.40
N LYS A 107 -0.12 4.70 -26.86
CA LYS A 107 -0.03 5.12 -25.47
C LYS A 107 -0.21 3.94 -24.52
N LEU A 108 -0.97 2.93 -24.94
CA LEU A 108 -1.16 1.73 -24.14
C LEU A 108 0.09 0.84 -24.15
N ARG A 109 0.77 0.78 -25.30
CA ARG A 109 1.95 -0.09 -25.41
C ARG A 109 3.07 0.35 -24.48
N GLN A 110 3.32 1.66 -24.42
CA GLN A 110 4.33 2.16 -23.48
C GLN A 110 3.97 1.81 -22.05
N TYR A 111 2.70 2.00 -21.68
CA TYR A 111 2.25 1.71 -20.32
C TYR A 111 2.57 0.27 -19.93
N GLU A 112 2.22 -0.69 -20.80
CA GLU A 112 2.46 -2.09 -20.49
C GLU A 112 3.96 -2.36 -20.32
N GLU A 113 4.78 -1.83 -21.22
CA GLU A 113 6.22 -1.99 -21.07
C GLU A 113 6.73 -1.23 -19.84
N LYS A 114 6.17 -0.07 -19.57
CA LYS A 114 6.55 0.68 -18.36
C LYS A 114 6.03 -0.01 -17.10
N LYS A 115 4.91 -0.72 -17.19
CA LYS A 115 4.38 -1.42 -16.03
C LYS A 115 5.31 -2.55 -15.60
N GLU A 116 5.84 -3.31 -16.55
CA GLU A 116 6.78 -4.37 -16.20
C GLU A 116 8.13 -3.80 -15.79
N ALA A 117 8.55 -2.71 -16.44
CA ALA A 117 9.83 -2.07 -16.08
C ALA A 117 9.80 -1.57 -14.65
N PHE A 118 8.70 -0.93 -14.24
CA PHE A 118 8.56 -0.53 -12.84
C PHE A 118 8.47 -1.76 -11.95
N ARG A 119 7.64 -2.73 -12.33
CA ARG A 119 7.62 -4.01 -11.63
C ARG A 119 9.01 -4.63 -11.57
N GLY A 120 9.75 -4.56 -12.68
CA GLY A 120 11.07 -5.17 -12.73
C GLY A 120 12.08 -4.51 -11.83
N CYS A 121 11.97 -3.19 -11.64
CA CYS A 121 12.92 -2.48 -10.79
C CYS A 121 12.80 -2.94 -9.34
N LEU A 122 11.57 -2.99 -8.82
CA LEU A 122 11.38 -3.44 -7.44
C LEU A 122 11.92 -4.85 -7.24
N LEU A 123 11.76 -5.71 -8.25
CA LEU A 123 12.25 -7.08 -8.15
C LEU A 123 13.77 -7.13 -8.26
N ASN A 124 14.34 -6.38 -9.18
CA ASN A 124 15.78 -6.50 -9.46
C ASN A 124 16.64 -5.82 -8.41
N LYS A 125 16.17 -4.73 -7.81
CA LYS A 125 17.00 -4.00 -6.87
C LYS A 125 17.18 -4.75 -5.55
N ASN A 126 16.19 -5.56 -5.17
CA ASN A 126 16.25 -6.32 -3.93
C ASN A 126 16.80 -7.73 -4.11
N ARG A 127 17.35 -8.05 -5.28
CA ARG A 127 17.86 -9.40 -5.51
C ARG A 127 19.01 -9.73 -4.58
N LYS A 128 19.93 -8.78 -4.39
CA LYS A 128 20.99 -8.97 -3.40
C LYS A 128 20.40 -9.07 -2.00
N ASN A 129 19.33 -8.32 -1.73
CA ASN A 129 18.65 -8.39 -0.43
C ASN A 129 17.91 -9.70 -0.26
N LEU A 130 17.51 -10.36 -1.34
CA LEU A 130 16.80 -11.63 -1.23
C LEU A 130 17.67 -12.70 -0.60
N ASP A 131 18.95 -12.75 -0.94
CA ASP A 131 19.84 -13.73 -0.32
C ASP A 131 20.01 -13.45 1.17
N GLN A 132 19.81 -12.21 1.59
CA GLN A 132 19.95 -11.88 3.01
C GLN A 132 18.82 -12.50 3.82
N ILE A 133 17.56 -12.25 3.44
CA ILE A 133 16.43 -12.81 4.18
C ILE A 133 16.51 -14.32 4.24
N LYS A 134 17.00 -14.96 3.17
CA LYS A 134 17.26 -16.40 3.23
C LYS A 134 18.41 -16.72 4.17
N LYS A 135 19.36 -15.80 4.33
CA LYS A 135 20.50 -16.04 5.19
C LYS A 135 20.15 -15.81 6.66
N ILE A 136 19.28 -14.82 6.93
CA ILE A 136 18.93 -14.52 8.32
C ILE A 136 18.18 -15.69 8.94
N ASN A 137 17.05 -16.08 8.35
CA ASN A 137 16.21 -17.10 8.98
C ASN A 137 16.92 -18.45 9.07
N ASN A 138 17.87 -18.71 8.17
CA ASN A 138 18.70 -19.90 8.32
C ASN A 138 19.61 -19.77 9.53
N GLU A 139 20.20 -18.58 9.73
CA GLU A 139 20.99 -18.33 10.93
C GLU A 139 20.17 -18.51 12.18
N ILE A 140 18.88 -18.16 12.13
CA ILE A 140 18.01 -18.38 13.30
C ILE A 140 17.81 -19.86 13.54
N ARG A 141 17.78 -20.67 12.48
CA ARG A 141 17.69 -22.11 12.64
C ARG A 141 18.91 -22.67 13.37
N ASP A 142 20.10 -22.16 13.03
CA ASP A 142 21.30 -22.55 13.74
C ASP A 142 21.29 -22.04 15.18
N LEU A 143 20.72 -20.86 15.41
CA LEU A 143 20.64 -20.30 16.75
C LEU A 143 19.72 -21.10 17.65
N LEU A 144 18.65 -21.69 17.08
CA LEU A 144 17.71 -22.47 17.89
C LEU A 144 18.35 -23.72 18.49
N GLU A 145 19.53 -24.13 18.01
CA GLU A 145 20.28 -25.20 18.66
C GLU A 145 20.80 -24.80 20.03
N LYS A 146 20.67 -23.53 20.41
CA LYS A 146 21.15 -23.06 21.69
C LYS A 146 20.23 -23.43 22.85
N LEU A 147 18.99 -23.80 22.57
CA LEU A 147 18.06 -24.18 23.64
C LEU A 147 18.63 -25.34 24.44
N LYS A 148 18.44 -25.30 25.76
CA LYS A 148 18.96 -26.33 26.65
C LYS A 148 17.95 -27.47 26.80
N CYS A 149 17.60 -28.08 25.67
CA CYS A 149 16.70 -29.21 25.69
C CYS A 149 17.21 -30.28 24.72
N SER A 150 16.82 -31.52 25.00
CA SER A 150 17.13 -32.66 24.12
C SER A 150 15.92 -33.60 24.21
N GLN A 151 15.01 -33.46 23.25
CA GLN A 151 13.75 -34.18 23.19
C GLN A 151 12.83 -33.88 24.37
N ASP A 152 13.14 -32.83 25.15
CA ASP A 152 12.31 -32.42 26.27
C ASP A 152 11.96 -30.93 26.21
N CYS A 153 12.04 -30.33 25.02
CA CYS A 153 11.69 -28.93 24.86
C CYS A 153 10.24 -28.67 25.23
N GLN A 154 10.03 -27.78 26.20
CA GLN A 154 8.68 -27.42 26.58
C GLN A 154 8.00 -26.63 25.47
N THR A 155 6.70 -26.85 25.29
CA THR A 155 5.90 -26.15 24.30
C THR A 155 5.05 -25.05 24.91
N ASN A 156 5.35 -24.65 26.15
CA ASN A 156 4.54 -23.62 26.80
C ASN A 156 4.60 -22.31 26.02
N VAL A 157 5.80 -21.72 25.87
CA VAL A 157 5.95 -20.44 25.21
C VAL A 157 5.31 -20.46 23.84
N TYR A 158 5.51 -21.55 23.09
CA TYR A 158 4.88 -21.68 21.78
C TYR A 158 3.37 -21.61 21.88
N PHE A 159 2.79 -22.19 22.94
CA PHE A 159 1.34 -22.24 23.06
C PHE A 159 0.74 -21.03 23.75
N ASP A 160 1.48 -20.38 24.66
CA ASP A 160 0.99 -19.10 25.21
C ASP A 160 0.89 -18.04 24.12
N MET A 161 1.69 -18.15 23.06
CA MET A 161 1.63 -17.15 21.99
C MET A 161 0.38 -17.32 21.14
N ILE A 162 -0.11 -18.55 20.99
CA ILE A 162 -1.26 -18.78 20.12
C ILE A 162 -2.52 -18.18 20.72
N LYS A 163 -2.73 -18.33 22.03
CA LYS A 163 -3.89 -17.72 22.67
C LYS A 163 -3.82 -16.20 22.60
N ILE A 164 -2.61 -15.63 22.64
CA ILE A 164 -2.45 -14.19 22.48
C ILE A 164 -2.66 -13.79 21.03
N TYR A 165 -2.18 -14.63 20.10
CA TYR A 165 -2.35 -14.33 18.68
C TYR A 165 -3.82 -14.31 18.29
N LEU A 166 -4.61 -15.27 18.80
CA LEU A 166 -6.02 -15.33 18.49
C LEU A 166 -6.71 -14.01 18.83
N VAL A 167 -6.37 -13.42 19.98
CA VAL A 167 -6.92 -12.12 20.34
C VAL A 167 -6.50 -11.07 19.32
N ASP A 168 -5.20 -11.06 18.95
CA ASP A 168 -4.75 -10.22 17.86
C ASP A 168 -5.43 -10.60 16.55
N PHE A 169 -5.72 -11.89 16.36
CA PHE A 169 -6.47 -12.31 15.17
C PHE A 169 -7.90 -11.79 15.22
N LYS A 170 -8.48 -11.65 16.40
CA LYS A 170 -9.87 -11.24 16.51
C LYS A 170 -10.08 -9.78 16.14
N LYS A 171 -9.05 -8.95 16.22
CA LYS A 171 -9.21 -7.52 15.97
C LYS A 171 -9.56 -7.25 14.51
N MET A 172 -8.98 -8.00 13.58
CA MET A 172 -9.25 -7.78 12.17
C MET A 172 -10.59 -8.39 11.79
N PRO A 173 -11.46 -7.66 11.09
CA PRO A 173 -12.74 -8.23 10.65
C PRO A 173 -12.67 -8.85 9.26
N TYR A 174 -12.47 -10.17 9.19
CA TYR A 174 -12.35 -10.84 7.90
C TYR A 174 -13.66 -10.80 7.13
N GLU A 175 -14.79 -10.91 7.84
CA GLU A 175 -16.08 -11.05 7.16
C GLU A 175 -16.48 -9.79 6.41
N ASN A 176 -16.14 -8.62 6.96
CA ASN A 176 -16.44 -7.37 6.26
C ASN A 176 -15.65 -7.26 4.96
N TYR A 177 -14.39 -7.68 4.99
CA TYR A 177 -13.59 -7.69 3.77
C TYR A 177 -14.16 -8.64 2.73
N ASP A 178 -14.64 -9.80 3.18
CA ASP A 178 -15.19 -10.79 2.25
C ASP A 178 -16.43 -10.25 1.54
N THR A 179 -17.25 -9.48 2.24
CA THR A 179 -18.39 -8.84 1.59
C THR A 179 -17.94 -7.74 0.63
N PHE A 180 -16.85 -7.04 0.96
CA PHE A 180 -16.41 -5.91 0.16
C PHE A 180 -16.01 -6.34 -1.25
N ILE A 181 -15.24 -7.43 -1.36
CA ILE A 181 -14.68 -7.81 -2.65
C ILE A 181 -15.77 -8.22 -3.64
N LYS A 182 -16.61 -9.17 -3.23
CA LYS A 182 -17.57 -9.76 -4.17
C LYS A 182 -18.54 -8.72 -4.69
N GLN A 183 -19.02 -7.82 -3.83
CA GLN A 183 -19.94 -6.78 -4.28
C GLN A 183 -19.24 -5.82 -5.24
N TYR A 184 -18.01 -5.41 -4.91
CA TYR A 184 -17.22 -4.60 -5.82
C TYR A 184 -16.91 -5.38 -7.10
N LYS A 185 -16.47 -6.62 -6.95
CA LYS A 185 -16.19 -7.46 -8.11
C LYS A 185 -17.44 -7.67 -8.96
N ASN A 186 -18.62 -7.72 -8.32
CA ASN A 186 -19.87 -7.76 -9.06
C ASN A 186 -20.04 -6.50 -9.90
N SER A 187 -19.80 -5.33 -9.28
CA SER A 187 -19.85 -4.09 -10.04
C SER A 187 -18.78 -4.04 -11.12
N TYR A 188 -17.64 -4.68 -10.88
CA TYR A 188 -16.62 -4.80 -11.92
C TYR A 188 -17.15 -5.60 -13.09
N LEU A 189 -17.74 -6.77 -12.81
CA LEU A 189 -18.38 -7.55 -13.86
C LEU A 189 -19.44 -6.74 -14.58
N SER A 190 -20.36 -6.13 -13.82
CA SER A 190 -21.45 -5.36 -14.41
C SER A 190 -20.95 -4.25 -15.33
N GLY A 191 -19.80 -3.65 -15.02
CA GLY A 191 -19.26 -2.63 -15.89
C GLY A 191 -18.72 -3.21 -17.19
N VAL A 192 -17.94 -4.29 -17.10
CA VAL A 192 -17.24 -4.81 -18.28
C VAL A 192 -18.23 -5.35 -19.30
N ASP A 193 -19.14 -6.26 -18.86
CA ASP A 193 -20.06 -6.88 -19.82
C ASP A 193 -20.95 -5.85 -20.48
N MET A 194 -21.23 -4.73 -19.80
CA MET A 194 -21.97 -3.64 -20.42
C MET A 194 -21.16 -3.00 -21.54
N ILE A 195 -19.84 -2.91 -21.37
CA ILE A 195 -19.00 -2.19 -22.31
C ILE A 195 -18.87 -2.95 -23.63
N ARG A 196 -18.84 -4.29 -23.57
CA ARG A 196 -18.62 -5.06 -24.80
C ARG A 196 -19.76 -4.89 -25.80
N LYS A 197 -20.98 -4.66 -25.32
CA LYS A 197 -22.12 -4.46 -26.20
C LYS A 197 -22.34 -3.00 -26.55
N ILE A 198 -21.90 -2.08 -25.69
CA ILE A 198 -22.09 -0.66 -25.94
C ILE A 198 -21.01 -0.09 -26.85
N GLU A 199 -19.86 -0.74 -26.96
CA GLU A 199 -18.77 -0.20 -27.77
C GLU A 199 -19.15 -0.15 -29.25
N LYS A 200 -19.98 -1.10 -29.70
CA LYS A 200 -20.51 -1.02 -31.07
C LYS A 200 -21.51 0.11 -31.20
N GLN A 201 -22.21 0.45 -30.13
CA GLN A 201 -23.28 1.45 -30.19
C GLN A 201 -22.70 2.85 -30.33
N ILE A 202 -21.66 3.17 -29.55
CA ILE A 202 -21.04 4.48 -29.59
C ILE A 202 -19.91 4.47 -30.61
N ASP A 203 -19.71 5.60 -31.29
CA ASP A 203 -18.64 5.73 -32.26
C ASP A 203 -17.39 6.36 -31.70
N ASN A 204 -17.52 7.29 -30.76
CA ASN A 204 -16.35 7.89 -30.12
C ASN A 204 -15.77 6.90 -29.10
N PRO A 205 -14.51 6.53 -29.21
CA PRO A 205 -13.96 5.55 -28.27
C PRO A 205 -13.15 6.17 -27.15
N VAL A 206 -12.76 7.45 -27.32
CA VAL A 206 -11.85 8.09 -26.37
C VAL A 206 -12.41 8.03 -24.95
N THR A 207 -13.69 8.37 -24.79
CA THR A 207 -14.29 8.39 -23.46
C THR A 207 -14.49 6.98 -22.92
N ILE A 208 -14.88 6.03 -23.77
CA ILE A 208 -15.07 4.66 -23.31
C ILE A 208 -13.73 3.94 -23.16
N ASN A 209 -12.73 4.31 -23.97
CA ASN A 209 -11.40 3.73 -23.81
C ASN A 209 -10.77 4.15 -22.49
N ALA A 210 -11.00 5.41 -22.08
CA ALA A 210 -10.51 5.87 -20.79
C ALA A 210 -11.10 5.03 -19.65
N ILE A 211 -12.36 4.61 -19.80
CA ILE A 211 -12.95 3.71 -18.82
C ILE A 211 -12.36 2.31 -18.98
N LYS A 212 -12.27 1.83 -20.22
CA LYS A 212 -11.77 0.48 -20.48
C LYS A 212 -10.36 0.30 -19.89
N PHE A 213 -9.54 1.34 -19.95
CA PHE A 213 -8.25 1.31 -19.27
C PHE A 213 -8.44 1.26 -17.76
N THR A 214 -9.21 2.20 -17.23
CA THR A 214 -9.47 2.22 -15.78
C THR A 214 -10.09 0.92 -15.31
N GLN A 215 -10.91 0.27 -16.14
CA GLN A 215 -11.48 -1.01 -15.76
C GLN A 215 -10.43 -2.11 -15.81
N LYS A 216 -9.61 -2.13 -16.86
CA LYS A 216 -8.55 -3.14 -16.95
C LYS A 216 -7.62 -3.06 -15.74
N GLU A 217 -7.19 -1.85 -15.38
CA GLU A 217 -6.33 -1.71 -14.20
C GLU A 217 -7.08 -2.13 -12.94
N MET A 218 -8.38 -1.82 -12.86
CA MET A 218 -9.17 -2.23 -11.70
C MET A 218 -9.16 -3.74 -11.53
N GLY A 219 -9.27 -4.49 -12.63
CA GLY A 219 -9.23 -5.94 -12.54
C GLY A 219 -7.92 -6.45 -11.98
N TYR A 220 -6.81 -5.76 -12.28
CA TYR A 220 -5.53 -6.12 -11.69
C TYR A 220 -5.54 -5.90 -10.18
N ILE A 221 -6.20 -4.83 -9.73
CA ILE A 221 -6.20 -4.49 -8.30
C ILE A 221 -7.00 -5.50 -7.50
N ILE A 222 -8.09 -6.02 -8.07
CA ILE A 222 -8.94 -6.96 -7.33
C ILE A 222 -8.19 -8.26 -7.05
N ASP A 223 -7.38 -8.71 -8.00
CA ASP A 223 -6.65 -9.96 -7.82
C ASP A 223 -5.68 -9.87 -6.64
N ARG A 224 -4.98 -8.75 -6.52
CA ARG A 224 -4.08 -8.56 -5.40
C ARG A 224 -4.84 -8.59 -4.08
N PHE A 225 -6.04 -8.01 -4.05
CA PHE A 225 -6.89 -8.08 -2.87
C PHE A 225 -7.35 -9.51 -2.63
N GLU A 226 -7.83 -10.17 -3.68
CA GLU A 226 -8.34 -11.53 -3.53
C GLU A 226 -7.24 -12.51 -3.14
N TYR A 227 -6.05 -12.37 -3.75
CA TYR A 227 -4.93 -13.24 -3.41
C TYR A 227 -4.57 -13.12 -1.93
N HIS A 228 -4.42 -11.89 -1.44
CA HIS A 228 -4.04 -11.68 -0.05
C HIS A 228 -5.11 -12.18 0.90
N LEU A 229 -6.38 -12.12 0.49
CA LEU A 229 -7.46 -12.52 1.38
C LEU A 229 -7.41 -14.01 1.68
N GLN A 230 -7.05 -14.84 0.69
CA GLN A 230 -6.92 -16.27 0.94
C GLN A 230 -5.75 -16.56 1.88
N LYS A 231 -4.63 -15.87 1.69
CA LYS A 231 -3.48 -16.08 2.57
C LYS A 231 -3.77 -15.64 3.99
N VAL A 232 -4.49 -14.53 4.16
CA VAL A 232 -4.97 -14.17 5.49
C VAL A 232 -5.97 -15.19 5.99
N LYS A 233 -6.83 -15.70 5.09
CA LYS A 233 -7.74 -16.77 5.46
C LYS A 233 -7.00 -18.05 5.78
N HIS A 234 -5.90 -18.32 5.06
CA HIS A 234 -5.08 -19.47 5.39
C HIS A 234 -4.33 -19.27 6.70
N SER A 235 -4.01 -18.01 7.04
CA SER A 235 -3.30 -17.74 8.28
C SER A 235 -4.22 -17.83 9.49
N ILE A 236 -5.47 -17.38 9.36
CA ILE A 236 -6.38 -17.48 10.49
C ILE A 236 -6.77 -18.94 10.72
N ASP A 237 -6.95 -19.71 9.64
CA ASP A 237 -7.43 -21.08 9.78
C ASP A 237 -6.39 -21.98 10.43
N GLN A 238 -5.15 -21.91 9.96
CA GLN A 238 -4.12 -22.84 10.43
C GLN A 238 -3.73 -22.55 11.87
N VAL A 239 -3.54 -21.28 12.23
CA VAL A 239 -3.19 -20.93 13.60
C VAL A 239 -4.34 -21.29 14.54
N THR A 240 -5.58 -21.07 14.10
CA THR A 240 -6.73 -21.47 14.91
C THR A 240 -6.87 -22.99 14.99
N ALA A 241 -6.53 -23.71 13.93
CA ALA A 241 -6.59 -25.16 13.96
C ALA A 241 -5.59 -25.77 14.93
N LEU A 242 -4.40 -25.16 15.05
CA LEU A 242 -3.41 -25.66 16.00
C LEU A 242 -3.88 -25.49 17.43
N SER A 243 -4.62 -24.42 17.72
CA SER A 243 -5.24 -24.29 19.03
C SER A 243 -6.28 -25.37 19.29
N ASP A 244 -6.99 -25.79 18.25
CA ASP A 244 -7.95 -26.88 18.39
C ASP A 244 -7.24 -28.21 18.60
N GLY A 245 -6.10 -28.40 17.93
CA GLY A 245 -5.38 -29.65 18.05
C GLY A 245 -4.84 -29.89 19.45
N VAL A 246 -4.47 -31.14 19.70
CA VAL A 246 -3.98 -31.53 21.02
C VAL A 246 -2.62 -30.86 21.27
N LYS A 247 -2.39 -30.50 22.53
CA LYS A 247 -1.19 -29.76 22.92
C LYS A 247 -0.29 -30.63 23.79
N PRO A 248 0.90 -31.00 23.33
CA PRO A 248 1.85 -31.69 24.21
C PRO A 248 2.81 -30.71 24.88
N LYS A 249 3.11 -30.94 26.17
CA LYS A 249 4.00 -30.01 26.88
C LYS A 249 5.41 -30.06 26.32
N GLN A 250 5.92 -31.24 25.99
CA GLN A 250 7.30 -31.41 25.58
C GLN A 250 7.38 -32.03 24.20
N VAL A 251 8.22 -31.47 23.33
CA VAL A 251 8.49 -32.00 22.00
C VAL A 251 10.00 -32.00 21.77
N THR A 252 10.40 -32.51 20.60
CA THR A 252 11.81 -32.59 20.26
C THR A 252 12.38 -31.19 20.02
N LYS A 253 13.69 -31.06 20.22
CA LYS A 253 14.37 -29.79 19.98
C LYS A 253 14.25 -29.39 18.51
N ASN A 254 14.60 -30.30 17.60
CA ASN A 254 14.51 -30.00 16.18
C ASN A 254 13.06 -29.74 15.76
N ARG A 255 12.10 -30.40 16.41
CA ARG A 255 10.70 -30.19 16.06
C ARG A 255 10.19 -28.85 16.55
N LEU A 256 10.65 -28.41 17.73
CA LEU A 256 10.23 -27.11 18.24
C LEU A 256 10.67 -25.98 17.32
N LYS A 257 11.82 -26.14 16.66
CA LYS A 257 12.21 -25.19 15.63
C LYS A 257 11.15 -25.10 14.54
N GLU A 258 10.67 -26.25 14.08
CA GLU A 258 9.58 -26.26 13.09
C GLU A 258 8.29 -25.71 13.68
N TYR A 259 8.05 -25.95 14.97
CA TYR A 259 6.88 -25.36 15.63
C TYR A 259 6.95 -23.85 15.61
N TYR A 260 8.09 -23.29 16.04
CA TYR A 260 8.23 -21.84 16.13
C TYR A 260 8.13 -21.19 14.75
N PHE A 261 8.72 -21.82 13.73
CA PHE A 261 8.78 -21.19 12.41
C PHE A 261 7.39 -21.05 11.80
N ASN A 262 6.56 -22.09 11.91
CA ASN A 262 5.30 -22.09 11.18
C ASN A 262 4.34 -21.02 11.69
N ILE A 263 4.22 -20.87 13.01
CA ILE A 263 3.30 -19.87 13.55
C ILE A 263 3.77 -18.46 13.17
N GLY A 264 5.07 -18.19 13.32
CA GLY A 264 5.59 -16.91 12.88
C GLY A 264 5.49 -16.73 11.38
N ASN A 265 5.70 -17.81 10.62
CA ASN A 265 5.49 -17.76 9.17
C ASN A 265 4.05 -17.46 8.85
N TYR A 266 3.13 -18.21 9.47
CA TYR A 266 1.70 -18.00 9.21
C TYR A 266 1.24 -16.64 9.71
N TYR A 267 1.76 -16.19 10.86
CA TYR A 267 1.35 -14.91 11.42
C TYR A 267 1.88 -13.75 10.58
N SER A 268 3.10 -13.85 10.07
CA SER A 268 3.69 -12.76 9.31
C SER A 268 2.88 -12.48 8.04
N ILE A 269 2.33 -13.52 7.42
CA ILE A 269 1.49 -13.32 6.24
C ILE A 269 0.20 -12.60 6.64
N PHE A 270 -0.38 -12.96 7.79
CA PHE A 270 -1.57 -12.26 8.27
C PHE A 270 -1.28 -10.78 8.50
N LYS A 271 -0.19 -10.48 9.21
CA LYS A 271 0.22 -9.09 9.40
C LYS A 271 0.47 -8.40 8.05
N PHE A 272 1.17 -9.10 7.15
CA PHE A 272 1.47 -8.52 5.84
C PHE A 272 0.20 -8.34 5.02
N GLY A 273 -0.69 -9.33 5.04
CA GLY A 273 -1.92 -9.21 4.29
C GLY A 273 -2.81 -8.08 4.79
N LYS A 274 -2.85 -7.89 6.11
CA LYS A 274 -3.70 -6.84 6.68
C LYS A 274 -3.29 -5.46 6.18
N ASP A 275 -1.98 -5.21 6.06
CA ASP A 275 -1.51 -3.93 5.56
C ASP A 275 -1.92 -3.73 4.10
N SER A 276 -1.69 -4.75 3.26
CA SER A 276 -2.03 -4.63 1.84
C SER A 276 -3.53 -4.59 1.64
N LEU A 277 -4.28 -5.43 2.35
CA LEU A 277 -5.74 -5.41 2.24
C LEU A 277 -6.30 -4.05 2.61
N ASN A 278 -5.74 -3.42 3.65
CA ASN A 278 -6.20 -2.10 4.07
C ASN A 278 -5.96 -1.07 2.98
N MET A 279 -4.78 -1.10 2.36
CA MET A 279 -4.48 -0.14 1.30
C MET A 279 -5.24 -0.46 0.02
N LEU A 280 -5.52 -1.73 -0.25
CA LEU A 280 -6.00 -2.10 -1.58
C LEU A 280 -7.45 -1.66 -1.76
N ASN A 281 -8.26 -1.78 -0.69
CA ASN A 281 -9.65 -1.37 -0.76
C ASN A 281 -9.75 0.14 -0.93
N LYS A 282 -8.88 0.87 -0.24
CA LYS A 282 -8.85 2.33 -0.38
C LYS A 282 -8.51 2.73 -1.81
N ALA A 283 -7.57 2.03 -2.45
CA ALA A 283 -7.33 2.25 -3.87
C ALA A 283 -8.46 1.68 -4.73
N LEU A 284 -9.15 0.65 -4.25
CA LEU A 284 -10.25 0.07 -5.03
C LEU A 284 -11.47 0.99 -5.04
N ILE A 285 -11.84 1.54 -3.89
CA ILE A 285 -12.96 2.48 -3.85
C ILE A 285 -12.60 3.77 -4.58
N HIS A 286 -11.31 4.12 -4.63
CA HIS A 286 -10.91 5.34 -5.33
C HIS A 286 -11.05 5.18 -6.84
N LYS A 287 -10.56 4.06 -7.37
CA LYS A 287 -10.78 3.77 -8.79
C LYS A 287 -12.27 3.66 -9.12
N GLU A 288 -13.07 3.15 -8.18
CA GLU A 288 -14.52 3.15 -8.36
C GLU A 288 -15.09 4.57 -8.37
N LYS A 289 -14.48 5.49 -7.61
CA LYS A 289 -14.91 6.88 -7.66
C LYS A 289 -14.57 7.53 -8.99
N ILE A 290 -13.47 7.09 -9.62
CA ILE A 290 -13.07 7.66 -10.90
C ILE A 290 -13.92 7.11 -12.04
N VAL A 291 -14.24 5.81 -11.99
CA VAL A 291 -15.04 5.20 -13.04
C VAL A 291 -16.44 5.80 -13.10
N HIS A 292 -16.90 6.43 -12.02
CA HIS A 292 -18.27 6.94 -11.95
C HIS A 292 -18.39 8.41 -12.32
N ASN A 293 -17.40 9.22 -11.98
CA ASN A 293 -17.40 10.61 -12.47
C ASN A 293 -17.33 10.65 -13.99
N LEU A 294 -16.76 9.61 -14.62
CA LEU A 294 -16.77 9.53 -16.07
C LEU A 294 -18.11 9.04 -16.59
N LEU A 295 -18.71 8.04 -15.92
CA LEU A 295 -19.99 7.51 -16.39
C LEU A 295 -21.03 8.60 -16.53
N GLY A 296 -21.00 9.59 -15.63
CA GLY A 296 -21.85 10.76 -15.80
C GLY A 296 -21.46 11.60 -17.00
N GLU A 297 -20.16 11.68 -17.31
CA GLU A 297 -19.71 12.44 -18.47
C GLU A 297 -20.07 11.73 -19.77
N LEU A 298 -20.11 10.40 -19.77
CA LEU A 298 -20.43 9.65 -20.98
C LEU A 298 -21.88 9.87 -21.39
N PHE A 299 -22.81 9.82 -20.44
CA PHE A 299 -24.23 9.84 -20.77
C PHE A 299 -24.69 11.22 -21.23
N GLY A 300 -24.12 12.28 -20.66
CA GLY A 300 -24.59 13.62 -20.98
C GLY A 300 -24.25 14.04 -22.40
N HIS A 301 -23.08 13.65 -22.90
CA HIS A 301 -22.66 14.08 -24.22
C HIS A 301 -23.48 13.41 -25.32
N LEU A 302 -23.85 12.14 -25.13
CA LEU A 302 -24.65 11.43 -26.12
C LEU A 302 -26.02 12.05 -26.28
N GLU A 303 -26.53 12.71 -25.23
CA GLU A 303 -27.84 13.34 -25.30
C GLU A 303 -27.88 14.40 -26.38
N GLU A 304 -26.92 15.32 -26.37
CA GLU A 304 -26.84 16.37 -27.37
C GLU A 304 -26.14 15.88 -28.64
N CYS B 19 38.64 -17.00 -1.46
CA CYS B 19 38.47 -18.39 -1.89
C CYS B 19 38.53 -19.34 -0.71
N GLU B 20 39.49 -19.11 0.18
CA GLU B 20 39.70 -19.95 1.35
C GLU B 20 39.70 -19.09 2.60
N VAL B 21 38.96 -19.51 3.62
CA VAL B 21 38.88 -18.76 4.86
C VAL B 21 40.14 -19.02 5.70
N LYS B 22 40.78 -17.94 6.13
CA LYS B 22 42.04 -18.02 6.84
C LYS B 22 42.22 -16.77 7.69
N LEU B 23 43.03 -16.89 8.72
CA LEU B 23 43.22 -15.81 9.68
C LEU B 23 44.70 -15.70 10.03
N VAL B 24 45.27 -14.53 9.82
CA VAL B 24 46.69 -14.27 10.08
C VAL B 24 46.80 -13.38 11.31
N GLU B 25 48.00 -13.36 11.90
CA GLU B 25 48.21 -12.72 13.19
C GLU B 25 49.57 -12.05 13.24
N SER B 26 49.69 -11.08 14.15
CA SER B 26 50.92 -10.34 14.34
C SER B 26 51.60 -10.76 15.64
N GLU B 27 52.93 -10.61 15.66
CA GLU B 27 53.71 -10.84 16.87
C GLU B 27 53.19 -9.94 18.00
N GLY B 28 53.36 -10.38 19.24
CA GLY B 28 54.10 -11.60 19.56
C GLY B 28 55.52 -11.28 19.96
N GLY B 29 56.24 -12.26 20.50
CA GLY B 29 57.60 -12.03 20.93
C GLY B 29 57.67 -11.42 22.32
N LEU B 30 58.90 -11.11 22.72
CA LEU B 30 59.13 -10.59 24.07
C LEU B 30 58.66 -9.14 24.18
N VAL B 31 57.91 -8.85 25.24
CA VAL B 31 57.51 -7.49 25.58
C VAL B 31 57.77 -7.28 27.06
N GLN B 32 57.79 -6.02 27.46
CA GLN B 32 58.01 -5.62 28.84
C GLN B 32 56.70 -5.63 29.60
N PRO B 33 56.74 -5.75 30.93
CA PRO B 33 55.48 -5.72 31.71
C PRO B 33 54.57 -4.54 31.40
N GLY B 34 55.13 -3.37 31.08
CA GLY B 34 54.31 -2.20 30.85
C GLY B 34 53.60 -2.15 29.52
N SER B 35 52.86 -3.21 29.19
CA SER B 35 51.98 -3.26 28.01
C SER B 35 52.85 -3.13 26.75
N SER B 36 52.60 -2.16 25.88
CA SER B 36 53.32 -1.91 24.64
C SER B 36 53.07 -2.99 23.59
N MET B 37 51.94 -3.69 23.64
CA MET B 37 51.71 -4.75 22.67
C MET B 37 50.30 -4.68 22.12
N ASN B 38 50.18 -4.80 20.80
CA ASN B 38 48.91 -4.82 20.10
C ASN B 38 48.91 -5.96 19.09
N LEU B 39 47.73 -6.53 18.84
CA LEU B 39 47.58 -7.64 17.92
C LEU B 39 46.53 -7.32 16.87
N SER B 40 46.78 -7.81 15.65
CA SER B 40 45.86 -7.65 14.54
C SER B 40 45.60 -9.01 13.90
N CYS B 41 44.46 -9.11 13.22
CA CYS B 41 44.06 -10.37 12.59
C CYS B 41 43.34 -10.07 11.29
N THR B 42 43.67 -10.85 10.25
CA THR B 42 43.16 -10.63 8.91
C THR B 42 42.24 -11.78 8.52
N ALA B 43 41.04 -11.46 8.06
CA ALA B 43 40.06 -12.43 7.62
C ALA B 43 39.88 -12.34 6.11
N SER B 44 39.79 -13.49 5.45
CA SER B 44 39.61 -13.54 4.00
C SER B 44 38.78 -14.76 3.65
N GLY B 45 38.25 -14.77 2.43
CA GLY B 45 37.48 -15.88 1.92
C GLY B 45 36.03 -15.93 2.35
N PHE B 46 35.60 -15.02 3.23
CA PHE B 46 34.22 -15.01 3.68
C PHE B 46 33.81 -13.58 4.02
N THR B 47 32.52 -13.40 4.24
CA THR B 47 31.98 -12.08 4.57
C THR B 47 32.22 -11.81 6.05
N PHE B 48 33.05 -10.80 6.34
CA PHE B 48 33.42 -10.49 7.71
C PHE B 48 32.20 -10.13 8.55
N SER B 49 31.24 -9.40 7.98
CA SER B 49 30.17 -8.81 8.78
C SER B 49 29.20 -9.86 9.33
N ASP B 50 29.04 -10.99 8.65
CA ASP B 50 28.02 -11.95 9.06
C ASP B 50 28.42 -12.72 10.32
N TYR B 51 29.72 -12.92 10.55
CA TYR B 51 30.19 -13.75 11.65
C TYR B 51 30.82 -12.89 12.74
N TYR B 52 30.64 -13.33 13.99
CA TYR B 52 31.36 -12.74 15.10
C TYR B 52 32.86 -12.95 14.95
N MET B 53 33.61 -12.29 15.82
CA MET B 53 35.07 -12.42 15.84
C MET B 53 35.52 -12.55 17.28
N ALA B 54 36.19 -13.65 17.60
CA ALA B 54 36.76 -13.84 18.93
C ALA B 54 38.23 -14.22 18.83
N TRP B 55 38.92 -13.99 19.93
CA TRP B 55 40.29 -14.40 20.13
C TRP B 55 40.32 -15.40 21.27
N VAL B 56 41.34 -16.25 21.29
CA VAL B 56 41.48 -17.26 22.33
C VAL B 56 42.93 -17.27 22.81
N ARG B 57 43.10 -17.33 24.13
CA ARG B 57 44.42 -17.31 24.77
C ARG B 57 44.92 -18.73 25.00
N GLN B 58 46.25 -18.89 24.94
CA GLN B 58 46.88 -20.20 25.10
C GLN B 58 48.08 -20.07 26.02
N VAL B 59 48.34 -21.13 26.77
CA VAL B 59 49.47 -21.27 27.69
C VAL B 59 49.94 -22.70 27.55
N PRO B 60 51.21 -23.02 27.93
CA PRO B 60 51.62 -24.44 27.97
C PRO B 60 50.54 -25.44 28.35
N ASP B 61 49.80 -25.20 29.43
CA ASP B 61 48.67 -26.06 29.83
C ASP B 61 47.37 -25.29 29.59
N LYS B 62 46.66 -25.67 28.54
CA LYS B 62 45.55 -24.89 28.00
C LYS B 62 44.70 -25.80 27.11
N GLY B 63 43.60 -25.29 26.54
CA GLY B 63 43.28 -23.89 26.30
C GLY B 63 42.20 -23.16 27.09
N LEU B 64 41.88 -23.68 28.28
CA LEU B 64 40.78 -23.24 29.14
C LEU B 64 40.33 -21.79 28.94
N GLU B 65 41.22 -20.83 29.16
CA GLU B 65 40.83 -19.42 29.14
C GLU B 65 40.58 -18.92 27.71
N TRP B 66 39.57 -18.07 27.57
CA TRP B 66 39.19 -17.48 26.29
C TRP B 66 39.11 -15.97 26.46
N VAL B 67 39.63 -15.23 25.48
CA VAL B 67 39.57 -13.78 25.55
C VAL B 67 38.42 -13.26 24.69
N ALA B 68 38.34 -11.94 24.55
CA ALA B 68 37.11 -11.27 24.17
C ALA B 68 36.61 -11.65 22.78
N SER B 69 35.35 -11.30 22.51
CA SER B 69 34.74 -11.38 21.20
C SER B 69 33.96 -10.09 20.95
N VAL B 70 33.79 -9.75 19.67
CA VAL B 70 33.21 -8.48 19.27
C VAL B 70 32.06 -8.73 18.30
N SER B 71 30.98 -7.97 18.44
CA SER B 71 29.80 -8.11 17.59
C SER B 71 30.08 -7.58 16.19
N TYR B 72 29.13 -7.85 15.28
CA TYR B 72 29.31 -7.44 13.88
C TYR B 72 29.49 -5.93 13.77
N ASP B 73 28.55 -5.16 14.32
CA ASP B 73 28.68 -3.71 14.31
C ASP B 73 29.92 -3.25 15.03
N GLY B 74 30.35 -4.00 16.05
CA GLY B 74 31.43 -3.59 16.92
C GLY B 74 30.99 -2.82 18.15
N SER B 75 29.68 -2.71 18.39
CA SER B 75 29.19 -1.91 19.49
C SER B 75 29.34 -2.61 20.83
N ILE B 76 28.87 -3.85 20.93
CA ILE B 76 28.86 -4.60 22.18
C ILE B 76 29.95 -5.66 22.15
N THR B 77 30.72 -5.74 23.24
CA THR B 77 31.80 -6.72 23.39
C THR B 77 31.82 -7.18 24.84
N TYR B 78 32.20 -8.44 25.04
CA TYR B 78 32.33 -9.02 26.37
C TYR B 78 33.80 -9.31 26.68
N TYR B 79 34.24 -8.88 27.85
CA TYR B 79 35.60 -9.11 28.31
C TYR B 79 35.59 -10.09 29.47
N LEU B 80 36.67 -10.89 29.56
CA LEU B 80 36.87 -11.73 30.74
C LEU B 80 36.96 -10.85 31.98
N ASP B 81 36.24 -11.24 33.03
CA ASP B 81 36.19 -10.43 34.25
C ASP B 81 37.59 -10.12 34.75
N SER B 82 38.49 -11.09 34.70
CA SER B 82 39.86 -10.85 35.11
C SER B 82 40.56 -9.87 34.17
N LEU B 83 40.23 -9.92 32.89
CA LEU B 83 40.94 -9.17 31.86
C LEU B 83 40.19 -7.92 31.39
N LYS B 84 39.01 -7.64 31.94
CA LYS B 84 38.23 -6.50 31.47
C LYS B 84 38.97 -5.19 31.67
N SER B 85 39.71 -5.07 32.78
CA SER B 85 40.35 -3.79 33.10
C SER B 85 41.54 -3.50 32.21
N ARG B 86 42.24 -4.53 31.75
CA ARG B 86 43.51 -4.35 31.05
C ARG B 86 43.45 -4.65 29.57
N PHE B 87 42.28 -5.02 29.03
CA PHE B 87 42.17 -5.41 27.64
C PHE B 87 41.01 -4.67 26.98
N ILE B 88 41.24 -4.26 25.72
CA ILE B 88 40.22 -3.61 24.89
C ILE B 88 40.22 -4.32 23.55
N ILE B 89 39.03 -4.64 23.04
CA ILE B 89 38.88 -5.27 21.73
C ILE B 89 38.25 -4.25 20.78
N SER B 90 38.64 -4.35 19.51
CA SER B 90 38.05 -3.58 18.44
C SER B 90 38.15 -4.38 17.15
N ARG B 91 37.25 -4.12 16.22
CA ARG B 91 37.28 -4.80 14.93
C ARG B 91 37.11 -3.77 13.82
N ASP B 92 37.84 -3.97 12.73
CA ASP B 92 37.77 -3.11 11.56
C ASP B 92 37.06 -3.89 10.47
N ASN B 93 35.75 -3.66 10.34
CA ASN B 93 34.98 -4.34 9.31
C ASN B 93 35.42 -3.93 7.91
N VAL B 94 35.91 -2.70 7.76
CA VAL B 94 36.24 -2.18 6.43
C VAL B 94 37.49 -2.87 5.89
N LYS B 95 38.55 -2.93 6.69
CA LYS B 95 39.80 -3.56 6.27
C LYS B 95 39.88 -5.03 6.65
N ASN B 96 38.80 -5.59 7.19
CA ASN B 96 38.75 -7.01 7.59
C ASN B 96 39.85 -7.32 8.62
N ILE B 97 39.90 -6.51 9.67
CA ILE B 97 40.94 -6.62 10.69
C ILE B 97 40.29 -6.79 12.05
N LEU B 98 40.77 -7.76 12.82
CA LEU B 98 40.37 -7.95 14.20
C LEU B 98 41.51 -7.49 15.12
N ASN B 99 41.19 -6.61 16.07
CA ASN B 99 42.20 -5.90 16.84
C ASN B 99 42.05 -6.21 18.32
N LEU B 100 43.19 -6.47 18.97
CA LEU B 100 43.29 -6.66 20.42
C LEU B 100 44.22 -5.61 21.02
N GLN B 101 43.79 -5.02 22.13
CA GLN B 101 44.55 -4.00 22.83
C GLN B 101 44.82 -4.47 24.25
N MET B 102 46.08 -4.41 24.68
CA MET B 102 46.47 -4.84 26.01
C MET B 102 47.18 -3.70 26.74
N SER B 103 46.92 -3.59 28.03
CA SER B 103 47.56 -2.60 28.88
C SER B 103 48.02 -3.25 30.17
N SER B 104 49.17 -2.81 30.68
CA SER B 104 49.78 -3.34 31.90
C SER B 104 49.89 -4.86 31.85
N LEU B 105 50.70 -5.33 30.89
CA LEU B 105 50.85 -6.76 30.68
C LEU B 105 51.51 -7.44 31.87
N LYS B 106 51.20 -8.73 32.03
CA LYS B 106 51.69 -9.49 33.18
C LYS B 106 52.20 -10.84 32.71
N SER B 107 52.97 -11.51 33.58
CA SER B 107 53.45 -12.85 33.26
C SER B 107 52.33 -13.87 33.16
N GLU B 108 51.12 -13.51 33.58
CA GLU B 108 49.95 -14.34 33.29
C GLU B 108 49.43 -14.08 31.89
N ASP B 109 49.68 -12.89 31.34
CA ASP B 109 49.27 -12.57 29.98
C ASP B 109 50.16 -13.21 28.92
N THR B 110 51.32 -13.75 29.30
CA THR B 110 52.14 -14.51 28.37
C THR B 110 51.30 -15.63 27.76
N ALA B 111 51.30 -15.71 26.43
CA ALA B 111 50.30 -16.57 25.82
C ALA B 111 50.62 -16.81 24.35
N THR B 112 49.92 -17.80 23.80
CA THR B 112 49.68 -17.91 22.37
C THR B 112 48.23 -17.53 22.12
N TYR B 113 47.98 -16.83 21.02
CA TYR B 113 46.63 -16.34 20.73
C TYR B 113 46.24 -16.82 19.34
N TYR B 114 45.10 -17.49 19.24
CA TYR B 114 44.59 -18.01 17.99
C TYR B 114 43.35 -17.22 17.58
N CYS B 115 43.40 -16.61 16.40
CA CYS B 115 42.27 -15.84 15.91
C CYS B 115 41.17 -16.79 15.45
N THR B 116 39.92 -16.51 15.85
CA THR B 116 38.84 -17.44 15.64
C THR B 116 37.62 -16.76 15.03
N ARG B 117 36.91 -17.51 14.19
CA ARG B 117 35.56 -17.17 13.75
C ARG B 117 34.57 -17.77 14.73
N VAL B 118 33.55 -16.99 15.10
CA VAL B 118 32.55 -17.41 16.07
C VAL B 118 31.21 -17.53 15.37
N THR B 119 30.64 -18.73 15.39
CA THR B 119 29.32 -18.96 14.86
C THR B 119 28.26 -18.39 15.81
N VAL B 120 27.01 -18.39 15.34
CA VAL B 120 25.90 -17.91 16.16
C VAL B 120 25.76 -18.79 17.41
N VAL B 121 26.14 -20.06 17.31
CA VAL B 121 26.04 -20.99 18.43
C VAL B 121 27.19 -20.79 19.42
N ASP B 122 27.99 -19.74 19.22
CA ASP B 122 29.17 -19.37 20.01
C ASP B 122 30.34 -20.34 19.85
N SER B 123 30.17 -21.45 19.12
CA SER B 123 31.29 -22.34 18.82
C SER B 123 32.25 -21.66 17.85
N PHE B 124 33.53 -22.03 17.94
CA PHE B 124 34.58 -21.44 17.11
C PHE B 124 34.80 -22.38 15.94
N ASP B 125 34.26 -22.01 14.78
CA ASP B 125 34.31 -22.92 13.63
C ASP B 125 35.68 -22.92 12.96
N TYR B 126 36.36 -21.78 12.90
CA TYR B 126 37.66 -21.69 12.25
C TYR B 126 38.65 -20.96 13.15
N TRP B 127 39.93 -21.33 13.01
CA TRP B 127 40.99 -20.85 13.88
C TRP B 127 42.13 -20.28 13.05
N GLY B 128 42.74 -19.21 13.56
CA GLY B 128 43.91 -18.64 12.93
C GLY B 128 45.17 -19.41 13.25
N GLN B 129 46.27 -18.99 12.63
CA GLN B 129 47.54 -19.70 12.79
C GLN B 129 48.08 -19.57 14.20
N GLY B 130 47.82 -18.44 14.87
CA GLY B 130 48.28 -18.25 16.23
C GLY B 130 49.49 -17.35 16.36
N THR B 131 49.53 -16.55 17.42
CA THR B 131 50.65 -15.67 17.70
C THR B 131 51.09 -15.86 19.15
N THR B 132 52.40 -15.98 19.35
CA THR B 132 52.96 -16.33 20.64
C THR B 132 53.47 -15.07 21.33
N LEU B 133 52.95 -14.79 22.53
CA LEU B 133 53.32 -13.61 23.30
C LEU B 133 53.98 -14.03 24.61
N THR B 134 55.08 -13.37 24.96
CA THR B 134 55.78 -13.61 26.21
C THR B 134 55.97 -12.29 26.93
N VAL B 135 55.63 -12.27 28.22
CA VAL B 135 55.70 -11.07 29.06
C VAL B 135 56.52 -11.40 30.30
N SER B 136 57.68 -10.78 30.43
CA SER B 136 58.53 -10.95 31.60
C SER B 136 59.60 -9.86 31.57
N SER B 137 60.61 -10.01 32.43
CA SER B 137 61.72 -9.07 32.51
C SER B 137 63.03 -9.83 32.45
N ALA B 138 63.23 -10.58 31.36
CA ALA B 138 64.42 -11.38 31.16
C ALA B 138 65.17 -10.87 29.93
N LYS B 139 66.45 -10.58 30.12
CA LYS B 139 67.27 -10.12 29.01
C LYS B 139 67.41 -11.21 27.96
N THR B 140 67.39 -10.81 26.69
CA THR B 140 67.62 -11.74 25.60
C THR B 140 69.08 -12.19 25.63
N THR B 141 69.29 -13.51 25.74
CA THR B 141 70.61 -14.07 25.96
C THR B 141 70.90 -15.14 24.90
N ALA B 142 72.05 -15.02 24.26
CA ALA B 142 72.46 -16.00 23.26
C ALA B 142 72.79 -17.33 23.92
N PRO B 143 72.64 -18.45 23.20
CA PRO B 143 72.93 -19.76 23.79
C PRO B 143 74.40 -20.16 23.74
N SER B 144 74.95 -20.55 24.89
CA SER B 144 76.24 -21.20 24.90
C SER B 144 76.06 -22.66 24.46
N VAL B 145 76.83 -23.08 23.45
CA VAL B 145 76.69 -24.40 22.85
C VAL B 145 77.90 -25.23 23.21
N TYR B 146 77.66 -26.44 23.71
CA TYR B 146 78.72 -27.34 24.16
C TYR B 146 78.54 -28.69 23.49
N PRO B 147 79.55 -29.21 22.78
CA PRO B 147 79.47 -30.57 22.24
C PRO B 147 79.69 -31.61 23.32
N LEU B 148 79.07 -32.78 23.12
CA LEU B 148 79.10 -33.87 24.08
C LEU B 148 79.60 -35.14 23.40
N ALA B 149 80.61 -35.76 24.00
CA ALA B 149 81.21 -36.98 23.50
C ALA B 149 81.10 -38.09 24.54
N PRO B 150 81.11 -39.37 24.10
CA PRO B 150 81.13 -40.50 25.02
C PRO B 150 82.55 -40.93 25.39
N VAL B 160 76.51 -46.19 21.33
CA VAL B 160 77.10 -45.06 20.63
C VAL B 160 76.09 -43.93 20.53
N THR B 161 76.09 -43.07 21.54
CA THR B 161 75.18 -41.93 21.64
C THR B 161 75.99 -40.64 21.58
N LEU B 162 75.53 -39.69 20.76
CA LEU B 162 76.17 -38.39 20.63
C LEU B 162 75.17 -37.32 21.03
N GLY B 163 75.59 -36.42 21.92
CA GLY B 163 74.71 -35.42 22.47
C GLY B 163 75.20 -34.01 22.22
N CYS B 164 74.34 -33.04 22.53
CA CYS B 164 74.66 -31.63 22.40
C CYS B 164 73.84 -30.86 23.44
N LEU B 165 74.49 -29.96 24.16
CA LEU B 165 73.90 -29.27 25.29
C LEU B 165 73.82 -27.78 25.01
N VAL B 166 72.62 -27.21 25.17
CA VAL B 166 72.39 -25.77 25.04
C VAL B 166 71.94 -25.24 26.39
N LYS B 167 72.63 -24.24 26.90
CA LYS B 167 72.36 -23.73 28.24
C LYS B 167 72.34 -22.22 28.23
N GLY B 168 71.44 -21.64 29.02
CA GLY B 168 71.34 -20.19 29.16
C GLY B 168 71.05 -19.49 27.85
N TYR B 169 69.80 -19.54 27.40
CA TYR B 169 69.41 -18.94 26.13
C TYR B 169 68.02 -18.33 26.23
N PHE B 170 67.96 -17.00 26.07
CA PHE B 170 66.71 -16.26 26.05
C PHE B 170 66.64 -15.39 24.81
N PRO B 171 65.47 -15.32 24.16
CA PRO B 171 64.25 -16.07 24.47
C PRO B 171 64.30 -17.55 24.12
N GLU B 172 63.30 -18.28 24.59
CA GLU B 172 63.23 -19.74 24.53
C GLU B 172 63.01 -20.35 23.15
N PRO B 173 62.24 -19.74 22.21
CA PRO B 173 61.96 -20.46 20.94
C PRO B 173 63.20 -20.70 20.11
N VAL B 174 63.69 -21.95 20.14
CA VAL B 174 64.90 -22.36 19.43
C VAL B 174 64.69 -23.74 18.84
N THR B 175 65.24 -23.95 17.66
CA THR B 175 65.26 -25.27 17.02
C THR B 175 66.70 -25.77 16.92
N LEU B 176 66.85 -27.09 17.02
CA LEU B 176 68.13 -27.76 16.85
C LEU B 176 68.12 -28.54 15.56
N THR B 177 69.10 -28.27 14.70
CA THR B 177 69.27 -29.00 13.45
C THR B 177 70.43 -29.97 13.60
N TRP B 178 70.29 -31.15 13.01
CA TRP B 178 71.34 -32.15 13.03
C TRP B 178 71.79 -32.40 11.60
N ASN B 179 73.09 -32.20 11.35
CA ASN B 179 73.69 -32.47 10.04
C ASN B 179 73.09 -31.62 8.94
N SER B 180 72.73 -30.38 9.27
CA SER B 180 71.98 -29.51 8.35
C SER B 180 70.73 -30.24 7.86
N GLY B 181 70.13 -31.04 8.73
CA GLY B 181 68.95 -31.81 8.39
C GLY B 181 69.22 -33.07 7.61
N SER B 182 70.44 -33.61 7.68
CA SER B 182 70.77 -34.79 6.90
C SER B 182 70.32 -36.08 7.57
N LEU B 183 70.20 -36.10 8.90
CA LEU B 183 69.76 -37.28 9.63
C LEU B 183 68.50 -36.92 10.41
N SER B 184 67.37 -37.50 9.99
CA SER B 184 66.10 -37.36 10.70
C SER B 184 65.77 -38.60 11.54
N SER B 185 66.69 -39.56 11.61
CA SER B 185 66.48 -40.81 12.34
C SER B 185 67.39 -40.84 13.56
N GLY B 186 66.83 -41.20 14.71
CA GLY B 186 67.57 -41.23 15.95
C GLY B 186 67.66 -39.91 16.68
N VAL B 187 67.24 -38.81 16.05
CA VAL B 187 67.24 -37.51 16.72
C VAL B 187 66.20 -37.50 17.83
N HIS B 188 66.58 -36.96 18.98
CA HIS B 188 65.70 -36.90 20.15
C HIS B 188 65.78 -35.49 20.73
N THR B 189 64.96 -34.59 20.23
CA THR B 189 64.85 -33.25 20.80
C THR B 189 64.01 -33.31 22.07
N PHE B 190 64.55 -32.74 23.15
CA PHE B 190 63.89 -32.76 24.44
C PHE B 190 63.23 -31.43 24.72
N PRO B 191 62.19 -31.40 25.56
CA PRO B 191 61.54 -30.13 25.88
C PRO B 191 62.45 -29.25 26.73
N ALA B 192 62.44 -27.95 26.42
CA ALA B 192 63.28 -27.00 27.12
C ALA B 192 62.83 -26.81 28.56
N VAL B 193 63.79 -26.51 29.42
CA VAL B 193 63.54 -26.30 30.85
C VAL B 193 64.15 -24.98 31.26
N LEU B 194 63.34 -24.11 31.86
CA LEU B 194 63.82 -22.86 32.45
C LEU B 194 64.16 -23.11 33.91
N GLN B 195 65.36 -22.69 34.32
CA GLN B 195 65.81 -22.86 35.69
C GLN B 195 66.21 -21.49 36.24
N SER B 196 65.60 -21.10 37.36
CA SER B 196 65.92 -19.86 38.06
C SER B 196 65.68 -18.63 37.18
N ASP B 197 66.47 -18.47 36.13
CA ASP B 197 66.36 -17.29 35.28
C ASP B 197 66.29 -17.58 33.79
N LEU B 198 66.76 -18.75 33.34
CA LEU B 198 66.98 -18.96 31.92
C LEU B 198 66.64 -20.38 31.52
N TYR B 199 66.18 -20.53 30.29
CA TYR B 199 65.86 -21.83 29.71
C TYR B 199 67.12 -22.67 29.49
N THR B 200 66.92 -23.97 29.35
CA THR B 200 68.01 -24.91 29.12
C THR B 200 67.45 -26.15 28.45
N LEU B 201 68.20 -26.71 27.51
CA LEU B 201 67.74 -27.85 26.73
C LEU B 201 68.95 -28.65 26.25
N SER B 202 68.76 -29.96 26.10
CA SER B 202 69.78 -30.83 25.55
C SER B 202 69.14 -31.79 24.56
N SER B 203 69.94 -32.25 23.61
CA SER B 203 69.47 -33.18 22.58
C SER B 203 70.58 -34.18 22.26
N SER B 204 70.18 -35.37 21.82
CA SER B 204 71.10 -36.45 21.52
C SER B 204 70.80 -37.04 20.15
N VAL B 205 71.85 -37.54 19.51
CA VAL B 205 71.73 -38.26 18.25
C VAL B 205 72.40 -39.62 18.39
N THR B 206 71.80 -40.63 17.77
CA THR B 206 72.29 -42.01 17.85
C THR B 206 72.59 -42.49 16.43
N VAL B 207 73.87 -42.71 16.14
CA VAL B 207 74.31 -43.17 14.82
C VAL B 207 75.23 -44.36 15.00
N THR B 208 75.32 -45.19 13.97
CA THR B 208 76.18 -46.36 14.01
C THR B 208 77.65 -45.95 14.16
N SER B 209 78.44 -46.84 14.75
CA SER B 209 79.85 -46.53 15.02
C SER B 209 80.67 -46.46 13.75
N SER B 210 80.31 -47.24 12.73
CA SER B 210 81.07 -47.23 11.48
C SER B 210 80.79 -45.99 10.66
N THR B 211 79.63 -45.37 10.85
CA THR B 211 79.31 -44.13 10.15
C THR B 211 79.96 -42.91 10.80
N TRP B 212 80.39 -43.03 12.06
CA TRP B 212 81.00 -41.91 12.76
C TRP B 212 82.30 -41.44 12.13
N PRO B 213 83.27 -42.30 11.77
CA PRO B 213 84.57 -41.79 11.27
C PRO B 213 84.46 -41.10 9.92
N SER B 214 83.77 -41.72 8.96
CA SER B 214 83.73 -41.20 7.60
C SER B 214 83.10 -39.81 7.56
N GLN B 215 81.99 -39.63 8.27
CA GLN B 215 81.28 -38.35 8.28
C GLN B 215 80.98 -37.97 9.72
N SER B 216 81.63 -36.91 10.20
CA SER B 216 81.40 -36.36 11.53
C SER B 216 80.78 -34.97 11.37
N ILE B 217 79.79 -34.66 12.22
CA ILE B 217 78.98 -33.46 12.00
C ILE B 217 78.54 -32.84 13.32
N THR B 218 78.47 -31.51 13.32
CA THR B 218 78.02 -30.68 14.42
C THR B 218 76.53 -30.84 14.69
N CYS B 219 76.13 -30.53 15.93
CA CYS B 219 74.73 -30.22 16.22
C CYS B 219 74.48 -28.76 15.88
N ASN B 220 73.39 -28.47 15.19
CA ASN B 220 73.12 -27.12 14.71
C ASN B 220 72.04 -26.47 15.58
N VAL B 221 72.43 -25.42 16.30
CA VAL B 221 71.52 -24.64 17.14
C VAL B 221 71.36 -23.26 16.52
N ALA B 222 70.12 -22.86 16.32
CA ALA B 222 69.79 -21.56 15.74
C ALA B 222 68.78 -20.87 16.64
N HIS B 223 69.14 -19.68 17.14
CA HIS B 223 68.27 -18.94 18.05
C HIS B 223 67.58 -17.82 17.28
N PRO B 224 66.33 -18.01 16.85
CA PRO B 224 65.67 -16.96 16.05
C PRO B 224 65.43 -15.68 16.81
N ALA B 225 65.22 -15.76 18.12
CA ALA B 225 64.82 -14.58 18.87
C ALA B 225 66.01 -13.70 19.21
N SER B 226 67.16 -14.30 19.48
CA SER B 226 68.40 -13.56 19.63
C SER B 226 69.20 -13.50 18.33
N SER B 227 68.72 -14.16 17.27
CA SER B 227 69.31 -14.05 15.94
C SER B 227 70.74 -14.57 15.92
N THR B 228 71.00 -15.60 16.71
CA THR B 228 72.33 -16.20 16.83
C THR B 228 72.26 -17.66 16.42
N LYS B 229 73.06 -18.04 15.41
CA LYS B 229 73.08 -19.39 14.85
C LYS B 229 74.53 -19.84 14.73
N VAL B 230 75.04 -20.48 15.79
CA VAL B 230 76.43 -20.90 15.86
C VAL B 230 76.51 -22.42 15.96
N ASP B 231 77.67 -22.96 15.58
CA ASP B 231 77.83 -24.42 15.50
C ASP B 231 79.25 -24.82 15.84
N LYS B 232 79.39 -25.83 16.70
CA LYS B 232 80.67 -26.32 17.19
C LYS B 232 80.67 -27.84 17.15
N LYS B 233 81.58 -28.42 16.36
CA LYS B 233 81.52 -29.85 16.06
C LYS B 233 81.74 -30.70 17.31
N ILE B 234 81.22 -31.92 17.27
CA ILE B 234 81.40 -32.86 18.37
C ILE B 234 82.84 -33.34 18.39
N GLU B 235 83.47 -33.27 19.57
CA GLU B 235 84.87 -33.64 19.72
C GLU B 235 85.02 -34.80 20.70
N PRO B 236 85.58 -35.95 20.30
CA PRO B 236 85.79 -37.12 21.15
C PRO B 236 86.94 -36.94 22.13
N VAL C 27 28.39 -22.34 36.09
CA VAL C 27 29.49 -22.49 35.16
C VAL C 27 30.13 -23.84 35.41
N MET C 28 30.45 -24.58 34.36
CA MET C 28 30.73 -25.99 34.55
C MET C 28 31.81 -26.49 33.60
N THR C 29 32.69 -27.35 34.13
CA THR C 29 33.87 -27.83 33.43
C THR C 29 34.35 -29.13 34.06
N GLN C 30 34.68 -30.11 33.23
CA GLN C 30 35.42 -31.29 33.67
C GLN C 30 36.36 -31.76 32.57
N SER C 31 37.19 -32.73 32.93
CA SER C 31 38.11 -33.41 32.03
C SER C 31 38.58 -34.67 32.74
N GLN C 32 39.40 -35.46 32.06
CA GLN C 32 39.90 -36.70 32.64
C GLN C 32 41.35 -36.91 32.23
N LYS C 33 41.94 -37.96 32.81
CA LYS C 33 43.34 -38.28 32.55
C LYS C 33 43.51 -38.82 31.12
N PHE C 34 44.76 -38.83 30.67
CA PHE C 34 45.06 -39.22 29.30
C PHE C 34 44.70 -40.69 29.07
N MET C 35 44.43 -41.03 27.82
CA MET C 35 44.04 -42.38 27.45
C MET C 35 45.01 -42.95 26.41
N SER C 36 45.21 -44.26 26.48
CA SER C 36 46.19 -44.96 25.65
C SER C 36 45.47 -46.04 24.85
N THR C 37 45.51 -45.92 23.51
CA THR C 37 44.91 -46.88 22.61
C THR C 37 45.85 -47.11 21.43
N SER C 38 45.53 -48.11 20.62
CA SER C 38 46.37 -48.45 19.47
C SER C 38 45.52 -48.48 18.20
N ILE C 39 46.21 -48.36 17.07
CA ILE C 39 45.55 -48.38 15.77
C ILE C 39 45.20 -49.82 15.40
N GLY C 40 43.94 -50.05 15.04
CA GLY C 40 42.93 -49.02 15.04
C GLY C 40 41.64 -49.48 15.69
N VAL C 41 41.30 -48.87 16.83
CA VAL C 41 40.15 -49.26 17.63
C VAL C 41 39.34 -48.02 17.97
N ARG C 42 38.12 -48.26 18.46
CA ARG C 42 37.24 -47.17 18.87
C ARG C 42 37.60 -46.70 20.27
N VAL C 43 37.58 -45.38 20.47
CA VAL C 43 38.10 -44.75 21.68
C VAL C 43 37.11 -43.70 22.15
N SER C 44 36.75 -43.76 23.43
CA SER C 44 35.90 -42.76 24.06
C SER C 44 36.76 -41.76 24.83
N VAL C 45 36.31 -40.51 24.86
CA VAL C 45 36.90 -39.47 25.71
C VAL C 45 35.79 -38.94 26.61
N THR C 46 36.06 -38.88 27.92
CA THR C 46 35.04 -38.58 28.91
C THR C 46 35.12 -37.11 29.34
N CYS C 47 34.02 -36.39 29.15
CA CYS C 47 33.83 -35.05 29.69
C CYS C 47 32.50 -34.99 30.42
N LYS C 48 32.53 -34.48 31.64
CA LYS C 48 31.34 -34.17 32.42
C LYS C 48 31.38 -32.68 32.73
N ALA C 49 30.54 -32.25 33.66
CA ALA C 49 30.53 -30.90 34.19
C ALA C 49 29.30 -30.75 35.07
N SER C 50 29.16 -29.58 35.70
CA SER C 50 28.41 -29.46 36.95
C SER C 50 26.96 -28.99 36.81
N GLN C 51 26.61 -28.24 35.77
CA GLN C 51 25.26 -27.68 35.67
C GLN C 51 24.78 -27.75 34.21
N ASN C 52 24.03 -28.82 33.90
CA ASN C 52 23.56 -29.18 32.56
C ASN C 52 23.61 -28.06 31.53
N VAL C 53 24.36 -28.28 30.45
CA VAL C 53 24.43 -27.35 29.33
C VAL C 53 23.64 -27.86 28.13
N GLY C 54 22.86 -28.93 28.29
CA GLY C 54 22.09 -29.44 27.18
C GLY C 54 22.99 -29.95 26.08
N THR C 55 22.70 -29.51 24.86
CA THR C 55 23.47 -29.90 23.68
C THR C 55 24.68 -29.01 23.44
N ASN C 56 24.92 -28.03 24.32
CA ASN C 56 25.91 -26.97 24.06
C ASN C 56 27.30 -27.45 24.47
N VAL C 57 27.94 -28.18 23.56
CA VAL C 57 29.33 -28.60 23.73
C VAL C 57 30.04 -28.56 22.38
N ALA C 58 31.35 -28.37 22.43
CA ALA C 58 32.18 -28.27 21.23
C ALA C 58 33.46 -29.06 21.44
N TRP C 59 33.96 -29.66 20.36
CA TRP C 59 35.17 -30.48 20.41
C TRP C 59 36.17 -29.96 19.38
N TYR C 60 37.42 -29.77 19.81
CA TYR C 60 38.48 -29.28 18.95
C TYR C 60 39.66 -30.25 18.99
N GLN C 61 40.30 -30.45 17.84
CA GLN C 61 41.52 -31.26 17.73
C GLN C 61 42.72 -30.35 17.56
N GLN C 62 43.75 -30.59 18.36
CA GLN C 62 44.96 -29.78 18.34
C GLN C 62 46.15 -30.70 18.05
N LYS C 63 46.84 -30.42 16.95
CA LYS C 63 48.07 -31.13 16.65
C LYS C 63 49.17 -30.66 17.59
N PRO C 64 50.23 -31.45 17.75
CA PRO C 64 51.29 -31.04 18.69
C PRO C 64 51.92 -29.70 18.35
N GLY C 65 51.96 -29.31 17.08
CA GLY C 65 52.55 -28.05 16.70
C GLY C 65 51.75 -27.27 15.66
N GLN C 66 50.43 -27.38 15.72
CA GLN C 66 49.56 -26.68 14.78
C GLN C 66 48.36 -26.11 15.52
N SER C 67 47.61 -25.25 14.83
CA SER C 67 46.47 -24.58 15.43
C SER C 67 45.34 -25.58 15.71
N PRO C 68 44.51 -25.29 16.71
CA PRO C 68 43.37 -26.17 16.99
C PRO C 68 42.37 -26.16 15.85
N LYS C 69 41.76 -27.31 15.60
CA LYS C 69 40.77 -27.47 14.55
C LYS C 69 39.47 -28.01 15.15
N ALA C 70 38.35 -27.40 14.79
CA ALA C 70 37.05 -27.79 15.31
C ALA C 70 36.43 -28.83 14.39
N LEU C 71 36.07 -29.99 14.95
CA LEU C 71 35.40 -31.03 14.19
C LEU C 71 33.97 -31.30 14.66
N ILE C 72 33.67 -31.07 15.93
CA ILE C 72 32.38 -31.43 16.52
C ILE C 72 31.85 -30.24 17.30
N TYR C 73 30.66 -29.80 16.96
CA TYR C 73 29.90 -28.85 17.77
C TYR C 73 28.56 -29.48 18.12
N SER C 74 27.98 -29.01 19.22
CA SER C 74 26.69 -29.49 19.71
C SER C 74 26.68 -31.00 19.89
N ALA C 75 27.78 -31.53 20.43
CA ALA C 75 27.93 -32.95 20.75
C ALA C 75 27.83 -33.86 19.53
N SER C 76 26.69 -33.82 18.83
CA SER C 76 26.35 -34.83 17.84
C SER C 76 26.52 -34.37 16.40
N TYR C 77 26.98 -33.14 16.17
CA TYR C 77 27.09 -32.60 14.82
C TYR C 77 28.54 -32.28 14.47
N ARG C 78 28.95 -32.66 13.27
CA ARG C 78 30.31 -32.48 12.79
C ARG C 78 30.34 -31.54 11.60
N ASN C 79 31.38 -30.72 11.53
CA ASN C 79 31.52 -29.79 10.42
C ASN C 79 31.93 -30.54 9.15
N SER C 80 31.87 -29.83 8.03
CA SER C 80 32.45 -30.35 6.80
C SER C 80 33.97 -30.26 6.87
N GLY C 81 34.63 -31.08 6.05
CA GLY C 81 36.07 -31.19 6.18
C GLY C 81 36.50 -32.02 7.38
N VAL C 82 35.58 -32.76 7.96
CA VAL C 82 35.83 -33.61 9.13
C VAL C 82 35.62 -35.05 8.70
N PRO C 83 36.60 -35.93 8.90
CA PRO C 83 36.42 -37.33 8.50
C PRO C 83 35.26 -37.98 9.22
N ASP C 84 34.65 -38.96 8.56
CA ASP C 84 33.43 -39.58 9.05
C ASP C 84 33.64 -40.36 10.33
N ARG C 85 34.86 -40.83 10.60
CA ARG C 85 35.09 -41.66 11.77
C ARG C 85 34.82 -40.91 13.07
N PHE C 86 35.03 -39.60 13.09
CA PHE C 86 34.75 -38.80 14.27
C PHE C 86 33.25 -38.69 14.49
N THR C 87 32.78 -39.12 15.66
CA THR C 87 31.39 -38.96 16.06
C THR C 87 31.34 -38.43 17.49
N GLY C 88 30.16 -37.94 17.87
CA GLY C 88 29.97 -37.48 19.23
C GLY C 88 28.58 -37.85 19.71
N SER C 89 28.42 -37.85 21.03
CA SER C 89 27.15 -38.22 21.64
C SER C 89 27.09 -37.63 23.04
N GLY C 90 25.94 -37.81 23.68
CA GLY C 90 25.75 -37.34 25.03
C GLY C 90 24.86 -36.11 25.08
N SER C 91 24.13 -35.98 26.19
CA SER C 91 23.29 -34.82 26.43
C SER C 91 23.30 -34.52 27.92
N GLY C 92 22.91 -33.31 28.26
CA GLY C 92 22.83 -32.92 29.66
C GLY C 92 24.16 -32.65 30.31
N THR C 93 24.53 -33.49 31.27
CA THR C 93 25.73 -33.31 32.08
C THR C 93 26.95 -34.00 31.51
N GLU C 94 26.80 -35.23 31.02
CA GLU C 94 27.92 -36.05 30.58
C GLU C 94 27.98 -36.15 29.07
N PHE C 95 29.20 -36.17 28.52
CA PHE C 95 29.42 -36.27 27.08
C PHE C 95 30.64 -37.14 26.82
N THR C 96 30.60 -37.88 25.71
CA THR C 96 31.71 -38.70 25.28
C THR C 96 31.94 -38.53 23.79
N LEU C 97 33.18 -38.75 23.36
CA LEU C 97 33.57 -38.68 21.95
C LEU C 97 34.21 -40.00 21.55
N THR C 98 33.64 -40.64 20.54
CA THR C 98 34.16 -41.90 20.02
C THR C 98 34.62 -41.72 18.58
N ILE C 99 35.73 -42.37 18.24
CA ILE C 99 36.29 -42.34 16.89
C ILE C 99 36.67 -43.77 16.51
N SER C 100 36.24 -44.20 15.33
CA SER C 100 36.37 -45.61 14.96
C SER C 100 37.78 -45.97 14.56
N ASN C 101 38.39 -45.19 13.68
CA ASN C 101 39.74 -45.45 13.17
C ASN C 101 40.69 -44.39 13.71
N VAL C 102 41.94 -44.44 13.23
CA VAL C 102 42.97 -43.52 13.70
C VAL C 102 44.12 -43.54 12.70
N GLN C 103 44.84 -42.43 12.60
CA GLN C 103 45.96 -42.24 11.68
C GLN C 103 46.83 -43.49 11.49
N ALA C 108 45.73 -36.60 18.55
CA ALA C 108 46.61 -35.96 19.53
C ALA C 108 45.83 -35.57 20.78
N GLU C 109 45.74 -34.27 21.03
CA GLU C 109 45.01 -33.75 22.19
C GLU C 109 43.66 -33.23 21.76
N TYR C 110 42.63 -33.52 22.55
CA TYR C 110 41.25 -33.18 22.24
C TYR C 110 40.65 -32.37 23.38
N PHE C 111 39.87 -31.35 23.03
CA PHE C 111 39.29 -30.44 24.01
C PHE C 111 37.77 -30.42 23.86
N CYS C 112 37.07 -30.64 24.96
CA CYS C 112 35.63 -30.45 25.02
C CYS C 112 35.34 -29.08 25.63
N GLN C 113 34.33 -28.39 25.10
CA GLN C 113 34.01 -27.04 25.51
C GLN C 113 32.53 -26.91 25.78
N GLN C 114 32.19 -26.04 26.73
CA GLN C 114 30.85 -25.49 26.84
C GLN C 114 30.87 -24.07 26.28
N TYR C 115 30.11 -23.83 25.22
CA TYR C 115 29.91 -22.48 24.72
C TYR C 115 28.60 -21.88 25.19
N ASP C 116 27.95 -22.51 26.17
CA ASP C 116 26.60 -22.14 26.55
C ASP C 116 26.57 -20.83 27.33
N SER C 117 27.40 -20.71 28.36
CA SER C 117 27.36 -19.56 29.25
C SER C 117 28.78 -19.15 29.62
N TYR C 118 28.93 -17.87 29.99
CA TYR C 118 30.22 -17.30 30.35
C TYR C 118 30.65 -17.79 31.73
N PRO C 119 31.94 -18.17 31.91
CA PRO C 119 32.92 -18.27 30.83
C PRO C 119 32.73 -19.54 30.02
N TYR C 120 33.22 -19.53 28.78
CA TYR C 120 33.13 -20.68 27.88
C TYR C 120 34.39 -21.53 28.03
N PRO C 121 34.37 -22.54 28.90
CA PRO C 121 35.62 -23.21 29.26
C PRO C 121 35.81 -24.54 28.56
N PHE C 122 37.04 -24.84 28.16
CA PHE C 122 37.37 -26.15 27.61
C PHE C 122 37.85 -27.08 28.71
N GLY C 123 37.68 -28.38 28.48
CA GLY C 123 38.32 -29.36 29.32
C GLY C 123 39.83 -29.29 29.21
N GLY C 124 40.51 -29.81 30.23
CA GLY C 124 41.97 -29.78 30.24
C GLY C 124 42.58 -30.47 29.03
N GLY C 125 41.87 -31.43 28.45
CA GLY C 125 42.35 -32.14 27.28
C GLY C 125 43.07 -33.42 27.62
N THR C 126 42.93 -34.44 26.78
CA THR C 126 43.56 -35.73 26.99
C THR C 126 44.44 -36.02 25.78
N LYS C 127 45.75 -36.16 26.01
CA LYS C 127 46.65 -36.55 24.94
C LYS C 127 46.43 -38.02 24.57
N LEU C 128 46.74 -38.35 23.32
CA LEU C 128 46.54 -39.70 22.81
C LEU C 128 47.88 -40.34 22.51
N GLU C 129 48.04 -41.59 22.94
CA GLU C 129 49.26 -42.35 22.75
C GLU C 129 48.90 -43.69 22.13
N ILE C 130 49.91 -44.36 21.57
CA ILE C 130 49.73 -45.59 20.81
C ILE C 130 50.37 -46.75 21.56
N LYS C 131 49.62 -47.83 21.72
CA LYS C 131 50.12 -49.01 22.40
C LYS C 131 51.18 -49.73 21.55
N ARG C 132 52.09 -50.42 22.23
CA ARG C 132 53.22 -51.08 21.59
C ARG C 132 53.79 -52.08 22.60
N ALA C 133 54.81 -52.82 22.19
CA ALA C 133 55.48 -53.75 23.08
C ALA C 133 56.47 -53.02 23.99
N ASP C 134 56.62 -53.53 25.21
CA ASP C 134 57.49 -52.90 26.19
C ASP C 134 58.94 -52.89 25.72
N ALA C 135 59.69 -51.90 26.19
CA ALA C 135 61.09 -51.75 25.82
C ALA C 135 61.89 -51.31 27.03
N ALA C 136 63.22 -51.51 26.95
CA ALA C 136 64.17 -51.15 27.98
C ALA C 136 64.92 -49.88 27.60
N PRO C 137 65.26 -49.04 28.56
CA PRO C 137 65.89 -47.75 28.24
C PRO C 137 67.37 -47.90 27.98
N THR C 138 67.83 -47.24 26.92
CA THR C 138 69.26 -47.19 26.59
C THR C 138 69.88 -46.03 27.35
N VAL C 139 70.70 -46.33 28.33
CA VAL C 139 71.29 -45.33 29.22
C VAL C 139 72.66 -44.93 28.69
N SER C 140 72.97 -43.64 28.79
CA SER C 140 74.23 -43.11 28.30
C SER C 140 74.68 -41.96 29.19
N ILE C 141 75.97 -41.92 29.48
CA ILE C 141 76.56 -40.88 30.33
C ILE C 141 77.58 -40.10 29.50
N PHE C 142 77.66 -38.79 29.75
CA PHE C 142 78.54 -37.92 29.00
C PHE C 142 79.34 -37.04 29.96
N PRO C 143 80.64 -36.92 29.78
CA PRO C 143 81.43 -36.00 30.60
C PRO C 143 81.13 -34.56 30.24
N PRO C 144 81.42 -33.61 31.13
CA PRO C 144 81.17 -32.20 30.80
C PRO C 144 82.08 -31.73 29.67
N SER C 145 81.55 -30.82 28.85
CA SER C 145 82.28 -30.34 27.67
C SER C 145 83.53 -29.57 28.07
N SER C 146 84.55 -29.65 27.21
CA SER C 146 85.83 -29.01 27.51
C SER C 146 85.68 -27.52 27.71
N GLU C 147 84.81 -26.88 26.91
CA GLU C 147 84.59 -25.44 27.04
C GLU C 147 83.90 -25.11 28.35
N GLN C 148 83.16 -26.06 28.93
CA GLN C 148 82.40 -25.76 30.14
C GLN C 148 83.31 -25.70 31.37
N LEU C 149 84.25 -26.64 31.53
CA LEU C 149 85.16 -26.54 32.66
C LEU C 149 86.03 -25.30 32.58
N THR C 150 86.42 -24.89 31.38
CA THR C 150 87.00 -23.56 31.25
C THR C 150 86.03 -22.51 31.79
N SER C 151 84.74 -22.66 31.48
CA SER C 151 83.73 -21.69 31.91
C SER C 151 83.32 -21.96 33.34
N GLY C 152 84.18 -22.65 34.08
CA GLY C 152 84.01 -22.83 35.51
C GLY C 152 82.82 -23.65 35.92
N GLY C 153 82.01 -24.11 34.97
CA GLY C 153 80.91 -24.99 35.27
C GLY C 153 81.15 -26.40 34.75
N ALA C 154 80.36 -27.36 35.23
CA ALA C 154 80.51 -28.75 34.78
C ALA C 154 79.16 -29.44 34.89
N SER C 155 78.63 -29.88 33.75
CA SER C 155 77.34 -30.53 33.70
C SER C 155 77.48 -31.90 33.04
N VAL C 156 77.02 -32.93 33.74
CA VAL C 156 76.95 -34.29 33.20
C VAL C 156 75.48 -34.60 32.93
N VAL C 157 75.19 -35.15 31.75
CA VAL C 157 73.84 -35.50 31.37
C VAL C 157 73.75 -37.00 31.20
N CYS C 158 72.63 -37.57 31.63
CA CYS C 158 72.31 -38.97 31.43
C CYS C 158 71.11 -39.06 30.51
N PHE C 159 71.19 -39.91 29.49
CA PHE C 159 70.16 -40.01 28.47
C PHE C 159 69.55 -41.40 28.48
N LEU C 160 68.24 -41.46 28.68
CA LEU C 160 67.48 -42.71 28.72
C LEU C 160 66.47 -42.64 27.58
N ASN C 161 66.70 -43.45 26.54
CA ASN C 161 65.96 -43.30 25.30
C ASN C 161 65.22 -44.59 24.96
N ASN C 162 64.12 -44.43 24.21
CA ASN C 162 63.31 -45.53 23.71
C ASN C 162 62.76 -46.40 24.84
N PHE C 163 62.44 -45.81 25.99
CA PHE C 163 61.90 -46.56 27.11
C PHE C 163 60.38 -46.59 27.03
N TYR C 164 59.82 -47.79 27.10
CA TYR C 164 58.38 -48.00 27.04
C TYR C 164 58.03 -49.00 28.13
N PRO C 165 57.06 -48.70 29.02
CA PRO C 165 56.18 -47.52 29.00
C PRO C 165 56.81 -46.22 29.49
N LYS C 166 55.97 -45.19 29.60
CA LYS C 166 56.44 -43.87 30.01
C LYS C 166 56.91 -43.85 31.46
N ASP C 167 56.40 -44.77 32.30
CA ASP C 167 56.80 -44.79 33.71
C ASP C 167 58.26 -45.14 33.83
N ILE C 168 59.00 -44.34 34.61
CA ILE C 168 60.44 -44.50 34.76
C ILE C 168 60.88 -43.66 35.94
N ASN C 169 62.06 -43.97 36.47
CA ASN C 169 62.66 -43.19 37.55
C ASN C 169 64.16 -43.08 37.28
N VAL C 170 64.76 -42.01 37.80
CA VAL C 170 66.18 -41.74 37.61
C VAL C 170 66.80 -41.46 38.99
N LYS C 171 67.83 -42.22 39.34
CA LYS C 171 68.61 -41.99 40.54
C LYS C 171 69.99 -41.48 40.14
N TRP C 172 70.45 -40.44 40.83
CA TRP C 172 71.74 -39.82 40.56
C TRP C 172 72.66 -40.08 41.75
N LYS C 173 73.77 -40.76 41.50
CA LYS C 173 74.77 -41.05 42.53
C LYS C 173 76.12 -40.53 42.08
N ILE C 174 76.67 -39.60 42.86
CA ILE C 174 78.01 -39.05 42.61
C ILE C 174 79.00 -39.81 43.48
N ASP C 175 80.07 -40.31 42.86
CA ASP C 175 81.11 -41.07 43.54
C ASP C 175 80.53 -42.27 44.29
N GLY C 176 79.43 -42.82 43.80
CA GLY C 176 78.72 -43.85 44.52
C GLY C 176 77.83 -43.36 45.63
N SER C 177 77.58 -42.05 45.70
CA SER C 177 76.74 -41.45 46.72
C SER C 177 75.63 -40.66 46.06
N GLU C 178 74.39 -40.91 46.48
CA GLU C 178 73.22 -40.36 45.82
C GLU C 178 73.04 -38.88 46.13
N ARG C 179 72.67 -38.11 45.11
CA ARG C 179 72.42 -36.68 45.23
C ARG C 179 71.01 -36.37 44.72
N GLN C 180 70.25 -35.60 45.51
CA GLN C 180 68.86 -35.30 45.20
C GLN C 180 68.62 -33.84 44.85
N ASN C 181 69.68 -33.03 44.74
CA ASN C 181 69.53 -31.61 44.46
C ASN C 181 70.38 -31.22 43.26
N GLY C 182 69.90 -30.24 42.50
CA GLY C 182 70.62 -29.72 41.36
C GLY C 182 70.43 -30.48 40.07
N VAL C 183 69.48 -31.42 40.02
CA VAL C 183 69.25 -32.24 38.83
C VAL C 183 67.97 -31.75 38.16
N LEU C 184 68.05 -31.52 36.84
CA LEU C 184 66.92 -31.04 36.06
C LEU C 184 66.64 -32.05 34.94
N ASN C 185 65.38 -32.48 34.85
CA ASN C 185 64.96 -33.49 33.89
C ASN C 185 63.81 -32.97 33.03
N SER C 186 63.72 -33.51 31.82
CA SER C 186 62.64 -33.20 30.89
C SER C 186 62.23 -34.47 30.16
N TRP C 187 60.93 -34.59 29.90
CA TRP C 187 60.36 -35.79 29.28
C TRP C 187 59.86 -35.46 27.88
N THR C 188 60.38 -36.16 26.88
CA THR C 188 59.93 -35.97 25.52
C THR C 188 58.51 -36.47 25.34
N ASP C 189 57.74 -35.76 24.52
CA ASP C 189 56.43 -36.27 24.11
C ASP C 189 56.58 -37.60 23.40
N GLN C 190 55.52 -38.40 23.41
CA GLN C 190 55.57 -39.74 22.84
C GLN C 190 55.94 -39.69 21.36
N ASP C 191 56.96 -40.47 21.01
CA ASP C 191 57.42 -40.54 19.63
C ASP C 191 56.33 -41.10 18.74
N SER C 192 55.95 -40.34 17.70
CA SER C 192 54.90 -40.80 16.80
C SER C 192 55.38 -41.93 15.91
N LYS C 193 56.67 -41.96 15.58
CA LYS C 193 57.18 -42.93 14.62
C LYS C 193 57.35 -44.31 15.25
N ASP C 194 57.96 -44.37 16.44
CA ASP C 194 58.26 -45.64 17.08
C ASP C 194 57.50 -45.89 18.38
N SER C 195 56.74 -44.92 18.88
CA SER C 195 55.92 -45.07 20.08
C SER C 195 56.77 -45.32 21.32
N THR C 196 57.93 -44.67 21.40
CA THR C 196 58.84 -44.82 22.53
C THR C 196 59.11 -43.46 23.16
N TYR C 197 59.01 -43.40 24.48
CA TYR C 197 59.28 -42.15 25.20
C TYR C 197 60.79 -41.90 25.27
N SER C 198 61.14 -40.68 25.68
CA SER C 198 62.53 -40.28 25.81
C SER C 198 62.69 -39.41 27.05
N MET C 199 63.76 -39.67 27.81
CA MET C 199 64.03 -39.00 29.07
C MET C 199 65.44 -38.43 29.07
N SER C 200 65.58 -37.20 29.54
CA SER C 200 66.87 -36.55 29.70
C SER C 200 67.01 -36.04 31.12
N SER C 201 68.14 -36.35 31.74
CA SER C 201 68.44 -35.90 33.10
C SER C 201 69.80 -35.21 33.10
N THR C 202 69.83 -33.97 33.60
CA THR C 202 71.02 -33.14 33.59
C THR C 202 71.35 -32.71 35.01
N LEU C 203 72.60 -32.89 35.41
CA LEU C 203 73.10 -32.45 36.70
C LEU C 203 74.14 -31.36 36.47
N THR C 204 73.82 -30.13 36.85
CA THR C 204 74.72 -29.00 36.73
C THR C 204 75.33 -28.70 38.10
N LEU C 205 76.60 -28.28 38.09
CA LEU C 205 77.38 -28.28 39.31
C LEU C 205 78.71 -27.58 39.05
N THR C 206 79.15 -26.79 40.03
CA THR C 206 80.33 -25.95 39.84
C THR C 206 81.60 -26.79 39.68
N LYS C 207 82.62 -26.17 39.09
CA LYS C 207 83.87 -26.88 38.84
C LYS C 207 84.57 -27.28 40.13
N ASP C 208 84.43 -26.47 41.18
CA ASP C 208 85.10 -26.76 42.44
C ASP C 208 84.54 -28.00 43.15
N GLU C 209 83.41 -28.53 42.69
CA GLU C 209 82.85 -29.76 43.24
C GLU C 209 82.93 -30.93 42.28
N TYR C 210 83.42 -30.71 41.05
CA TYR C 210 83.62 -31.80 40.10
C TYR C 210 84.84 -32.65 40.45
N GLU C 211 85.76 -32.11 41.26
CA GLU C 211 86.95 -32.83 41.67
C GLU C 211 86.67 -33.98 42.63
N ARG C 212 85.46 -34.05 43.19
CA ARG C 212 85.13 -35.07 44.16
C ARG C 212 85.28 -36.47 43.56
N HIS C 213 84.91 -36.63 42.30
CA HIS C 213 85.08 -37.90 41.60
C HIS C 213 85.64 -37.65 40.21
N ASN C 214 86.34 -38.65 39.70
CA ASN C 214 86.81 -38.65 38.32
C ASN C 214 85.99 -39.56 37.42
N SER C 215 85.10 -40.37 37.98
CA SER C 215 84.17 -41.19 37.23
C SER C 215 82.75 -40.87 37.68
N TYR C 216 81.76 -41.31 36.88
CA TYR C 216 80.37 -41.06 37.20
C TYR C 216 79.49 -42.14 36.59
N THR C 217 78.36 -42.40 37.24
CA THR C 217 77.41 -43.41 36.81
C THR C 217 76.00 -42.84 36.86
N CYS C 218 75.13 -43.39 36.02
CA CYS C 218 73.72 -43.01 35.97
C CYS C 218 72.86 -44.23 36.26
N GLU C 219 71.95 -44.09 37.21
CA GLU C 219 71.10 -45.19 37.67
C GLU C 219 69.66 -44.92 37.27
N ALA C 220 68.93 -45.98 36.92
CA ALA C 220 67.60 -45.86 36.35
C ALA C 220 66.71 -47.00 36.83
N THR C 221 65.66 -46.65 37.57
CA THR C 221 64.61 -47.61 37.89
C THR C 221 63.70 -47.77 36.69
N HIS C 222 63.35 -49.01 36.39
CA HIS C 222 62.42 -49.32 35.30
C HIS C 222 61.98 -50.77 35.47
N LYS C 223 61.03 -51.18 34.62
CA LYS C 223 60.50 -52.54 34.66
C LYS C 223 61.52 -53.57 34.19
N THR C 224 62.59 -53.76 34.96
CA THR C 224 63.71 -54.66 34.69
C THR C 224 64.61 -54.58 35.92
N SER C 225 65.46 -55.60 36.09
CA SER C 225 66.57 -55.47 37.03
C SER C 225 67.30 -54.16 36.76
N THR C 226 67.70 -53.48 37.84
CA THR C 226 68.27 -52.14 37.73
C THR C 226 69.43 -52.13 36.75
N SER C 227 69.39 -51.18 35.81
CA SER C 227 70.40 -51.02 34.77
C SER C 227 71.12 -49.68 34.99
N PRO C 228 72.08 -49.63 35.92
CA PRO C 228 72.71 -48.35 36.26
C PRO C 228 74.10 -48.18 35.68
N ILE C 229 74.24 -47.32 34.67
CA ILE C 229 75.55 -47.03 34.10
C ILE C 229 75.73 -45.52 33.96
N THR D 6 60.16 -11.98 1.31
CA THR D 6 58.92 -12.67 1.63
C THR D 6 58.44 -13.47 0.42
N ASN D 7 57.79 -14.61 0.67
CA ASN D 7 57.37 -15.48 -0.42
C ASN D 7 56.13 -14.94 -1.13
N THR D 8 55.18 -14.40 -0.38
CA THR D 8 53.90 -13.96 -0.96
C THR D 8 53.55 -12.56 -0.47
N THR D 9 52.58 -11.95 -1.15
CA THR D 9 52.09 -10.62 -0.81
C THR D 9 50.84 -10.75 0.07
N ASP D 10 50.90 -10.18 1.27
CA ASP D 10 49.74 -10.20 2.14
C ASP D 10 48.69 -9.19 1.68
N ASN D 11 49.12 -8.00 1.30
CA ASN D 11 48.24 -6.88 0.99
C ASN D 11 48.37 -6.51 -0.48
N ILE D 12 47.24 -6.37 -1.16
CA ILE D 12 47.24 -6.09 -2.59
C ILE D 12 46.31 -4.93 -2.93
N ASP D 13 45.79 -4.24 -1.92
CA ASP D 13 44.83 -3.16 -2.14
C ASP D 13 45.57 -1.89 -2.58
N TYR D 14 46.06 -1.93 -3.82
CA TYR D 14 46.81 -0.82 -4.40
C TYR D 14 46.29 -0.47 -5.80
N PHE D 15 45.03 -0.80 -6.07
CA PHE D 15 44.47 -0.65 -7.41
C PHE D 15 43.58 0.59 -7.47
N ASP D 16 43.97 1.57 -8.27
CA ASP D 16 43.20 2.78 -8.47
C ASP D 16 42.51 2.72 -9.84
N ILE D 17 41.23 3.06 -9.86
CA ILE D 17 40.45 3.13 -11.10
C ILE D 17 39.89 4.54 -11.24
N SER D 18 39.87 5.02 -12.48
CA SER D 18 39.32 6.32 -12.81
C SER D 18 38.14 6.17 -13.76
N ASP D 19 37.18 7.06 -13.63
CA ASP D 19 36.02 7.05 -14.51
C ASP D 19 36.40 7.59 -15.88
N GLU D 20 35.42 7.55 -16.80
CA GLU D 20 35.67 8.00 -18.17
C GLU D 20 35.92 9.50 -18.23
N SER D 21 35.26 10.26 -17.36
CA SER D 21 35.57 11.69 -17.27
C SER D 21 36.97 11.92 -16.69
N ASN D 22 37.44 11.02 -15.84
CA ASN D 22 38.76 11.06 -15.21
C ASN D 22 38.88 12.18 -14.18
N TYR D 23 37.76 12.85 -13.84
CA TYR D 23 37.80 13.89 -12.83
C TYR D 23 37.87 13.32 -11.41
N TYR D 24 37.29 12.14 -11.19
CA TYR D 24 37.26 11.51 -9.87
C TYR D 24 38.19 10.30 -9.85
N LEU D 25 38.96 10.16 -8.77
CA LEU D 25 39.84 9.02 -8.57
C LEU D 25 39.44 8.31 -7.29
N ILE D 26 39.29 6.99 -7.36
CA ILE D 26 38.88 6.17 -6.25
C ILE D 26 40.05 5.31 -5.80
N SER D 27 40.32 5.29 -4.49
CA SER D 27 41.41 4.54 -3.92
C SER D 27 40.90 3.63 -2.82
N GLN D 28 41.66 2.57 -2.53
CA GLN D 28 41.28 1.64 -1.47
C GLN D 28 41.38 2.28 -0.09
N LEU D 29 42.36 3.14 0.10
CA LEU D 29 42.57 3.73 1.42
C LEU D 29 41.50 4.75 1.73
N ARG D 30 40.94 4.67 2.94
CA ARG D 30 39.98 5.66 3.39
C ARG D 30 40.62 7.05 3.32
N PRO D 31 39.87 8.10 2.94
CA PRO D 31 38.43 8.17 2.67
C PRO D 31 38.00 7.68 1.28
N HIS D 32 38.90 7.01 0.57
CA HIS D 32 38.64 6.50 -0.78
C HIS D 32 38.42 7.61 -1.79
N PHE D 33 38.25 8.85 -1.32
CA PHE D 33 37.96 9.97 -2.19
C PHE D 33 38.73 11.19 -1.73
N SER D 34 39.31 11.90 -2.69
CA SER D 34 40.01 13.15 -2.37
C SER D 34 39.04 14.23 -1.90
N ASN D 35 37.78 14.17 -2.34
CA ASN D 35 36.82 15.21 -2.00
C ASN D 35 36.41 15.15 -0.54
N ILE D 36 36.49 13.98 0.10
CA ILE D 36 36.17 13.90 1.51
C ILE D 36 37.16 14.71 2.33
N TYR D 37 38.44 14.69 1.93
CA TYR D 37 39.42 15.59 2.53
C TYR D 37 39.06 17.04 2.23
N PHE D 38 38.66 17.32 0.99
CA PHE D 38 38.17 18.65 0.63
C PHE D 38 37.01 19.06 1.55
N PHE D 39 36.01 18.19 1.67
CA PHE D 39 34.86 18.50 2.51
C PHE D 39 35.27 18.63 3.97
N ASP D 40 36.12 17.72 4.46
CA ASP D 40 36.57 17.79 5.84
C ASP D 40 37.41 19.04 6.08
N GLU D 41 38.25 19.40 5.11
CA GLU D 41 39.04 20.62 5.23
C GLU D 41 38.17 21.86 5.22
N PHE D 42 37.01 21.79 4.56
CA PHE D 42 36.10 22.93 4.54
C PHE D 42 35.50 23.19 5.91
N LYS D 43 35.31 22.13 6.72
CA LYS D 43 34.85 22.32 8.08
C LYS D 43 35.76 23.26 8.86
N ARG D 44 37.07 23.20 8.59
CA ARG D 44 37.98 24.15 9.20
C ARG D 44 37.68 25.57 8.74
N TYR D 45 37.37 25.74 7.45
CA TYR D 45 37.05 27.07 6.92
C TYR D 45 35.79 27.64 7.57
N ALA D 46 34.77 26.80 7.74
CA ALA D 46 33.46 27.29 8.19
C ALA D 46 33.46 27.68 9.67
N SER D 47 34.39 27.15 10.47
CA SER D 47 34.37 27.45 11.90
C SER D 47 34.67 28.90 12.19
N TYR D 48 35.48 29.56 11.35
CA TYR D 48 35.87 30.94 11.64
C TYR D 48 34.75 31.93 11.37
N HIS D 49 33.91 31.66 10.38
CA HIS D 49 32.82 32.56 10.01
C HIS D 49 31.54 32.10 10.70
N THR D 50 30.96 32.99 11.51
CA THR D 50 29.78 32.62 12.28
C THR D 50 28.52 32.55 11.44
N GLU D 51 28.46 33.29 10.33
CA GLU D 51 27.26 33.26 9.50
C GLU D 51 27.14 31.90 8.79
N ILE D 52 28.27 31.28 8.48
CA ILE D 52 28.28 30.05 7.71
C ILE D 52 28.41 28.88 8.68
N LYS D 53 28.35 29.19 9.99
CA LYS D 53 28.58 28.17 11.00
C LYS D 53 27.48 27.12 10.99
N ARG D 54 26.45 27.31 10.16
CA ARG D 54 25.46 26.28 9.93
C ARG D 54 26.03 25.07 9.21
N TYR D 55 27.24 25.20 8.65
CA TYR D 55 27.84 24.12 7.86
C TYR D 55 28.16 22.89 8.71
N GLU D 56 28.21 23.02 10.04
CA GLU D 56 28.47 21.86 10.89
C GLU D 56 27.43 20.77 10.66
N ASP D 57 26.17 21.17 10.45
CA ASP D 57 25.11 20.20 10.21
C ASP D 57 25.39 19.39 8.95
N ILE D 58 25.75 20.06 7.86
CA ILE D 58 26.06 19.36 6.63
C ILE D 58 27.25 18.42 6.81
N HIS D 59 28.15 18.75 7.75
CA HIS D 59 29.32 17.90 7.95
C HIS D 59 28.99 16.61 8.68
N LYS D 60 28.07 16.67 9.65
CA LYS D 60 27.73 15.49 10.43
C LYS D 60 26.56 14.70 9.85
N THR D 61 25.80 15.29 8.93
CA THR D 61 24.61 14.61 8.40
C THR D 61 24.91 13.86 7.10
N LYS D 62 25.60 14.49 6.16
CA LYS D 62 25.75 13.95 4.82
C LYS D 62 27.16 13.50 4.47
N VAL D 63 28.16 14.38 4.62
CA VAL D 63 29.49 14.02 4.14
C VAL D 63 30.14 12.97 5.02
N ASN D 64 29.91 13.00 6.34
CA ASN D 64 30.39 11.92 7.19
C ASN D 64 29.72 10.60 6.83
N SER D 65 28.45 10.66 6.40
CA SER D 65 27.73 9.47 5.99
C SER D 65 28.08 9.05 4.56
N LEU D 66 28.45 10.02 3.71
CA LEU D 66 28.95 9.68 2.39
C LEU D 66 30.21 8.83 2.49
N LEU D 67 31.08 9.13 3.46
CA LEU D 67 32.25 8.30 3.70
C LEU D 67 31.84 6.90 4.17
N ASN D 68 30.83 6.83 5.04
CA ASN D 68 30.35 5.53 5.48
C ASN D 68 29.75 4.74 4.33
N GLU D 69 29.03 5.41 3.43
CA GLU D 69 28.48 4.73 2.27
C GLU D 69 29.58 4.23 1.34
N ALA D 70 30.60 5.06 1.11
CA ALA D 70 31.74 4.62 0.30
C ALA D 70 32.51 3.52 1.01
N SER D 71 32.67 3.62 2.32
CA SER D 71 33.33 2.56 3.08
C SER D 71 32.52 1.28 3.02
N ARG D 72 31.20 1.37 3.10
CA ARG D 72 30.35 0.19 2.98
C ARG D 72 30.40 -0.39 1.57
N ALA D 73 30.65 0.45 0.56
CA ALA D 73 30.61 -0.01 -0.82
C ALA D 73 31.82 -0.87 -1.17
N ILE D 74 32.97 -0.63 -0.54
CA ILE D 74 34.16 -1.41 -0.87
C ILE D 74 34.04 -2.82 -0.33
N GLY D 75 33.26 -3.03 0.74
CA GLY D 75 33.08 -4.37 1.26
C GLY D 75 32.33 -5.28 0.32
N ILE D 76 31.46 -4.71 -0.52
CA ILE D 76 30.76 -5.50 -1.52
C ILE D 76 31.74 -5.97 -2.61
N CYS D 77 32.69 -5.09 -2.97
CA CYS D 77 33.75 -5.46 -3.89
C CYS D 77 34.87 -6.24 -3.21
N ASN D 78 34.79 -6.43 -1.90
CA ASN D 78 35.85 -7.12 -1.18
C ASN D 78 35.93 -8.60 -1.58
N ARG D 79 34.81 -9.20 -1.96
CA ARG D 79 34.86 -10.58 -2.44
C ARG D 79 35.63 -10.68 -3.74
N ALA D 80 35.55 -9.64 -4.59
CA ALA D 80 36.36 -9.62 -5.80
C ALA D 80 37.84 -9.51 -5.47
N LYS D 81 38.19 -8.80 -4.40
CA LYS D 81 39.58 -8.69 -4.00
C LYS D 81 40.12 -10.04 -3.54
N ASN D 82 39.33 -10.78 -2.75
CA ASN D 82 39.81 -12.06 -2.20
C ASN D 82 40.14 -13.05 -3.31
N THR D 83 39.36 -13.04 -4.39
CA THR D 83 39.62 -13.92 -5.51
C THR D 83 40.82 -13.48 -6.35
N VAL D 84 41.04 -12.17 -6.48
CA VAL D 84 42.19 -11.68 -7.23
C VAL D 84 43.48 -11.91 -6.45
N LYS D 85 43.45 -11.68 -5.13
CA LYS D 85 44.66 -11.82 -4.33
C LYS D 85 45.18 -13.26 -4.37
N GLY D 86 44.28 -14.23 -4.20
CA GLY D 86 44.69 -15.62 -4.31
C GLY D 86 45.21 -15.98 -5.69
N LEU D 87 44.68 -15.33 -6.72
CA LEU D 87 45.15 -15.60 -8.08
C LEU D 87 46.57 -15.06 -8.28
N ILE D 88 46.88 -13.91 -7.66
CA ILE D 88 48.22 -13.34 -7.79
C ILE D 88 49.25 -14.22 -7.10
N ASN D 89 48.91 -14.76 -5.92
CA ASN D 89 49.87 -15.55 -5.17
C ASN D 89 50.24 -16.83 -5.91
N ILE D 90 49.26 -17.49 -6.54
CA ILE D 90 49.55 -18.70 -7.31
C ILE D 90 50.47 -18.37 -8.47
N LEU D 91 50.25 -17.25 -9.14
CA LEU D 91 51.06 -16.91 -10.31
C LEU D 91 52.45 -16.46 -9.89
N GLU D 92 52.55 -15.60 -8.88
CA GLU D 92 53.83 -15.02 -8.50
C GLU D 92 54.78 -16.06 -7.90
N ASN D 93 54.25 -17.10 -7.28
CA ASN D 93 55.07 -18.11 -6.63
C ASN D 93 55.02 -19.40 -7.43
N PRO D 94 56.15 -19.93 -7.89
CA PRO D 94 56.12 -21.19 -8.66
C PRO D 94 55.66 -22.38 -7.84
N GLN D 95 55.98 -22.42 -6.55
CA GLN D 95 55.62 -23.58 -5.73
C GLN D 95 54.10 -23.68 -5.56
N LYS D 96 53.45 -22.56 -5.26
CA LYS D 96 51.99 -22.57 -5.16
C LYS D 96 51.35 -22.82 -6.52
N PHE D 97 52.01 -22.41 -7.60
CA PHE D 97 51.49 -22.68 -8.95
C PHE D 97 51.48 -24.17 -9.25
N LYS D 98 52.51 -24.90 -8.77
CA LYS D 98 52.63 -26.31 -9.09
C LYS D 98 51.39 -27.09 -8.64
N THR D 99 50.81 -26.72 -7.50
CA THR D 99 49.60 -27.37 -7.04
C THR D 99 48.47 -27.25 -8.06
N GLN D 100 48.44 -26.16 -8.81
CA GLN D 100 47.39 -25.93 -9.79
C GLN D 100 47.77 -26.56 -11.13
N ARG D 101 46.77 -27.11 -11.81
CA ARG D 101 47.00 -27.87 -13.04
C ARG D 101 47.02 -26.99 -14.29
N GLU D 102 46.31 -25.87 -14.29
CA GLU D 102 46.17 -25.08 -15.51
C GLU D 102 47.50 -24.40 -15.85
N SER D 103 47.63 -24.05 -17.12
CA SER D 103 48.88 -23.48 -17.62
C SER D 103 49.05 -22.04 -17.13
N TYR D 104 50.25 -21.52 -17.32
CA TYR D 104 50.57 -20.16 -16.88
C TYR D 104 49.89 -19.12 -17.77
N ASP D 105 50.01 -19.28 -19.09
CA ASP D 105 49.56 -18.24 -20.00
C ASP D 105 48.04 -18.12 -20.00
N VAL D 106 47.33 -19.24 -19.89
CA VAL D 106 45.87 -19.17 -19.83
C VAL D 106 45.42 -18.51 -18.53
N LYS D 107 46.14 -18.75 -17.44
CA LYS D 107 45.76 -18.17 -16.16
C LYS D 107 46.00 -16.67 -16.11
N LEU D 108 47.02 -16.18 -16.82
CA LEU D 108 47.28 -14.74 -16.84
C LEU D 108 46.14 -13.97 -17.50
N ARG D 109 45.52 -14.57 -18.52
CA ARG D 109 44.34 -13.94 -19.13
C ARG D 109 43.20 -13.89 -18.13
N GLN D 110 43.00 -14.96 -17.36
CA GLN D 110 41.97 -14.96 -16.33
C GLN D 110 42.30 -13.98 -15.21
N TYR D 111 43.59 -13.76 -14.95
CA TYR D 111 43.99 -12.71 -14.02
C TYR D 111 43.49 -11.35 -14.50
N GLU D 112 43.55 -11.11 -15.82
CA GLU D 112 43.07 -9.84 -16.35
C GLU D 112 41.58 -9.67 -16.13
N GLU D 113 40.80 -10.73 -16.38
CA GLU D 113 39.35 -10.66 -16.15
C GLU D 113 39.04 -10.34 -14.70
N LYS D 114 39.80 -10.93 -13.77
CA LYS D 114 39.60 -10.64 -12.36
C LYS D 114 40.11 -9.24 -11.99
N LYS D 115 41.12 -8.76 -12.70
CA LYS D 115 41.65 -7.42 -12.44
C LYS D 115 40.64 -6.33 -12.83
N GLU D 116 40.00 -6.49 -13.99
CA GLU D 116 39.06 -5.47 -14.44
C GLU D 116 37.79 -5.46 -13.60
N ALA D 117 37.34 -6.64 -13.17
CA ALA D 117 36.12 -6.72 -12.37
C ALA D 117 36.29 -6.00 -11.04
N PHE D 118 37.39 -6.27 -10.34
CA PHE D 118 37.64 -5.61 -9.06
C PHE D 118 37.83 -4.10 -9.25
N ARG D 119 38.61 -3.71 -10.25
CA ARG D 119 38.68 -2.30 -10.61
C ARG D 119 37.30 -1.77 -11.00
N GLY D 120 36.59 -2.52 -11.84
CA GLY D 120 35.27 -2.08 -12.29
C GLY D 120 34.25 -2.04 -11.18
N CYS D 121 34.31 -3.01 -10.25
CA CYS D 121 33.35 -3.05 -9.16
C CYS D 121 33.41 -1.77 -8.33
N LEU D 122 34.63 -1.31 -8.00
CA LEU D 122 34.78 -0.10 -7.21
C LEU D 122 34.16 1.10 -7.92
N LEU D 123 34.38 1.21 -9.23
CA LEU D 123 33.84 2.33 -9.98
C LEU D 123 32.31 2.24 -10.10
N ASN D 124 31.80 1.06 -10.45
CA ASN D 124 30.37 0.92 -10.73
C ASN D 124 29.53 1.03 -9.45
N LYS D 125 30.05 0.57 -8.31
CA LYS D 125 29.26 0.62 -7.09
C LYS D 125 29.20 2.01 -6.48
N ASN D 126 30.24 2.82 -6.68
CA ASN D 126 30.32 4.14 -6.08
C ASN D 126 29.86 5.26 -7.01
N ARG D 127 29.24 4.91 -8.15
CA ARG D 127 28.73 5.95 -9.05
C ARG D 127 27.73 6.85 -8.35
N LYS D 128 26.81 6.26 -7.57
CA LYS D 128 25.83 7.06 -6.85
C LYS D 128 26.49 7.93 -5.78
N ASN D 129 27.64 7.49 -5.26
CA ASN D 129 28.38 8.33 -4.32
C ASN D 129 28.99 9.54 -5.03
N LEU D 130 29.30 9.42 -6.32
CA LEU D 130 29.85 10.57 -7.06
C LEU D 130 28.82 11.69 -7.18
N ASP D 131 27.56 11.35 -7.43
CA ASP D 131 26.54 12.37 -7.60
C ASP D 131 26.32 13.18 -6.32
N GLN D 132 26.48 12.54 -5.17
CA GLN D 132 26.35 13.27 -3.90
C GLN D 132 27.45 14.31 -3.75
N ILE D 133 28.67 13.98 -4.19
CA ILE D 133 29.79 14.91 -4.06
C ILE D 133 29.50 16.21 -4.81
N LYS D 134 29.01 16.10 -6.04
CA LYS D 134 28.66 17.29 -6.81
C LYS D 134 27.58 18.09 -6.10
N LYS D 135 26.53 17.42 -5.61
CA LYS D 135 25.48 18.10 -4.88
C LYS D 135 26.04 18.85 -3.68
N ILE D 136 26.95 18.23 -2.94
CA ILE D 136 27.59 18.91 -1.81
C ILE D 136 28.45 20.07 -2.30
N ASN D 137 29.22 19.84 -3.38
CA ASN D 137 30.00 20.93 -3.97
C ASN D 137 29.08 22.07 -4.41
N ASN D 138 27.92 21.75 -4.97
CA ASN D 138 26.95 22.78 -5.33
C ASN D 138 26.31 23.39 -4.09
N GLU D 139 26.04 22.58 -3.08
CA GLU D 139 25.48 23.09 -1.83
C GLU D 139 26.48 23.96 -1.08
N ILE D 140 27.77 23.64 -1.19
CA ILE D 140 28.80 24.42 -0.50
C ILE D 140 28.89 25.83 -1.10
N ARG D 141 28.81 25.94 -2.42
CA ARG D 141 28.91 27.24 -3.06
C ARG D 141 27.73 28.14 -2.69
N ASP D 142 26.51 27.58 -2.67
CA ASP D 142 25.34 28.36 -2.30
C ASP D 142 25.43 28.83 -0.85
N LEU D 143 25.98 27.99 0.03
CA LEU D 143 26.15 28.37 1.43
C LEU D 143 27.17 29.48 1.60
N LEU D 144 28.10 29.63 0.66
CA LEU D 144 29.09 30.70 0.74
C LEU D 144 28.47 32.07 0.49
N GLU D 145 27.28 32.13 -0.12
CA GLU D 145 26.56 33.39 -0.25
C GLU D 145 26.06 33.92 1.09
N LYS D 146 26.20 33.15 2.17
CA LYS D 146 25.73 33.58 3.48
C LYS D 146 26.62 34.66 4.09
N LEU D 147 27.88 34.76 3.66
CA LEU D 147 28.76 35.79 4.18
C LEU D 147 28.20 37.18 3.91
N LYS D 148 28.26 38.04 4.94
CA LYS D 148 27.73 39.40 4.78
C LYS D 148 28.51 40.18 3.75
N CYS D 149 29.84 40.13 3.83
CA CYS D 149 30.68 40.85 2.87
C CYS D 149 30.40 40.35 1.45
N SER D 150 30.36 41.28 0.50
CA SER D 150 30.06 40.97 -0.89
C SER D 150 31.22 41.35 -1.80
N GLN D 151 31.48 42.64 -2.00
CA GLN D 151 32.67 43.11 -2.69
C GLN D 151 33.78 43.49 -1.72
N ASP D 152 33.52 43.40 -0.42
CA ASP D 152 34.45 43.82 0.63
C ASP D 152 34.85 42.66 1.52
N CYS D 153 34.93 41.45 0.97
CA CYS D 153 35.30 40.28 1.76
C CYS D 153 36.80 40.29 2.01
N GLN D 154 37.17 40.21 3.29
CA GLN D 154 38.57 40.18 3.68
C GLN D 154 39.04 38.74 3.75
N THR D 155 40.12 38.44 3.02
CA THR D 155 40.71 37.10 3.07
C THR D 155 41.60 36.93 4.29
N ASN D 156 41.08 37.28 5.47
CA ASN D 156 41.78 37.02 6.71
C ASN D 156 42.03 35.52 6.88
N VAL D 157 40.95 34.74 6.91
CA VAL D 157 41.07 33.30 7.16
C VAL D 157 41.82 32.61 6.03
N TYR D 158 41.58 33.06 4.78
CA TYR D 158 42.20 32.41 3.63
C TYR D 158 43.72 32.38 3.75
N PHE D 159 44.33 33.40 4.36
CA PHE D 159 45.78 33.45 4.49
C PHE D 159 46.29 32.87 5.80
N ASP D 160 45.44 32.78 6.83
CA ASP D 160 45.82 32.02 8.00
C ASP D 160 45.84 30.53 7.70
N MET D 161 45.06 30.09 6.71
CA MET D 161 45.09 28.68 6.30
C MET D 161 46.40 28.33 5.61
N ILE D 162 46.95 29.26 4.83
CA ILE D 162 48.18 28.98 4.10
C ILE D 162 49.34 28.83 5.07
N LYS D 163 49.37 29.63 6.14
CA LYS D 163 50.43 29.48 7.14
C LYS D 163 50.35 28.14 7.84
N ILE D 164 49.14 27.62 8.03
CA ILE D 164 48.97 26.32 8.69
C ILE D 164 49.31 25.19 7.73
N TYR D 165 48.92 25.35 6.46
CA TYR D 165 49.21 24.32 5.46
C TYR D 165 50.72 24.15 5.28
N LEU D 166 51.45 25.27 5.17
CA LEU D 166 52.89 25.21 4.92
C LEU D 166 53.61 24.28 5.89
N VAL D 167 53.16 24.25 7.15
CA VAL D 167 53.77 23.35 8.12
C VAL D 167 53.53 21.90 7.71
N ASP D 168 52.35 21.60 7.17
CA ASP D 168 52.05 20.24 6.75
C ASP D 168 52.91 19.81 5.57
N PHE D 169 53.31 20.75 4.71
CA PHE D 169 54.10 20.38 3.55
C PHE D 169 55.50 19.94 3.93
N LYS D 170 56.06 20.49 5.01
CA LYS D 170 57.35 20.03 5.51
C LYS D 170 57.28 18.62 6.10
N LYS D 171 56.09 18.10 6.38
CA LYS D 171 55.95 16.78 6.99
C LYS D 171 56.23 15.63 6.03
N MET D 172 56.22 15.89 4.72
CA MET D 172 56.60 14.85 3.78
C MET D 172 57.77 15.33 2.92
N PRO D 173 58.71 14.45 2.60
CA PRO D 173 59.89 14.88 1.83
C PRO D 173 59.78 14.53 0.36
N TYR D 174 59.41 15.49 -0.48
CA TYR D 174 59.30 15.21 -1.90
C TYR D 174 60.62 14.73 -2.47
N GLU D 175 61.74 15.30 -2.00
CA GLU D 175 63.03 14.98 -2.59
C GLU D 175 63.42 13.52 -2.35
N ASN D 176 63.14 13.01 -1.15
CA ASN D 176 63.48 11.62 -0.85
C ASN D 176 62.62 10.65 -1.66
N TYR D 177 61.33 10.96 -1.82
CA TYR D 177 60.47 10.12 -2.64
C TYR D 177 60.93 10.10 -4.08
N ASP D 178 61.42 11.23 -4.59
CA ASP D 178 61.88 11.28 -5.97
C ASP D 178 63.14 10.45 -6.17
N THR D 179 64.09 10.52 -5.22
CA THR D 179 65.28 9.69 -5.32
C THR D 179 64.93 8.21 -5.24
N PHE D 180 63.87 7.87 -4.51
CA PHE D 180 63.51 6.48 -4.32
C PHE D 180 62.90 5.87 -5.58
N ILE D 181 62.10 6.65 -6.32
CA ILE D 181 61.42 6.10 -7.48
C ILE D 181 62.39 5.89 -8.64
N LYS D 182 63.37 6.78 -8.79
CA LYS D 182 64.36 6.59 -9.85
C LYS D 182 65.19 5.34 -9.61
N GLN D 183 65.75 5.20 -8.41
CA GLN D 183 66.50 4.00 -8.06
C GLN D 183 65.65 2.75 -8.21
N TYR D 184 64.41 2.80 -7.70
CA TYR D 184 63.50 1.67 -7.86
C TYR D 184 63.23 1.39 -9.33
N LYS D 185 62.98 2.44 -10.12
CA LYS D 185 62.77 2.26 -11.55
C LYS D 185 64.02 1.70 -12.22
N ASN D 186 65.19 2.23 -11.86
CA ASN D 186 66.44 1.74 -12.42
C ASN D 186 66.63 0.26 -12.13
N SER D 187 66.44 -0.14 -10.86
CA SER D 187 66.50 -1.56 -10.51
C SER D 187 65.39 -2.34 -11.23
N TYR D 188 64.20 -1.73 -11.34
CA TYR D 188 63.12 -2.36 -12.09
C TYR D 188 63.44 -2.45 -13.57
N LEU D 189 63.83 -1.31 -14.17
CA LEU D 189 64.05 -1.29 -15.62
C LEU D 189 65.25 -2.14 -16.02
N SER D 190 66.29 -2.18 -15.18
CA SER D 190 67.46 -2.99 -15.50
C SER D 190 67.10 -4.47 -15.60
N GLY D 191 66.24 -4.94 -14.69
CA GLY D 191 65.80 -6.32 -14.76
C GLY D 191 64.87 -6.59 -15.93
N VAL D 192 63.98 -5.64 -16.21
CA VAL D 192 63.02 -5.82 -17.31
C VAL D 192 63.76 -5.94 -18.64
N ASP D 193 64.68 -5.01 -18.91
CA ASP D 193 65.41 -5.05 -20.17
C ASP D 193 66.29 -6.29 -20.28
N MET D 194 66.80 -6.78 -19.15
CA MET D 194 67.67 -7.95 -19.19
C MET D 194 66.89 -9.20 -19.57
N ILE D 195 65.78 -9.47 -18.88
CA ILE D 195 65.07 -10.74 -19.04
C ILE D 195 64.72 -10.99 -20.49
N ARG D 196 64.31 -9.93 -21.21
CA ARG D 196 63.86 -10.08 -22.60
C ARG D 196 64.93 -10.73 -23.47
N LYS D 197 66.20 -10.39 -23.23
CA LYS D 197 67.29 -10.97 -24.02
C LYS D 197 67.59 -12.40 -23.59
N ILE D 198 67.33 -12.74 -22.33
CA ILE D 198 67.62 -14.08 -21.82
C ILE D 198 66.47 -15.06 -22.10
N GLU D 199 65.27 -14.56 -22.38
CA GLU D 199 64.12 -15.41 -22.67
C GLU D 199 64.46 -16.47 -23.73
N LYS D 200 65.19 -16.06 -24.78
CA LYS D 200 65.54 -16.99 -25.85
C LYS D 200 66.56 -18.04 -25.40
N GLN D 201 67.33 -17.75 -24.35
CA GLN D 201 68.46 -18.60 -24.01
C GLN D 201 68.05 -19.82 -23.19
N ILE D 202 67.17 -19.63 -22.20
CA ILE D 202 66.88 -20.65 -21.20
C ILE D 202 65.43 -21.10 -21.37
N ASP D 203 65.25 -22.42 -21.48
CA ASP D 203 63.91 -23.02 -21.52
C ASP D 203 63.49 -23.40 -20.11
N ASN D 204 63.20 -22.38 -19.31
CA ASN D 204 62.87 -22.53 -17.89
C ASN D 204 61.62 -21.70 -17.61
N PRO D 205 60.47 -22.10 -18.14
CA PRO D 205 59.30 -21.21 -18.11
C PRO D 205 58.74 -20.97 -16.71
N VAL D 206 58.79 -21.97 -15.83
CA VAL D 206 58.06 -21.87 -14.57
C VAL D 206 58.61 -20.73 -13.71
N THR D 207 59.93 -20.54 -13.68
CA THR D 207 60.50 -19.44 -12.93
C THR D 207 60.72 -18.20 -13.78
N ILE D 208 60.93 -18.35 -15.09
CA ILE D 208 61.12 -17.18 -15.95
C ILE D 208 59.80 -16.44 -16.14
N ASN D 209 58.73 -17.17 -16.47
CA ASN D 209 57.44 -16.52 -16.70
C ASN D 209 56.90 -15.87 -15.43
N ALA D 210 57.21 -16.44 -14.27
CA ALA D 210 56.73 -15.86 -13.01
C ALA D 210 57.38 -14.52 -12.71
N ILE D 211 58.63 -14.32 -13.10
CA ILE D 211 59.31 -13.06 -12.85
C ILE D 211 58.68 -11.95 -13.70
N LYS D 212 58.54 -12.20 -15.00
CA LYS D 212 58.06 -11.17 -15.91
C LYS D 212 56.67 -10.66 -15.52
N PHE D 213 55.87 -11.51 -14.89
CA PHE D 213 54.57 -11.06 -14.39
C PHE D 213 54.75 -10.09 -13.22
N THR D 214 55.65 -10.43 -12.29
CA THR D 214 55.92 -9.53 -11.17
C THR D 214 56.42 -8.17 -11.66
N GLN D 215 57.16 -8.15 -12.78
CA GLN D 215 57.62 -6.88 -13.34
C GLN D 215 56.43 -6.09 -13.90
N LYS D 216 55.58 -6.74 -14.69
CA LYS D 216 54.39 -6.06 -15.22
C LYS D 216 53.54 -5.49 -14.09
N GLU D 217 53.36 -6.26 -13.02
CA GLU D 217 52.68 -5.73 -11.84
C GLU D 217 53.38 -4.50 -11.31
N MET D 218 54.69 -4.61 -11.05
CA MET D 218 55.46 -3.47 -10.57
C MET D 218 55.37 -2.30 -11.53
N GLY D 219 55.31 -2.57 -12.84
CA GLY D 219 55.21 -1.50 -13.82
C GLY D 219 53.95 -0.66 -13.64
N TYR D 220 52.84 -1.31 -13.27
CA TYR D 220 51.63 -0.57 -12.96
C TYR D 220 51.74 0.17 -11.63
N ILE D 221 52.48 -0.39 -10.68
CA ILE D 221 52.59 0.24 -9.36
C ILE D 221 53.51 1.44 -9.41
N ILE D 222 54.61 1.36 -10.16
CA ILE D 222 55.52 2.50 -10.23
C ILE D 222 54.85 3.66 -10.97
N ASP D 223 54.03 3.36 -11.98
CA ASP D 223 53.29 4.40 -12.66
C ASP D 223 52.32 5.08 -11.71
N ARG D 224 51.65 4.31 -10.86
CA ARG D 224 50.75 4.89 -9.86
C ARG D 224 51.51 5.74 -8.86
N PHE D 225 52.77 5.37 -8.57
CA PHE D 225 53.61 6.20 -7.72
C PHE D 225 53.99 7.50 -8.42
N GLU D 226 54.23 7.44 -9.73
CA GLU D 226 54.62 8.63 -10.48
C GLU D 226 53.46 9.61 -10.61
N TYR D 227 52.27 9.09 -10.93
CA TYR D 227 51.09 9.94 -11.00
C TYR D 227 50.85 10.66 -9.68
N HIS D 228 50.91 9.92 -8.57
CA HIS D 228 50.67 10.53 -7.26
C HIS D 228 51.76 11.52 -6.90
N LEU D 229 53.00 11.22 -7.28
CA LEU D 229 54.10 12.12 -6.94
C LEU D 229 54.01 13.44 -7.70
N GLN D 230 53.62 13.38 -8.98
CA GLN D 230 53.54 14.60 -9.78
C GLN D 230 52.41 15.51 -9.30
N LYS D 231 51.34 14.93 -8.75
CA LYS D 231 50.23 15.76 -8.26
C LYS D 231 50.59 16.43 -6.94
N VAL D 232 51.33 15.72 -6.07
CA VAL D 232 51.81 16.35 -4.84
C VAL D 232 52.78 17.46 -5.16
N LYS D 233 53.66 17.25 -6.16
CA LYS D 233 54.57 18.30 -6.59
C LYS D 233 53.82 19.51 -7.14
N HIS D 234 52.80 19.26 -7.96
CA HIS D 234 51.98 20.36 -8.47
C HIS D 234 51.21 21.03 -7.33
N SER D 235 50.68 20.24 -6.39
CA SER D 235 49.88 20.81 -5.31
C SER D 235 50.72 21.54 -4.29
N ILE D 236 51.95 21.08 -4.03
CA ILE D 236 52.80 21.78 -3.07
C ILE D 236 53.28 23.11 -3.64
N ASP D 237 53.46 23.19 -4.96
CA ASP D 237 54.06 24.37 -5.57
C ASP D 237 53.06 25.51 -5.73
N GLN D 238 51.78 25.19 -5.97
CA GLN D 238 50.81 26.25 -6.19
C GLN D 238 50.49 26.99 -4.89
N VAL D 239 50.36 26.26 -3.78
CA VAL D 239 50.12 26.92 -2.49
C VAL D 239 51.29 27.82 -2.14
N THR D 240 52.52 27.38 -2.43
CA THR D 240 53.68 28.23 -2.19
C THR D 240 53.73 29.38 -3.18
N ALA D 241 53.23 29.19 -4.40
CA ALA D 241 53.21 30.26 -5.38
C ALA D 241 52.21 31.35 -4.99
N LEU D 242 51.06 30.96 -4.44
CA LEU D 242 50.08 31.94 -3.99
C LEU D 242 50.62 32.76 -2.82
N SER D 243 51.38 32.12 -1.93
CA SER D 243 51.97 32.85 -0.81
C SER D 243 53.00 33.86 -1.28
N ASP D 244 53.75 33.52 -2.34
CA ASP D 244 54.74 34.45 -2.87
C ASP D 244 54.08 35.60 -3.61
N GLY D 245 52.97 35.35 -4.29
CA GLY D 245 52.27 36.42 -4.97
C GLY D 245 51.69 37.43 -3.99
N VAL D 246 51.50 38.65 -4.49
CA VAL D 246 50.99 39.72 -3.64
C VAL D 246 49.59 39.37 -3.14
N LYS D 247 49.26 39.87 -1.97
CA LYS D 247 48.04 39.48 -1.26
C LYS D 247 47.09 40.66 -1.08
N PRO D 248 45.92 40.66 -1.72
CA PRO D 248 44.95 41.71 -1.46
C PRO D 248 44.30 41.51 -0.10
N LYS D 249 44.09 42.61 0.63
CA LYS D 249 43.45 42.52 1.93
C LYS D 249 41.97 42.22 1.80
N GLN D 250 41.27 42.95 0.92
CA GLN D 250 39.84 42.76 0.72
C GLN D 250 39.56 42.30 -0.71
N VAL D 251 38.61 41.37 -0.84
CA VAL D 251 38.30 40.70 -2.10
C VAL D 251 36.80 40.52 -2.18
N THR D 252 36.31 40.05 -3.33
CA THR D 252 34.89 39.80 -3.54
C THR D 252 34.44 38.53 -2.84
N LYS D 253 33.17 38.52 -2.42
CA LYS D 253 32.57 37.30 -1.88
C LYS D 253 32.62 36.18 -2.91
N ASN D 254 32.19 36.45 -4.14
CA ASN D 254 32.19 35.44 -5.18
C ASN D 254 33.61 35.01 -5.51
N ARG D 255 34.57 35.95 -5.47
CA ARG D 255 35.96 35.57 -5.68
C ARG D 255 36.51 34.78 -4.51
N LEU D 256 36.06 35.10 -3.29
CA LEU D 256 36.47 34.31 -2.13
C LEU D 256 35.97 32.87 -2.22
N LYS D 257 34.87 32.64 -2.94
CA LYS D 257 34.39 31.29 -3.17
C LYS D 257 35.42 30.47 -3.94
N GLU D 258 35.81 30.96 -5.12
CA GLU D 258 36.87 30.29 -5.88
C GLU D 258 38.18 30.30 -5.11
N TYR D 259 38.44 31.35 -4.32
CA TYR D 259 39.65 31.38 -3.51
C TYR D 259 39.64 30.28 -2.45
N TYR D 260 38.51 30.10 -1.76
CA TYR D 260 38.42 29.07 -0.75
C TYR D 260 38.49 27.67 -1.36
N PHE D 261 37.94 27.50 -2.56
CA PHE D 261 38.00 26.20 -3.22
C PHE D 261 39.43 25.86 -3.64
N ASN D 262 40.20 26.87 -4.06
CA ASN D 262 41.53 26.60 -4.59
C ASN D 262 42.47 26.03 -3.52
N ILE D 263 42.45 26.61 -2.32
CA ILE D 263 43.29 26.08 -1.25
C ILE D 263 42.80 24.70 -0.82
N GLY D 264 41.49 24.51 -0.76
CA GLY D 264 40.95 23.22 -0.33
C GLY D 264 41.12 22.14 -1.38
N ASN D 265 40.94 22.49 -2.65
CA ASN D 265 41.10 21.51 -3.72
C ASN D 265 42.53 21.00 -3.80
N TYR D 266 43.51 21.91 -3.81
CA TYR D 266 44.90 21.51 -3.89
C TYR D 266 45.37 20.81 -2.62
N TYR D 267 44.87 21.23 -1.45
CA TYR D 267 45.28 20.58 -0.21
C TYR D 267 44.62 19.22 -0.04
N SER D 268 43.41 19.03 -0.58
CA SER D 268 42.78 17.72 -0.51
C SER D 268 43.64 16.67 -1.21
N ILE D 269 44.25 17.04 -2.34
CA ILE D 269 45.08 16.09 -3.08
C ILE D 269 46.35 15.77 -2.31
N PHE D 270 46.94 16.77 -1.65
CA PHE D 270 48.16 16.52 -0.88
C PHE D 270 47.90 15.56 0.26
N LYS D 271 46.93 15.87 1.11
CA LYS D 271 46.57 14.96 2.21
C LYS D 271 46.17 13.60 1.67
N PHE D 272 45.41 13.57 0.57
CA PHE D 272 45.07 12.31 -0.07
C PHE D 272 46.29 11.67 -0.72
N GLY D 273 47.17 12.49 -1.29
CA GLY D 273 48.38 11.94 -1.88
C GLY D 273 49.35 11.39 -0.85
N LYS D 274 49.43 12.05 0.31
CA LYS D 274 50.34 11.60 1.35
C LYS D 274 49.96 10.22 1.87
N ASP D 275 48.66 9.97 2.05
CA ASP D 275 48.22 8.67 2.52
C ASP D 275 48.45 7.58 1.49
N SER D 276 48.15 7.87 0.22
CA SER D 276 48.33 6.88 -0.83
C SER D 276 49.80 6.67 -1.16
N LEU D 277 50.59 7.75 -1.16
CA LEU D 277 52.02 7.63 -1.44
C LEU D 277 52.70 6.69 -0.45
N ASN D 278 52.32 6.76 0.82
CA ASN D 278 52.92 5.88 1.82
C ASN D 278 52.60 4.42 1.51
N MET D 279 51.33 4.12 1.21
CA MET D 279 50.97 2.75 0.86
C MET D 279 51.73 2.27 -0.36
N LEU D 280 51.84 3.12 -1.38
CA LEU D 280 52.60 2.74 -2.57
C LEU D 280 54.06 2.43 -2.22
N ASN D 281 54.65 3.20 -1.31
CA ASN D 281 56.02 2.94 -0.89
C ASN D 281 56.15 1.57 -0.25
N LYS D 282 55.33 1.30 0.78
CA LYS D 282 55.38 0.01 1.44
C LYS D 282 54.99 -1.12 0.50
N ALA D 283 53.98 -0.90 -0.33
CA ALA D 283 53.61 -1.91 -1.32
C ALA D 283 54.73 -2.15 -2.32
N LEU D 284 55.39 -1.07 -2.78
CA LEU D 284 56.48 -1.22 -3.72
C LEU D 284 57.65 -1.98 -3.10
N ILE D 285 58.06 -1.58 -1.89
CA ILE D 285 59.20 -2.22 -1.24
C ILE D 285 59.00 -3.73 -1.15
N HIS D 286 57.78 -4.15 -0.79
CA HIS D 286 57.50 -5.57 -0.67
C HIS D 286 57.68 -6.29 -2.01
N LYS D 287 57.18 -5.70 -3.10
CA LYS D 287 57.30 -6.34 -4.40
C LYS D 287 58.77 -6.52 -4.80
N GLU D 288 59.63 -5.57 -4.42
CA GLU D 288 61.05 -5.71 -4.73
C GLU D 288 61.66 -6.90 -4.00
N LYS D 289 61.21 -7.15 -2.77
CA LYS D 289 61.72 -8.29 -2.02
C LYS D 289 61.47 -9.59 -2.77
N ILE D 290 60.25 -9.77 -3.28
CA ILE D 290 59.87 -11.05 -3.89
C ILE D 290 60.59 -11.25 -5.23
N VAL D 291 60.60 -10.22 -6.08
CA VAL D 291 61.24 -10.36 -7.39
C VAL D 291 62.74 -10.58 -7.22
N HIS D 292 63.35 -9.91 -6.24
CA HIS D 292 64.75 -10.18 -5.92
C HIS D 292 64.89 -11.51 -5.18
N ASN D 293 63.87 -11.89 -4.41
CA ASN D 293 63.87 -13.23 -3.80
C ASN D 293 63.86 -14.31 -4.86
N LEU D 294 62.91 -14.24 -5.78
CA LEU D 294 62.79 -15.23 -6.85
C LEU D 294 63.96 -15.17 -7.82
N LEU D 295 64.64 -14.02 -7.91
CA LEU D 295 65.81 -13.93 -8.78
C LEU D 295 66.95 -14.80 -8.28
N GLY D 296 67.21 -14.77 -6.97
CA GLY D 296 68.31 -15.55 -6.42
C GLY D 296 68.06 -17.05 -6.51
N GLU D 297 66.82 -17.47 -6.32
CA GLU D 297 66.50 -18.89 -6.39
C GLU D 297 66.64 -19.44 -7.80
N LEU D 298 66.48 -18.58 -8.81
CA LEU D 298 66.55 -19.04 -10.20
C LEU D 298 67.97 -19.47 -10.58
N PHE D 299 68.97 -18.67 -10.21
CA PHE D 299 70.33 -18.94 -10.65
C PHE D 299 70.92 -20.16 -9.94
N GLY D 300 70.58 -20.36 -8.66
CA GLY D 300 71.12 -21.50 -7.95
C GLY D 300 70.51 -22.81 -8.39
N HIS D 301 69.18 -22.84 -8.55
CA HIS D 301 68.51 -24.06 -9.00
C HIS D 301 68.91 -24.42 -10.43
N LEU D 302 69.04 -23.43 -11.30
CA LEU D 302 69.40 -23.69 -12.69
C LEU D 302 70.80 -24.26 -12.80
N GLU D 303 71.67 -23.97 -11.84
CA GLU D 303 73.05 -24.42 -11.91
C GLU D 303 73.16 -25.94 -11.77
N GLU D 304 72.27 -26.56 -11.01
CA GLU D 304 72.41 -28.01 -10.79
C GLU D 304 71.82 -28.82 -11.94
N ARG D 305 70.70 -28.36 -12.50
CA ARG D 305 70.02 -29.11 -13.56
C ARG D 305 70.96 -29.40 -14.74
N ILE D 306 71.55 -28.35 -15.32
CA ILE D 306 72.47 -28.59 -16.41
C ILE D 306 73.78 -29.24 -15.94
N SER D 307 74.18 -29.00 -14.68
CA SER D 307 75.31 -29.65 -14.00
C SER D 307 75.68 -28.92 -12.71
N VAL E 21 7.74 20.17 -8.78
CA VAL E 21 7.81 20.16 -7.33
C VAL E 21 6.47 20.60 -6.73
N LYS E 22 5.85 19.72 -5.97
CA LYS E 22 4.54 19.96 -5.39
C LYS E 22 4.61 19.87 -3.87
N LEU E 23 3.74 20.65 -3.21
CA LEU E 23 3.74 20.75 -1.76
C LEU E 23 2.32 20.97 -1.29
N VAL E 24 1.82 20.07 -0.44
CA VAL E 24 0.48 20.18 0.12
C VAL E 24 0.57 20.09 1.64
N GLU E 25 -0.48 20.55 2.31
CA GLU E 25 -0.58 20.52 3.75
C GLU E 25 -1.87 19.81 4.15
N SER E 26 -1.86 19.19 5.33
CA SER E 26 -3.06 18.57 5.85
C SER E 26 -4.06 19.65 6.26
N GLU E 27 -5.32 19.25 6.39
CA GLU E 27 -6.40 20.19 6.64
C GLU E 27 -6.42 20.63 8.10
N GLY E 28 -6.69 21.92 8.31
CA GLY E 28 -6.86 22.46 9.63
C GLY E 28 -8.25 23.04 9.79
N GLY E 29 -8.76 23.01 11.01
CA GLY E 29 -10.10 23.49 11.29
C GLY E 29 -10.16 24.24 12.61
N LEU E 30 -11.28 24.92 12.81
CA LEU E 30 -11.52 25.63 14.06
C LEU E 30 -11.44 24.67 15.24
N VAL E 31 -10.76 25.09 16.30
CA VAL E 31 -10.45 24.21 17.41
C VAL E 31 -10.48 25.00 18.71
N GLN E 32 -10.85 24.31 19.79
CA GLN E 32 -10.86 24.88 21.13
C GLN E 32 -9.42 25.16 21.58
N PRO E 33 -9.25 25.85 22.72
CA PRO E 33 -7.88 26.11 23.22
C PRO E 33 -6.98 24.88 23.29
N GLY E 34 -7.51 23.70 23.58
CA GLY E 34 -6.70 22.52 23.60
C GLY E 34 -6.29 22.10 22.19
N SER E 35 -5.10 21.50 22.09
CA SER E 35 -4.54 21.11 20.80
C SER E 35 -5.23 19.85 20.31
N SER E 36 -6.25 20.04 19.47
CA SER E 36 -6.96 18.93 18.86
C SER E 36 -6.67 18.81 17.37
N MET E 37 -5.62 19.48 16.87
CA MET E 37 -5.33 19.48 15.45
C MET E 37 -3.82 19.38 15.24
N ASN E 38 -3.43 18.74 14.14
CA ASN E 38 -2.04 18.52 13.77
C ASN E 38 -1.91 18.71 12.27
N LEU E 39 -0.80 19.29 11.82
CA LEU E 39 -0.62 19.59 10.40
C LEU E 39 0.54 18.78 9.85
N SER E 40 0.26 17.95 8.85
CA SER E 40 1.26 17.17 8.13
C SER E 40 1.45 17.76 6.74
N CYS E 41 2.66 17.60 6.21
CA CYS E 41 3.06 18.23 4.96
C CYS E 41 3.64 17.18 4.02
N THR E 42 3.04 17.05 2.84
CA THR E 42 3.45 16.04 1.86
C THR E 42 4.36 16.68 0.82
N ALA E 43 5.46 16.01 0.49
CA ALA E 43 6.48 16.52 -0.40
C ALA E 43 6.70 15.55 -1.56
N SER E 44 6.77 16.09 -2.78
CA SER E 44 6.97 15.27 -3.97
C SER E 44 7.67 16.10 -5.03
N GLY E 45 8.24 15.41 -6.02
CA GLY E 45 8.92 16.07 -7.12
C GLY E 45 10.35 16.48 -6.85
N PHE E 46 10.91 16.08 -5.70
CA PHE E 46 12.27 16.45 -5.35
C PHE E 46 12.78 15.49 -4.28
N THR E 47 14.09 15.53 -4.05
CA THR E 47 14.70 14.70 -3.03
C THR E 47 14.52 15.35 -1.65
N PHE E 48 14.00 14.57 -0.71
CA PHE E 48 13.59 15.11 0.59
C PHE E 48 14.77 15.25 1.55
N SER E 49 15.82 14.43 1.40
CA SER E 49 16.83 14.31 2.43
C SER E 49 17.88 15.41 2.37
N ASP E 50 18.13 15.99 1.19
CA ASP E 50 19.18 16.99 1.07
C ASP E 50 18.69 18.42 1.25
N TYR E 51 17.38 18.63 1.38
CA TYR E 51 16.80 19.96 1.52
C TYR E 51 16.23 20.12 2.92
N TYR E 52 16.55 21.25 3.56
CA TYR E 52 15.99 21.58 4.87
C TYR E 52 14.47 21.79 4.75
N MET E 53 13.82 21.84 5.92
CA MET E 53 12.37 22.01 5.98
C MET E 53 12.02 22.88 7.18
N ALA E 54 10.94 23.65 7.03
CA ALA E 54 10.53 24.57 8.09
C ALA E 54 9.09 25.01 7.88
N TRP E 55 8.42 25.30 8.98
CA TRP E 55 7.11 25.95 8.97
C TRP E 55 7.27 27.43 9.27
N VAL E 56 6.35 28.23 8.73
CA VAL E 56 6.37 29.68 8.91
C VAL E 56 4.93 30.16 9.06
N ARG E 57 4.67 30.92 10.12
CA ARG E 57 3.32 31.32 10.47
C ARG E 57 2.81 32.42 9.56
N GLN E 58 1.52 32.36 9.26
CA GLN E 58 0.87 33.32 8.37
C GLN E 58 -0.23 34.01 9.14
N VAL E 59 0.14 35.04 9.91
CA VAL E 59 -0.85 35.90 10.57
C VAL E 59 -1.78 36.49 9.51
N PRO E 60 -3.09 36.65 9.76
CA PRO E 60 -4.02 37.08 8.70
C PRO E 60 -3.57 38.26 7.85
N ASP E 61 -2.63 39.06 8.33
CA ASP E 61 -2.06 40.16 7.56
C ASP E 61 -0.54 40.11 7.67
N LYS E 62 0.11 39.51 6.67
CA LYS E 62 1.55 39.31 6.73
C LYS E 62 2.31 40.63 6.74
N GLY E 63 3.08 40.90 7.80
CA GLY E 63 3.22 39.99 8.92
C GLY E 63 3.80 38.61 8.69
N LEU E 64 4.75 38.48 7.76
CA LEU E 64 5.36 37.19 7.51
C LEU E 64 6.09 36.79 8.79
N GLU E 65 5.99 35.52 9.17
CA GLU E 65 6.66 35.05 10.39
C GLU E 65 7.19 33.64 10.30
N TRP E 66 8.20 33.35 11.11
CA TRP E 66 8.82 32.02 11.16
C TRP E 66 8.47 31.33 12.48
N VAL E 67 8.24 30.01 12.40
CA VAL E 67 7.91 29.20 13.57
C VAL E 67 9.04 28.25 13.92
N ALA E 68 9.36 27.32 13.02
CA ALA E 68 10.24 26.22 13.36
C ALA E 68 11.06 25.80 12.15
N SER E 69 12.22 25.22 12.41
CA SER E 69 13.08 24.63 11.38
C SER E 69 13.61 23.30 11.89
N VAL E 70 13.84 22.37 10.96
CA VAL E 70 14.29 21.03 11.29
C VAL E 70 15.34 20.58 10.26
N SER E 71 16.36 19.87 10.74
CA SER E 71 17.43 19.39 9.88
C SER E 71 16.97 18.18 9.07
N TYR E 72 17.85 17.73 8.16
CA TYR E 72 17.58 16.53 7.38
C TYR E 72 17.37 15.33 8.30
N ASP E 73 18.36 15.04 9.15
CA ASP E 73 18.28 13.92 10.07
C ASP E 73 17.13 14.10 11.06
N GLY E 74 16.81 15.34 11.41
CA GLY E 74 15.89 15.62 12.48
C GLY E 74 16.53 15.73 13.84
N SER E 75 17.86 15.64 13.92
CA SER E 75 18.54 15.71 15.22
C SER E 75 18.47 17.11 15.81
N ILE E 76 18.80 18.12 15.01
CA ILE E 76 18.79 19.50 15.47
C ILE E 76 17.55 20.19 14.91
N THR E 77 16.87 20.96 15.76
CA THR E 77 15.66 21.68 15.40
C THR E 77 15.73 23.10 15.93
N TYR E 78 15.14 24.03 15.18
CA TYR E 78 15.13 25.43 15.55
C TYR E 78 13.68 25.89 15.73
N TYR E 79 13.40 26.54 16.86
CA TYR E 79 12.07 27.04 17.17
C TYR E 79 12.13 28.54 17.45
N LEU E 80 10.99 29.19 17.26
CA LEU E 80 10.84 30.59 17.66
C LEU E 80 10.77 30.68 19.18
N ASP E 81 11.50 31.64 19.76
CA ASP E 81 11.54 31.74 21.22
C ASP E 81 10.21 32.21 21.81
N SER E 82 9.36 32.88 21.02
CA SER E 82 8.05 33.29 21.52
C SER E 82 7.23 32.10 21.98
N LEU E 83 7.42 30.95 21.33
CA LEU E 83 6.76 29.71 21.72
C LEU E 83 7.83 28.70 22.10
N LYS E 84 7.88 28.33 23.38
CA LYS E 84 8.85 27.36 23.89
C LYS E 84 8.13 26.08 24.28
N SER E 85 8.50 24.98 23.65
CA SER E 85 7.88 23.65 23.75
C SER E 85 6.41 23.62 23.38
N ARG E 86 5.81 24.74 22.99
CA ARG E 86 4.41 24.74 22.57
C ARG E 86 4.24 24.07 21.22
N PHE E 87 5.26 24.14 20.36
CA PHE E 87 5.27 23.50 19.06
C PHE E 87 6.48 22.59 18.96
N ILE E 88 6.29 21.39 18.45
CA ILE E 88 7.38 20.46 18.20
C ILE E 88 7.39 20.09 16.72
N ILE E 89 8.55 20.22 16.09
CA ILE E 89 8.71 19.82 14.69
C ILE E 89 9.20 18.38 14.65
N SER E 90 8.73 17.64 13.66
CA SER E 90 9.15 16.26 13.49
C SER E 90 9.14 15.94 12.00
N ARG E 91 10.21 15.31 11.53
CA ARG E 91 10.40 15.04 10.11
C ARG E 91 10.73 13.57 9.92
N ASP E 92 9.88 12.87 9.17
CA ASP E 92 10.07 11.45 8.89
C ASP E 92 10.56 11.33 7.46
N ASN E 93 11.87 11.07 7.31
CA ASN E 93 12.45 10.96 5.97
C ASN E 93 11.91 9.77 5.20
N VAL E 94 11.63 8.67 5.91
CA VAL E 94 11.09 7.49 5.25
C VAL E 94 9.66 7.72 4.81
N LYS E 95 8.91 8.55 5.53
CA LYS E 95 7.52 8.83 5.18
C LYS E 95 7.38 9.89 4.11
N ASN E 96 8.43 10.69 3.89
CA ASN E 96 8.40 11.80 2.95
C ASN E 96 7.35 12.84 3.33
N ILE E 97 7.02 12.93 4.62
CA ILE E 97 6.05 13.91 5.10
C ILE E 97 6.65 14.66 6.29
N LEU E 98 6.07 15.82 6.57
CA LEU E 98 6.55 16.72 7.61
C LEU E 98 5.47 16.88 8.67
N ASN E 99 5.85 16.69 9.94
CA ASN E 99 4.90 16.73 11.04
C ASN E 99 5.24 17.87 11.99
N LEU E 100 4.21 18.46 12.59
CA LEU E 100 4.38 19.56 13.54
C LEU E 100 3.20 19.54 14.50
N GLN E 101 3.48 19.27 15.78
CA GLN E 101 2.45 19.24 16.80
C GLN E 101 2.27 20.62 17.41
N MET E 102 1.06 20.88 17.89
CA MET E 102 0.75 22.10 18.63
C MET E 102 0.44 21.76 20.08
N SER E 103 0.63 22.75 20.94
CA SER E 103 0.30 22.63 22.36
C SER E 103 0.28 24.02 22.96
N SER E 104 -0.58 24.20 23.96
CA SER E 104 -0.75 25.48 24.65
C SER E 104 -1.02 26.61 23.66
N LEU E 105 -1.96 26.37 22.76
CA LEU E 105 -2.23 27.33 21.70
C LEU E 105 -2.87 28.58 22.26
N LYS E 106 -2.66 29.69 21.56
CA LYS E 106 -3.26 30.96 21.90
C LYS E 106 -3.99 31.52 20.69
N SER E 107 -4.80 32.55 20.93
CA SER E 107 -5.47 33.22 19.82
C SER E 107 -4.49 33.95 18.90
N GLU E 108 -3.22 34.05 19.30
CA GLU E 108 -2.20 34.65 18.45
C GLU E 108 -1.66 33.67 17.41
N ASP E 109 -2.06 32.39 17.50
CA ASP E 109 -1.71 31.38 16.52
C ASP E 109 -2.91 30.98 15.67
N THR E 110 -3.92 31.86 15.60
CA THR E 110 -5.16 31.64 14.85
C THR E 110 -4.91 31.78 13.36
N ALA E 111 -3.65 31.63 12.96
CA ALA E 111 -3.17 32.00 11.64
C ALA E 111 -3.09 30.79 10.72
N THR E 112 -3.33 31.02 9.43
CA THR E 112 -3.15 29.94 8.47
C THR E 112 -1.69 29.54 8.42
N TYR E 113 -1.41 28.31 8.00
CA TYR E 113 -0.08 27.74 8.15
C TYR E 113 0.43 27.22 6.81
N TYR E 114 1.69 27.54 6.51
CA TYR E 114 2.34 27.15 5.27
C TYR E 114 3.54 26.27 5.57
N CYS E 115 3.63 25.14 4.89
CA CYS E 115 4.83 24.30 4.89
C CYS E 115 5.64 24.62 3.64
N THR E 116 6.95 24.77 3.81
CA THR E 116 7.80 25.26 2.73
C THR E 116 9.17 24.59 2.77
N ARG E 117 9.76 24.43 1.59
CA ARG E 117 11.15 24.01 1.48
C ARG E 117 12.07 25.17 1.84
N VAL E 118 13.19 24.83 2.45
CA VAL E 118 14.16 25.83 2.92
C VAL E 118 15.49 25.62 2.21
N THR E 119 16.07 26.71 1.72
CA THR E 119 17.36 26.63 1.05
C THR E 119 18.46 26.37 2.07
N VAL E 120 19.65 26.08 1.54
CA VAL E 120 20.85 26.04 2.37
C VAL E 120 21.14 27.43 2.93
N VAL E 121 20.83 28.47 2.17
CA VAL E 121 21.07 29.85 2.60
C VAL E 121 19.94 30.39 3.46
N ASP E 122 18.93 29.57 3.78
CA ASP E 122 17.79 29.82 4.66
C ASP E 122 16.65 30.57 3.98
N SER E 123 16.79 30.96 2.71
CA SER E 123 15.62 31.45 1.99
C SER E 123 14.66 30.29 1.71
N PHE E 124 13.45 30.64 1.31
CA PHE E 124 12.39 29.66 1.11
C PHE E 124 12.22 29.43 -0.38
N ASP E 125 12.78 28.33 -0.89
CA ASP E 125 12.69 27.99 -2.30
C ASP E 125 11.24 27.95 -2.78
N TYR E 126 10.51 26.92 -2.38
CA TYR E 126 9.14 26.71 -2.84
C TYR E 126 8.18 26.79 -1.67
N TRP E 127 6.94 27.15 -1.96
CA TRP E 127 5.93 27.39 -0.95
C TRP E 127 4.74 26.47 -1.15
N GLY E 128 4.15 26.02 -0.04
CA GLY E 128 3.00 25.15 -0.09
C GLY E 128 1.69 25.91 -0.27
N GLN E 129 0.60 25.14 -0.36
CA GLN E 129 -0.70 25.74 -0.60
C GLN E 129 -1.25 26.43 0.64
N GLY E 130 -0.95 25.89 1.82
CA GLY E 130 -1.41 26.50 3.06
C GLY E 130 -2.67 25.85 3.60
N THR E 131 -2.94 26.13 4.87
CA THR E 131 -4.09 25.57 5.57
C THR E 131 -4.46 26.47 6.73
N THR E 132 -5.76 26.61 6.97
CA THR E 132 -6.28 27.58 7.94
C THR E 132 -6.64 26.88 9.25
N LEU E 133 -6.13 27.41 10.37
CA LEU E 133 -6.46 26.91 11.69
C LEU E 133 -6.94 28.07 12.55
N THR E 134 -8.07 27.89 13.22
CA THR E 134 -8.71 28.94 14.01
C THR E 134 -8.82 28.49 15.46
N VAL E 135 -8.26 29.30 16.37
CA VAL E 135 -8.32 29.05 17.80
C VAL E 135 -9.27 30.08 18.40
N SER E 136 -10.43 29.62 18.85
CA SER E 136 -11.41 30.53 19.45
C SER E 136 -12.33 29.75 20.36
N SER E 137 -12.81 30.43 21.40
CA SER E 137 -13.80 29.88 22.31
C SER E 137 -15.24 30.10 21.84
N ALA E 138 -15.43 30.88 20.77
CA ALA E 138 -16.77 31.16 20.27
C ALA E 138 -17.38 29.91 19.64
N LYS E 139 -18.69 29.77 19.79
CA LYS E 139 -19.40 28.63 19.25
C LYS E 139 -19.65 28.80 17.75
N THR E 140 -19.75 27.67 17.06
CA THR E 140 -20.08 27.70 15.64
C THR E 140 -21.52 28.16 15.45
N THR E 141 -21.72 29.08 14.50
CA THR E 141 -23.01 29.72 14.29
C THR E 141 -23.39 29.69 12.81
N ALA E 142 -24.68 29.59 12.56
CA ALA E 142 -25.19 29.54 11.19
C ALA E 142 -25.47 30.95 10.67
N PRO E 143 -25.20 31.20 9.38
CA PRO E 143 -25.42 32.55 8.83
C PRO E 143 -26.90 32.88 8.70
N SER E 144 -27.20 34.17 8.90
CA SER E 144 -28.55 34.70 8.70
C SER E 144 -28.51 35.57 7.46
N VAL E 145 -29.20 35.14 6.40
CA VAL E 145 -29.18 35.80 5.11
C VAL E 145 -30.55 36.40 4.84
N TYR E 146 -30.56 37.64 4.36
CA TYR E 146 -31.78 38.37 4.06
C TYR E 146 -31.70 38.98 2.67
N PRO E 147 -32.80 38.98 1.91
CA PRO E 147 -32.80 39.61 0.59
C PRO E 147 -32.53 41.11 0.70
N LEU E 148 -32.32 41.75 -0.45
CA LEU E 148 -32.05 43.17 -0.48
C LEU E 148 -32.66 43.80 -1.71
N ALA E 149 -33.31 44.95 -1.51
CA ALA E 149 -34.00 45.68 -2.56
C ALA E 149 -34.15 47.12 -2.11
N PRO E 150 -34.42 48.06 -3.04
CA PRO E 150 -34.60 49.44 -2.59
C PRO E 150 -35.99 49.70 -2.03
N VAL E 160 -29.51 50.87 -10.35
CA VAL E 160 -30.16 49.58 -10.16
C VAL E 160 -29.14 48.58 -9.60
N THR E 161 -28.85 48.73 -8.31
CA THR E 161 -27.94 47.84 -7.59
C THR E 161 -28.71 47.09 -6.52
N LEU E 162 -28.40 45.81 -6.36
CA LEU E 162 -29.02 44.97 -5.35
C LEU E 162 -27.94 44.19 -4.61
N GLY E 163 -28.30 43.59 -3.49
CA GLY E 163 -27.31 42.90 -2.70
C GLY E 163 -27.85 41.77 -1.85
N CYS E 164 -27.09 41.38 -0.83
CA CYS E 164 -27.46 40.28 0.06
C CYS E 164 -26.69 40.45 1.37
N LEU E 165 -27.41 40.43 2.47
CA LEU E 165 -26.84 40.68 3.79
C LEU E 165 -26.74 39.37 4.57
N VAL E 166 -25.55 39.09 5.09
CA VAL E 166 -25.31 37.92 5.94
C VAL E 166 -24.84 38.41 7.30
N LYS E 167 -25.51 37.95 8.35
CA LYS E 167 -25.23 38.40 9.70
C LYS E 167 -25.14 37.19 10.64
N GLY E 168 -24.28 37.33 11.65
CA GLY E 168 -24.15 36.32 12.68
C GLY E 168 -23.74 34.95 12.19
N TYR E 169 -22.62 34.88 11.48
CA TYR E 169 -22.12 33.63 10.93
C TYR E 169 -20.73 33.35 11.50
N PHE E 170 -20.49 32.08 11.86
CA PHE E 170 -19.24 31.68 12.46
C PHE E 170 -18.97 30.22 12.14
N PRO E 171 -17.78 29.87 11.64
CA PRO E 171 -16.60 30.71 11.40
C PRO E 171 -16.72 31.62 10.18
N GLU E 172 -15.69 32.44 9.95
CA GLU E 172 -15.68 33.46 8.91
C GLU E 172 -15.62 32.93 7.49
N PRO E 173 -14.74 31.94 7.16
CA PRO E 173 -14.59 31.56 5.75
C PRO E 173 -15.88 31.14 5.07
N VAL E 174 -16.46 32.03 4.26
CA VAL E 174 -17.70 31.80 3.55
C VAL E 174 -17.56 32.28 2.12
N THR E 175 -18.10 31.51 1.18
CA THR E 175 -18.11 31.87 -0.23
C THR E 175 -19.55 32.18 -0.64
N LEU E 176 -19.75 33.34 -1.27
CA LEU E 176 -21.03 33.74 -1.81
C LEU E 176 -20.90 33.88 -3.33
N THR E 177 -21.85 33.30 -4.06
CA THR E 177 -21.97 33.51 -5.49
C THR E 177 -23.41 33.88 -5.83
N TRP E 178 -23.60 34.45 -7.01
CA TRP E 178 -24.83 35.14 -7.34
C TRP E 178 -25.63 34.38 -8.38
N ASN E 179 -26.93 34.20 -8.09
CA ASN E 179 -27.75 33.12 -8.63
C ASN E 179 -26.89 31.98 -9.21
N SER E 180 -26.20 31.22 -8.35
CA SER E 180 -25.50 29.99 -8.71
C SER E 180 -24.27 30.20 -9.62
N GLY E 181 -23.77 31.44 -9.67
CA GLY E 181 -22.61 31.76 -10.47
C GLY E 181 -22.90 32.17 -11.89
N SER E 182 -24.13 31.96 -12.37
CA SER E 182 -24.46 32.35 -13.72
C SER E 182 -24.29 33.85 -13.93
N LEU E 183 -24.51 34.64 -12.88
CA LEU E 183 -24.21 36.07 -12.92
C LEU E 183 -22.76 36.31 -12.52
N SER E 184 -22.13 37.23 -13.23
CA SER E 184 -20.77 37.68 -12.93
C SER E 184 -20.61 39.07 -13.55
N SER E 185 -19.41 39.61 -13.42
CA SER E 185 -18.95 40.95 -13.81
C SER E 185 -19.59 42.08 -13.00
N GLY E 186 -20.68 41.85 -12.29
CA GLY E 186 -21.20 42.89 -11.40
C GLY E 186 -21.20 42.48 -9.94
N VAL E 187 -20.79 41.24 -9.69
CA VAL E 187 -20.74 40.73 -8.32
C VAL E 187 -19.67 41.47 -7.54
N HIS E 188 -20.01 41.88 -6.32
CA HIS E 188 -19.07 42.55 -5.43
C HIS E 188 -19.17 41.92 -4.05
N THR E 189 -18.02 41.48 -3.53
CA THR E 189 -17.93 40.86 -2.21
C THR E 189 -17.07 41.76 -1.33
N PHE E 190 -17.63 42.20 -0.22
CA PHE E 190 -16.89 43.09 0.66
C PHE E 190 -16.26 42.30 1.80
N PRO E 191 -15.06 42.69 2.24
CA PRO E 191 -14.38 41.95 3.32
C PRO E 191 -15.23 41.90 4.58
N ALA E 192 -15.16 40.77 5.27
CA ALA E 192 -15.96 40.56 6.46
C ALA E 192 -15.48 41.45 7.60
N VAL E 193 -16.44 41.94 8.38
CA VAL E 193 -16.17 42.75 9.56
C VAL E 193 -16.73 42.03 10.78
N LEU E 194 -15.98 42.05 11.87
CA LEU E 194 -16.37 41.39 13.11
C LEU E 194 -16.89 42.43 14.08
N GLN E 195 -18.17 42.31 14.46
CA GLN E 195 -18.73 43.01 15.61
C GLN E 195 -19.09 41.98 16.68
N SER E 196 -18.87 42.34 17.94
CA SER E 196 -19.06 41.44 19.07
C SER E 196 -18.25 40.15 18.89
N ASP E 197 -18.94 39.02 18.71
CA ASP E 197 -18.28 37.73 18.53
C ASP E 197 -18.61 37.08 17.20
N LEU E 198 -19.48 37.68 16.38
CA LEU E 198 -19.92 37.10 15.12
C LEU E 198 -19.52 38.02 13.98
N TYR E 199 -18.90 37.45 12.94
CA TYR E 199 -18.52 38.23 11.77
C TYR E 199 -19.78 38.67 11.01
N THR E 200 -19.57 39.60 10.07
CA THR E 200 -20.66 40.09 9.23
C THR E 200 -20.08 40.64 7.94
N LEU E 201 -20.69 40.28 6.81
CA LEU E 201 -20.27 40.76 5.50
C LEU E 201 -21.50 41.09 4.68
N SER E 202 -21.27 41.81 3.58
CA SER E 202 -22.33 42.18 2.66
C SER E 202 -21.83 42.03 1.23
N SER E 203 -22.73 41.66 0.33
CA SER E 203 -22.42 41.49 -1.08
C SER E 203 -23.30 42.43 -1.90
N SER E 204 -22.76 42.88 -3.03
CA SER E 204 -23.43 43.84 -3.90
C SER E 204 -23.42 43.35 -5.34
N VAL E 205 -24.56 43.49 -6.01
CA VAL E 205 -24.68 43.17 -7.42
C VAL E 205 -25.35 44.33 -8.14
N THR E 206 -24.95 44.54 -9.40
CA THR E 206 -25.51 45.58 -10.25
C THR E 206 -25.82 44.97 -11.60
N VAL E 207 -27.11 44.96 -11.97
CA VAL E 207 -27.55 44.36 -13.22
C VAL E 207 -28.45 45.36 -13.95
N THR E 208 -28.38 45.33 -15.28
CA THR E 208 -29.23 46.21 -16.10
C THR E 208 -30.70 46.01 -15.75
N SER E 209 -31.48 47.09 -15.95
CA SER E 209 -32.86 47.10 -15.50
C SER E 209 -33.73 46.13 -16.29
N SER E 210 -33.45 45.92 -17.57
CA SER E 210 -34.27 45.05 -18.40
C SER E 210 -34.02 43.57 -18.15
N THR E 211 -32.84 43.21 -17.64
CA THR E 211 -32.58 41.81 -17.30
C THR E 211 -33.37 41.40 -16.06
N TRP E 212 -33.63 42.34 -15.15
CA TRP E 212 -34.35 42.01 -13.92
C TRP E 212 -35.71 41.37 -14.17
N PRO E 213 -36.58 41.90 -15.05
CA PRO E 213 -37.85 41.20 -15.30
C PRO E 213 -37.65 39.87 -16.01
N SER E 214 -36.62 39.76 -16.86
CA SER E 214 -36.35 38.50 -17.55
C SER E 214 -35.98 37.40 -16.55
N GLN E 215 -35.17 37.74 -15.55
CA GLN E 215 -34.75 36.76 -14.56
C GLN E 215 -34.64 37.40 -13.19
N SER E 216 -35.29 36.80 -12.20
CA SER E 216 -35.07 37.15 -10.81
C SER E 216 -33.82 36.43 -10.33
N ILE E 217 -32.91 37.17 -9.70
CA ILE E 217 -31.56 36.70 -9.41
C ILE E 217 -31.38 36.57 -7.91
N THR E 218 -30.67 35.52 -7.49
CA THR E 218 -30.79 34.95 -6.15
C THR E 218 -29.42 34.71 -5.54
N CYS E 219 -29.04 35.54 -4.57
CA CYS E 219 -27.82 35.28 -3.82
C CYS E 219 -27.92 33.96 -3.07
N ASN E 220 -26.78 33.30 -2.88
CA ASN E 220 -26.75 32.03 -2.16
C ASN E 220 -25.51 31.99 -1.27
N VAL E 221 -25.67 31.48 -0.06
CA VAL E 221 -24.64 31.51 0.97
C VAL E 221 -24.36 30.09 1.44
N ALA E 222 -23.08 29.75 1.54
CA ALA E 222 -22.64 28.43 1.95
C ALA E 222 -21.57 28.56 3.02
N HIS E 223 -21.73 27.83 4.13
CA HIS E 223 -20.88 28.00 5.31
C HIS E 223 -20.34 26.64 5.73
N PRO E 224 -19.02 26.46 5.80
CA PRO E 224 -18.45 25.14 6.10
C PRO E 224 -18.82 24.55 7.45
N ALA E 225 -18.32 25.13 8.54
CA ALA E 225 -18.54 24.53 9.86
C ALA E 225 -19.96 24.74 10.36
N SER E 226 -20.66 25.78 9.90
CA SER E 226 -22.10 25.81 10.06
C SER E 226 -22.78 24.73 9.22
N SER E 227 -22.12 24.27 8.16
CA SER E 227 -22.65 23.27 7.23
C SER E 227 -23.96 23.73 6.59
N THR E 228 -24.20 25.03 6.57
CA THR E 228 -25.45 25.60 6.07
C THR E 228 -25.27 26.07 4.63
N LYS E 229 -26.15 25.58 3.74
CA LYS E 229 -26.17 25.97 2.34
C LYS E 229 -27.53 26.58 2.05
N VAL E 230 -27.55 27.87 1.69
CA VAL E 230 -28.79 28.61 1.50
C VAL E 230 -28.78 29.24 0.10
N ASP E 231 -29.96 29.27 -0.51
CA ASP E 231 -30.22 30.06 -1.72
C ASP E 231 -31.39 30.99 -1.43
N LYS E 232 -31.21 32.28 -1.68
CA LYS E 232 -32.17 33.29 -1.26
C LYS E 232 -32.67 34.05 -2.48
N LYS E 233 -33.99 34.07 -2.66
CA LYS E 233 -34.62 34.74 -3.80
C LYS E 233 -35.06 36.15 -3.42
N ILE E 234 -34.85 37.09 -4.33
CA ILE E 234 -35.16 38.50 -4.13
C ILE E 234 -36.30 38.86 -5.07
N GLU E 235 -37.38 39.39 -4.52
CA GLU E 235 -38.58 39.79 -5.25
C GLU E 235 -38.68 41.30 -5.38
N PRO E 236 -39.47 41.80 -6.33
CA PRO E 236 -39.70 43.25 -6.40
C PRO E 236 -40.40 43.78 -5.17
N ARG E 237 -39.98 44.97 -4.73
CA ARG E 237 -40.63 45.65 -3.63
C ARG E 237 -40.70 47.15 -3.90
N VAL F 27 17.53 43.38 14.29
CA VAL F 27 17.98 43.21 12.91
C VAL F 27 16.77 43.18 11.98
N MET F 28 15.62 43.58 12.49
CA MET F 28 14.38 43.50 11.73
C MET F 28 14.38 44.47 10.56
N THR F 29 13.70 44.07 9.48
CA THR F 29 13.52 44.91 8.30
C THR F 29 12.13 45.52 8.28
N GLN F 30 12.01 46.70 7.69
CA GLN F 30 10.73 47.39 7.57
C GLN F 30 10.50 47.78 6.11
N SER F 31 9.27 47.58 5.65
CA SER F 31 8.83 48.00 4.33
C SER F 31 7.77 49.08 4.49
N GLN F 32 7.79 50.06 3.59
CA GLN F 32 6.90 51.22 3.68
C GLN F 32 5.49 50.83 3.23
N LYS F 33 4.65 51.83 3.03
CA LYS F 33 3.22 51.59 2.80
C LYS F 33 2.97 51.29 1.32
N PHE F 34 1.70 51.34 0.91
CA PHE F 34 1.29 51.00 -0.44
C PHE F 34 2.00 51.87 -1.46
N MET F 35 2.31 51.28 -2.62
CA MET F 35 2.91 52.00 -3.73
C MET F 35 1.99 51.91 -4.94
N SER F 36 2.19 52.83 -5.89
CA SER F 36 1.34 52.94 -7.06
C SER F 36 2.19 52.92 -8.32
N THR F 37 2.01 51.89 -9.14
CA THR F 37 2.65 51.81 -10.44
C THR F 37 1.66 52.22 -11.53
N SER F 38 2.12 53.03 -12.47
CA SER F 38 1.26 53.61 -13.51
C SER F 38 1.39 52.77 -14.78
N ILE F 39 0.63 51.66 -14.80
CA ILE F 39 0.46 50.77 -15.94
C ILE F 39 1.74 50.60 -16.76
N GLY F 40 2.77 50.03 -16.15
CA GLY F 40 3.98 49.67 -16.86
C GLY F 40 5.19 50.53 -16.57
N VAL F 41 5.03 51.68 -15.92
CA VAL F 41 6.19 52.47 -15.55
C VAL F 41 7.01 51.71 -14.51
N ARG F 42 8.32 51.94 -14.51
CA ARG F 42 9.20 51.26 -13.57
C ARG F 42 8.82 51.62 -12.14
N VAL F 43 8.75 50.61 -11.28
CA VAL F 43 8.38 50.78 -9.89
C VAL F 43 9.47 50.17 -9.01
N SER F 44 9.76 50.84 -7.90
CA SER F 44 10.81 50.40 -6.98
C SER F 44 10.23 50.28 -5.58
N VAL F 45 10.49 49.14 -4.93
CA VAL F 45 10.09 48.89 -3.56
C VAL F 45 11.34 48.72 -2.72
N THR F 46 11.33 49.27 -1.50
CA THR F 46 12.51 49.34 -0.66
C THR F 46 12.22 48.70 0.69
N CYS F 47 13.26 48.08 1.26
CA CYS F 47 13.22 47.54 2.60
C CYS F 47 14.48 47.96 3.34
N LYS F 48 14.31 48.40 4.59
CA LYS F 48 15.40 48.91 5.39
C LYS F 48 15.68 47.96 6.55
N ALA F 49 16.96 47.75 6.85
CA ALA F 49 17.38 46.83 7.90
C ALA F 49 17.94 47.61 9.08
N SER F 50 17.62 47.15 10.29
CA SER F 50 18.14 47.80 11.50
C SER F 50 19.65 47.66 11.58
N GLN F 51 20.18 46.47 11.27
CA GLN F 51 21.60 46.21 11.30
C GLN F 51 22.03 45.67 9.94
N ASN F 52 23.35 45.58 9.74
CA ASN F 52 23.89 45.14 8.47
C ASN F 52 23.49 43.70 8.20
N VAL F 53 23.00 43.45 6.99
CA VAL F 53 22.66 42.11 6.55
C VAL F 53 23.48 41.66 5.36
N GLY F 54 24.12 42.56 4.62
CA GLY F 54 24.91 42.16 3.48
C GLY F 54 24.01 41.85 2.30
N THR F 55 24.22 40.69 1.69
CA THR F 55 23.42 40.24 0.56
C THR F 55 22.33 39.26 0.98
N ASN F 56 22.04 39.18 2.28
CA ASN F 56 21.16 38.13 2.82
C ASN F 56 19.73 38.63 2.92
N VAL F 57 19.13 38.89 1.76
CA VAL F 57 17.75 39.32 1.68
C VAL F 57 17.04 38.61 0.54
N ALA F 58 15.85 38.08 0.81
CA ALA F 58 15.02 37.43 -0.19
C ALA F 58 13.73 38.21 -0.38
N TRP F 59 13.13 38.07 -1.56
CA TRP F 59 11.89 38.76 -1.91
C TRP F 59 10.85 37.73 -2.32
N TYR F 60 9.64 37.87 -1.78
CA TYR F 60 8.53 36.97 -2.08
C TYR F 60 7.34 37.77 -2.58
N GLN F 61 6.72 37.27 -3.66
CA GLN F 61 5.51 37.83 -4.22
C GLN F 61 4.31 36.99 -3.81
N GLN F 62 3.24 37.65 -3.38
CA GLN F 62 2.03 36.98 -2.95
C GLN F 62 0.80 37.62 -3.58
N LYS F 63 -0.03 36.80 -4.20
CA LYS F 63 -1.25 37.24 -4.85
C LYS F 63 -2.44 36.45 -4.30
N PRO F 64 -3.57 37.13 -4.02
CA PRO F 64 -4.76 36.47 -3.49
C PRO F 64 -5.73 36.03 -4.58
N SER F 67 -1.18 32.17 -1.43
CA SER F 67 0.00 31.31 -1.57
C SER F 67 1.18 32.08 -2.15
N PRO F 68 2.08 32.52 -1.27
CA PRO F 68 3.26 33.25 -1.74
C PRO F 68 4.17 32.35 -2.57
N LYS F 69 5.01 32.99 -3.38
CA LYS F 69 6.00 32.30 -4.19
C LYS F 69 7.30 33.07 -4.15
N ALA F 70 8.41 32.37 -3.94
CA ALA F 70 9.70 33.02 -3.85
C ALA F 70 10.05 33.71 -5.17
N LEU F 71 10.28 35.02 -5.11
CA LEU F 71 10.63 35.83 -6.27
C LEU F 71 12.13 35.97 -6.45
N ILE F 72 12.86 36.32 -5.37
CA ILE F 72 14.29 36.61 -5.44
C ILE F 72 14.95 35.97 -4.24
N TYR F 73 16.13 35.38 -4.45
CA TYR F 73 16.97 34.88 -3.37
C TYR F 73 18.29 35.64 -3.38
N SER F 74 18.73 36.05 -2.19
CA SER F 74 19.93 36.85 -1.98
C SER F 74 19.82 38.23 -2.63
N ALA F 75 18.60 38.68 -2.92
CA ALA F 75 18.35 40.06 -3.28
C ALA F 75 18.96 40.39 -4.63
N SER F 76 19.61 39.42 -5.29
CA SER F 76 20.17 39.68 -6.61
C SER F 76 19.94 38.57 -7.63
N TYR F 77 19.61 37.35 -7.22
CA TYR F 77 19.33 36.27 -8.14
C TYR F 77 17.89 35.82 -7.97
N ARG F 78 17.24 35.47 -9.08
CA ARG F 78 15.86 35.04 -9.09
C ARG F 78 15.77 33.56 -9.42
N ASN F 79 14.84 32.86 -8.77
CA ASN F 79 14.61 31.46 -9.06
C ASN F 79 14.03 31.30 -10.46
N SER F 80 14.13 30.08 -10.98
CA SER F 80 13.60 29.79 -12.30
C SER F 80 12.09 29.95 -12.31
N GLY F 81 11.56 30.28 -13.49
CA GLY F 81 10.15 30.58 -13.64
C GLY F 81 9.77 32.00 -13.31
N VAL F 82 10.73 32.85 -12.96
CA VAL F 82 10.48 34.26 -12.66
C VAL F 82 10.69 35.07 -13.93
N PRO F 83 9.76 35.96 -14.29
CA PRO F 83 9.97 36.80 -15.48
C PRO F 83 11.20 37.66 -15.36
N ASP F 84 11.80 37.97 -16.52
CA ASP F 84 13.03 38.76 -16.57
C ASP F 84 12.83 40.16 -16.02
N ARG F 85 11.59 40.66 -15.99
CA ARG F 85 11.35 42.02 -15.52
C ARG F 85 11.76 42.20 -14.07
N PHE F 86 11.59 41.16 -13.25
CA PHE F 86 11.91 41.25 -11.84
C PHE F 86 13.42 41.21 -11.63
N THR F 87 13.96 42.24 -10.96
CA THR F 87 15.37 42.30 -10.62
C THR F 87 15.52 42.82 -9.20
N GLY F 88 16.69 42.57 -8.62
CA GLY F 88 17.00 43.06 -7.29
C GLY F 88 18.39 43.67 -7.24
N SER F 89 18.61 44.46 -6.20
CA SER F 89 19.89 45.14 -6.03
C SER F 89 20.02 45.55 -4.57
N GLY F 90 21.20 46.06 -4.24
CA GLY F 90 21.45 46.57 -2.90
C GLY F 90 22.27 45.60 -2.07
N SER F 91 22.99 46.16 -1.09
CA SER F 91 23.77 45.37 -0.15
C SER F 91 23.72 46.04 1.22
N GLY F 92 23.96 45.24 2.25
CA GLY F 92 24.02 45.76 3.60
C GLY F 92 22.67 46.03 4.24
N THR F 93 22.34 47.30 4.41
CA THR F 93 21.12 47.70 5.12
C THR F 93 19.97 48.01 4.19
N GLU F 94 20.22 48.54 2.99
CA GLU F 94 19.17 48.99 2.08
C GLU F 94 19.09 48.07 0.88
N PHE F 95 17.87 47.81 0.43
CA PHE F 95 17.61 46.91 -0.69
C PHE F 95 16.49 47.49 -1.54
N THR F 96 16.47 47.10 -2.81
CA THR F 96 15.54 47.66 -3.78
C THR F 96 15.04 46.58 -4.72
N LEU F 97 13.76 46.66 -5.07
CA LEU F 97 13.12 45.75 -6.01
C LEU F 97 12.71 46.52 -7.25
N THR F 98 13.06 46.01 -8.43
CA THR F 98 12.83 46.71 -9.68
C THR F 98 12.01 45.84 -10.61
N ILE F 99 10.94 46.41 -11.18
CA ILE F 99 10.07 45.72 -12.12
C ILE F 99 9.89 46.59 -13.35
N SER F 100 9.77 45.95 -14.51
CA SER F 100 9.54 46.65 -15.77
C SER F 100 8.34 46.06 -16.51
N ALA F 108 -0.30 42.67 -6.57
CA ALA F 108 0.02 41.69 -5.54
C ALA F 108 0.87 42.31 -4.43
N GLU F 109 0.89 41.67 -3.27
CA GLU F 109 1.69 42.14 -2.14
C GLU F 109 3.11 41.60 -2.24
N TYR F 110 4.07 42.42 -1.80
CA TYR F 110 5.48 42.12 -1.98
C TYR F 110 6.18 42.17 -0.64
N PHE F 111 7.08 41.22 -0.39
CA PHE F 111 7.75 41.10 0.90
C PHE F 111 9.25 41.02 0.69
N CYS F 112 9.98 41.91 1.37
CA CYS F 112 11.40 41.70 1.59
C CYS F 112 11.56 40.76 2.78
N GLN F 113 12.64 39.97 2.79
CA GLN F 113 12.95 39.12 3.93
C GLN F 113 14.45 39.06 4.15
N GLN F 114 14.85 39.01 5.42
CA GLN F 114 16.22 38.73 5.80
C GLN F 114 16.28 37.32 6.35
N TYR F 115 17.22 36.51 5.83
CA TYR F 115 17.42 35.15 6.33
C TYR F 115 18.76 35.00 7.04
N ASP F 116 19.44 36.11 7.33
CA ASP F 116 20.78 36.04 7.91
C ASP F 116 20.74 35.53 9.35
N SER F 117 19.83 36.04 10.16
CA SER F 117 19.80 35.73 11.57
C SER F 117 18.38 35.46 12.03
N TYR F 118 18.27 34.88 13.23
CA TYR F 118 16.99 34.75 13.90
C TYR F 118 16.35 36.12 14.07
N PRO F 119 15.00 36.21 13.99
CA PRO F 119 14.05 35.16 13.65
C PRO F 119 13.74 35.11 12.17
N TYR F 120 14.71 35.52 11.36
CA TYR F 120 14.56 35.66 9.92
C TYR F 120 13.28 36.43 9.55
N PRO F 121 13.05 37.58 10.15
CA PRO F 121 11.76 38.27 9.98
C PRO F 121 11.77 39.04 8.66
N PHE F 122 10.64 39.70 8.40
CA PHE F 122 10.47 40.43 7.16
C PHE F 122 9.42 41.51 7.35
N GLY F 123 9.45 42.50 6.46
CA GLY F 123 8.53 43.62 6.58
C GLY F 123 7.09 43.23 6.30
N GLY F 124 6.18 44.10 6.72
CA GLY F 124 4.76 43.90 6.45
C GLY F 124 4.43 43.93 4.98
N GLY F 125 5.29 44.49 4.15
CA GLY F 125 5.10 44.46 2.73
C GLY F 125 4.29 45.63 2.20
N THR F 126 4.47 45.89 0.91
CA THR F 126 3.78 46.98 0.22
C THR F 126 2.87 46.39 -0.86
N LYS F 127 1.59 46.76 -0.81
CA LYS F 127 0.62 46.28 -1.78
C LYS F 127 0.62 47.19 -3.00
N LEU F 128 0.63 46.58 -4.19
CA LEU F 128 0.72 47.33 -5.43
C LEU F 128 -0.62 47.97 -5.79
N GLU F 129 -0.56 49.17 -6.38
CA GLU F 129 -1.74 49.90 -6.81
C GLU F 129 -1.54 50.38 -8.24
N ILE F 130 -2.63 50.36 -9.02
CA ILE F 130 -2.61 50.77 -10.41
C ILE F 130 -3.46 52.03 -10.54
N LYS F 131 -2.96 53.00 -11.31
CA LYS F 131 -3.63 54.29 -11.48
C LYS F 131 -4.39 54.32 -12.80
N ARG F 132 -5.64 54.77 -12.74
CA ARG F 132 -6.50 54.95 -13.89
C ARG F 132 -7.16 56.31 -13.81
N ALA F 133 -7.90 56.69 -14.85
CA ALA F 133 -8.63 57.95 -14.85
C ALA F 133 -9.66 57.95 -13.73
N ASP F 134 -9.71 59.06 -12.99
CA ASP F 134 -10.61 59.15 -11.85
C ASP F 134 -12.06 59.16 -12.30
N ALA F 135 -12.92 58.50 -11.52
CA ALA F 135 -14.33 58.39 -11.85
C ALA F 135 -15.16 58.51 -10.57
N ALA F 136 -16.42 58.94 -10.74
CA ALA F 136 -17.31 59.19 -9.63
C ALA F 136 -17.93 57.89 -9.13
N PRO F 137 -18.29 57.82 -7.83
CA PRO F 137 -18.92 56.60 -7.30
C PRO F 137 -20.43 56.60 -7.40
N THR F 138 -21.00 55.48 -7.84
CA THR F 138 -22.44 55.29 -7.75
C THR F 138 -22.82 55.04 -6.29
N VAL F 139 -23.79 55.79 -5.80
CA VAL F 139 -24.25 55.69 -4.41
C VAL F 139 -25.61 55.03 -4.40
N SER F 140 -25.81 54.10 -3.47
CA SER F 140 -27.04 53.33 -3.41
C SER F 140 -27.47 53.17 -1.97
N ILE F 141 -28.76 53.18 -1.75
CA ILE F 141 -29.18 53.18 -0.36
C ILE F 141 -30.26 52.13 -0.22
N PHE F 142 -30.32 51.51 0.96
CA PHE F 142 -31.08 50.27 1.10
C PHE F 142 -31.78 50.20 2.45
N PRO F 143 -33.01 49.69 2.47
CA PRO F 143 -33.71 49.47 3.73
C PRO F 143 -33.47 48.06 4.24
N PRO F 144 -33.74 47.81 5.52
CA PRO F 144 -33.63 46.44 6.04
C PRO F 144 -34.66 45.51 5.42
N SER F 145 -34.30 44.24 5.34
CA SER F 145 -35.18 43.23 4.77
C SER F 145 -36.39 43.01 5.67
N SER F 146 -37.47 42.54 5.04
CA SER F 146 -38.66 42.14 5.80
C SER F 146 -38.34 40.97 6.73
N GLU F 147 -37.42 40.08 6.32
CA GLU F 147 -37.01 38.99 7.19
C GLU F 147 -36.10 39.48 8.31
N GLN F 148 -35.25 40.48 8.02
CA GLN F 148 -34.47 41.13 9.07
C GLN F 148 -35.38 41.79 10.09
N LEU F 149 -36.57 42.23 9.67
CA LEU F 149 -37.50 42.85 10.61
C LEU F 149 -37.94 41.88 11.70
N THR F 150 -38.29 40.64 11.32
CA THR F 150 -38.85 39.69 12.29
C THR F 150 -37.85 39.32 13.38
N SER F 151 -36.56 39.55 13.16
CA SER F 151 -35.54 39.17 14.12
C SER F 151 -35.41 40.14 15.28
N GLY F 152 -35.97 41.34 15.16
CA GLY F 152 -35.86 42.34 16.21
C GLY F 152 -34.79 43.39 15.97
N GLY F 153 -33.97 43.23 14.94
CA GLY F 153 -32.93 44.19 14.62
C GLY F 153 -33.15 44.77 13.23
N ALA F 154 -32.70 46.00 13.05
CA ALA F 154 -32.82 46.70 11.77
C ALA F 154 -31.45 47.21 11.34
N SER F 155 -31.14 47.05 10.06
CA SER F 155 -29.82 47.38 9.53
C SER F 155 -29.97 48.21 8.26
N VAL F 156 -29.33 49.37 8.24
CA VAL F 156 -29.34 50.27 7.08
C VAL F 156 -28.05 50.11 6.32
N VAL F 157 -28.13 50.01 4.99
CA VAL F 157 -26.98 49.73 4.14
C VAL F 157 -26.87 50.80 3.07
N CYS F 158 -25.64 51.27 2.83
CA CYS F 158 -25.34 52.19 1.74
C CYS F 158 -24.21 51.60 0.92
N PHE F 159 -24.31 51.77 -0.40
CA PHE F 159 -23.34 51.19 -1.34
C PHE F 159 -22.64 52.29 -2.12
N LEU F 160 -21.34 52.15 -2.28
CA LEU F 160 -20.52 53.10 -3.03
C LEU F 160 -19.55 52.28 -3.87
N ASN F 161 -19.76 52.26 -5.19
CA ASN F 161 -19.07 51.34 -6.08
C ASN F 161 -18.33 52.10 -7.18
N ASN F 162 -17.25 51.48 -7.67
CA ASN F 162 -16.54 51.92 -8.86
C ASN F 162 -16.05 53.36 -8.74
N PHE F 163 -15.29 53.64 -7.67
CA PHE F 163 -14.76 54.98 -7.45
C PHE F 163 -13.24 54.96 -7.47
N TYR F 164 -12.66 55.99 -8.07
CA TYR F 164 -11.25 56.27 -8.09
C TYR F 164 -11.20 57.80 -8.14
N PRO F 165 -10.37 58.45 -7.32
CA PRO F 165 -9.35 57.90 -6.43
C PRO F 165 -9.87 57.12 -5.24
N LYS F 166 -9.04 56.19 -4.75
CA LYS F 166 -9.37 55.32 -3.63
C LYS F 166 -9.77 56.08 -2.38
N ASP F 167 -9.38 57.34 -2.24
CA ASP F 167 -9.72 58.12 -1.07
C ASP F 167 -11.19 58.55 -1.14
N ILE F 168 -11.91 58.37 -0.03
CA ILE F 168 -13.34 58.61 0.00
C ILE F 168 -13.78 58.71 1.46
N ASN F 169 -14.90 59.37 1.70
CA ASN F 169 -15.47 59.52 3.03
C ASN F 169 -16.98 59.45 2.92
N VAL F 170 -17.61 58.90 3.96
CA VAL F 170 -19.07 58.76 4.00
C VAL F 170 -19.59 59.33 5.32
N LYS F 171 -20.81 59.86 5.26
CA LYS F 171 -21.51 60.36 6.45
C LYS F 171 -22.91 59.77 6.49
N TRP F 172 -23.26 59.22 7.65
CA TRP F 172 -24.56 58.58 7.87
C TRP F 172 -25.39 59.53 8.72
N LYS F 173 -26.46 60.08 8.14
CA LYS F 173 -27.34 60.96 8.88
C LYS F 173 -28.75 60.41 8.91
N ILE F 174 -29.46 60.73 9.98
CA ILE F 174 -30.81 60.24 10.20
C ILE F 174 -31.69 61.49 10.37
N ASP F 175 -32.16 62.04 9.25
CA ASP F 175 -33.01 63.22 9.26
C ASP F 175 -32.30 64.48 9.76
N GLY F 176 -32.82 65.05 10.84
CA GLY F 176 -32.23 66.28 11.35
C GLY F 176 -30.78 66.09 11.73
N SER F 177 -30.49 65.07 12.54
CA SER F 177 -29.18 64.84 13.11
C SER F 177 -28.60 63.53 12.59
N GLU F 178 -27.32 63.33 12.90
CA GLU F 178 -26.59 62.13 12.51
C GLU F 178 -25.87 61.55 13.72
N ARG F 179 -25.77 60.21 13.74
CA ARG F 179 -25.13 59.51 14.85
C ARG F 179 -24.14 58.51 14.27
N GLN F 180 -22.86 58.70 14.58
CA GLN F 180 -21.79 57.88 13.99
C GLN F 180 -21.69 56.50 14.62
N ASN F 181 -22.17 56.31 15.84
CA ASN F 181 -22.02 55.03 16.52
C ASN F 181 -22.91 53.97 15.88
N GLY F 182 -22.41 52.74 15.82
CA GLY F 182 -23.19 51.62 15.34
C GLY F 182 -23.05 51.30 13.87
N VAL F 183 -22.22 52.02 13.13
CA VAL F 183 -22.04 51.79 11.71
C VAL F 183 -20.58 51.39 11.45
N LEU F 184 -20.40 50.42 10.56
CA LEU F 184 -19.08 49.97 10.15
C LEU F 184 -19.10 49.65 8.66
N ASN F 185 -17.95 49.82 8.01
CA ASN F 185 -17.83 49.58 6.58
C ASN F 185 -16.46 48.98 6.27
N SER F 186 -16.43 48.14 5.25
CA SER F 186 -15.21 47.47 4.81
C SER F 186 -14.94 47.80 3.35
N TRP F 187 -13.69 48.13 3.04
CA TRP F 187 -13.28 48.49 1.70
C TRP F 187 -12.75 47.25 0.98
N THR F 188 -13.27 46.99 -0.21
CA THR F 188 -12.74 45.90 -1.02
C THR F 188 -11.35 46.25 -1.51
N ASP F 189 -10.54 45.22 -1.74
CA ASP F 189 -9.21 45.43 -2.29
C ASP F 189 -9.31 45.94 -3.73
N GLN F 190 -8.15 46.27 -4.30
CA GLN F 190 -8.13 46.80 -5.67
C GLN F 190 -8.62 45.74 -6.64
N ASP F 191 -9.54 46.13 -7.52
CA ASP F 191 -10.11 45.21 -8.50
C ASP F 191 -9.15 45.07 -9.68
N SER F 192 -8.93 43.82 -10.12
CA SER F 192 -8.00 43.59 -11.23
C SER F 192 -8.62 44.02 -12.56
N LYS F 193 -9.93 43.85 -12.70
CA LYS F 193 -10.60 44.16 -13.97
C LYS F 193 -10.77 45.66 -14.16
N ASP F 194 -11.27 46.35 -13.13
CA ASP F 194 -11.62 47.77 -13.24
C ASP F 194 -10.64 48.71 -12.56
N SER F 195 -9.86 48.23 -11.58
CA SER F 195 -8.99 49.06 -10.76
C SER F 195 -9.76 50.13 -9.99
N THR F 196 -11.04 49.89 -9.75
CA THR F 196 -11.91 50.82 -9.04
C THR F 196 -12.27 50.26 -7.67
N TYR F 197 -12.17 51.08 -6.64
CA TYR F 197 -12.45 50.65 -5.28
C TYR F 197 -13.94 50.73 -4.99
N SER F 198 -14.34 50.15 -3.86
CA SER F 198 -15.73 50.22 -3.42
C SER F 198 -15.76 50.04 -1.90
N MET F 199 -16.80 50.57 -1.28
CA MET F 199 -17.02 50.42 0.15
C MET F 199 -18.50 50.18 0.41
N SER F 200 -18.79 49.61 1.57
CA SER F 200 -20.16 49.21 1.93
C SER F 200 -20.41 49.55 3.40
N SER F 201 -21.13 50.65 3.64
CA SER F 201 -21.46 51.09 4.99
C SER F 201 -22.77 50.47 5.44
N THR F 202 -22.75 49.82 6.60
CA THR F 202 -23.93 49.16 7.16
C THR F 202 -24.19 49.70 8.56
N LEU F 203 -25.38 50.25 8.77
CA LEU F 203 -25.78 50.81 10.06
C LEU F 203 -26.92 49.97 10.62
N THR F 204 -26.67 49.32 11.75
CA THR F 204 -27.63 48.40 12.37
C THR F 204 -28.22 49.03 13.64
N LEU F 205 -29.55 49.01 13.72
CA LEU F 205 -30.31 49.52 14.86
C LEU F 205 -31.32 48.49 15.29
N THR F 206 -32.16 48.84 16.25
CA THR F 206 -33.20 47.94 16.76
C THR F 206 -34.56 48.31 16.19
N LYS F 207 -35.50 47.36 16.26
CA LYS F 207 -36.82 47.57 15.67
C LYS F 207 -37.53 48.77 16.28
N ASP F 208 -37.80 48.70 17.59
CA ASP F 208 -38.34 49.85 18.31
C ASP F 208 -37.49 51.10 18.03
N GLU F 209 -36.18 50.93 18.00
CA GLU F 209 -35.29 52.03 17.60
C GLU F 209 -35.51 52.41 16.14
N TYR F 210 -35.72 51.41 15.28
CA TYR F 210 -36.05 51.68 13.88
C TYR F 210 -37.41 52.35 13.77
N GLU F 211 -38.40 51.83 14.48
CA GLU F 211 -39.76 52.38 14.39
C GLU F 211 -39.83 53.81 14.87
N ARG F 212 -38.86 54.27 15.68
CA ARG F 212 -38.94 55.61 16.23
C ARG F 212 -38.89 56.67 15.15
N HIS F 213 -38.03 56.52 14.15
CA HIS F 213 -37.98 57.52 13.09
C HIS F 213 -37.97 56.87 11.72
N ASN F 214 -38.24 57.71 10.74
CA ASN F 214 -38.69 57.38 9.39
C ASN F 214 -37.58 57.50 8.35
N SER F 215 -37.33 58.74 7.91
CA SER F 215 -36.38 59.00 6.84
C SER F 215 -34.95 58.74 7.31
N TYR F 216 -34.02 58.69 6.36
CA TYR F 216 -32.61 58.46 6.61
C TYR F 216 -31.81 59.09 5.47
N THR F 217 -30.49 59.17 5.65
CA THR F 217 -29.65 59.83 4.66
C THR F 217 -28.24 59.26 4.68
N CYS F 218 -27.68 59.05 3.48
CA CYS F 218 -26.33 58.56 3.31
C CYS F 218 -25.57 59.59 2.47
N GLU F 219 -24.57 60.23 3.06
CA GLU F 219 -23.79 61.27 2.40
C GLU F 219 -22.38 60.77 2.15
N ALA F 220 -21.87 61.03 0.95
CA ALA F 220 -20.55 60.59 0.54
C ALA F 220 -19.69 61.80 0.18
N THR F 221 -18.49 61.86 0.75
CA THR F 221 -17.54 62.93 0.48
C THR F 221 -16.48 62.41 -0.50
N HIS F 222 -16.44 63.01 -1.69
CA HIS F 222 -15.51 62.59 -2.72
C HIS F 222 -14.88 63.82 -3.37
N LYS F 223 -13.89 63.56 -4.23
CA LYS F 223 -13.16 64.64 -4.86
C LYS F 223 -13.98 65.40 -5.90
N THR F 224 -15.05 64.80 -6.42
CA THR F 224 -15.90 65.53 -7.36
C THR F 224 -16.66 66.61 -6.60
N SER F 225 -17.63 66.20 -5.79
CA SER F 225 -18.36 67.11 -4.91
C SER F 225 -18.97 66.25 -3.79
N THR F 226 -19.95 66.81 -3.09
CA THR F 226 -20.71 66.06 -2.09
C THR F 226 -22.06 65.69 -2.68
N SER F 227 -22.33 64.39 -2.75
CA SER F 227 -23.56 63.87 -3.35
C SER F 227 -24.21 62.89 -2.39
N PRO F 228 -25.27 63.28 -1.70
CA PRO F 228 -25.92 62.37 -0.75
C PRO F 228 -27.19 61.74 -1.28
N ILE F 229 -27.33 60.43 -1.11
CA ILE F 229 -28.59 59.76 -1.40
C ILE F 229 -29.47 59.83 -0.16
N VAL F 230 -30.78 59.96 -0.37
CA VAL F 230 -31.74 60.23 0.70
C VAL F 230 -32.67 59.04 0.88
N LYS F 231 -33.01 58.71 2.14
CA LYS F 231 -33.86 57.56 2.45
C LYS F 231 -35.08 58.11 3.18
N SER F 232 -36.26 57.78 2.67
CA SER F 232 -37.44 58.09 3.46
C SER F 232 -38.52 57.08 3.10
N PHE F 233 -39.41 56.82 4.05
CA PHE F 233 -40.59 55.99 3.84
C PHE F 233 -41.29 56.35 2.52
N SER G 5 -78.20 1.96 -0.01
CA SER G 5 -78.37 2.30 1.39
C SER G 5 -77.27 1.69 2.25
N THR G 6 -76.04 1.77 1.75
CA THR G 6 -74.88 1.21 2.44
C THR G 6 -74.19 2.31 3.25
N ASN G 7 -73.93 2.02 4.52
CA ASN G 7 -73.28 3.00 5.37
C ASN G 7 -71.85 3.27 4.92
N THR G 8 -71.10 2.22 4.59
CA THR G 8 -69.65 2.30 4.49
C THR G 8 -69.15 1.16 3.61
N THR G 9 -67.92 1.31 3.14
CA THR G 9 -67.19 0.23 2.47
C THR G 9 -66.39 -0.53 3.51
N ASP G 10 -66.54 -1.86 3.53
CA ASP G 10 -65.87 -2.71 4.50
C ASP G 10 -64.78 -3.57 3.87
N ASN G 11 -64.50 -3.39 2.58
CA ASN G 11 -63.50 -4.19 1.88
C ASN G 11 -62.50 -3.23 1.25
N ILE G 12 -61.26 -3.25 1.74
CA ILE G 12 -60.20 -2.41 1.19
C ILE G 12 -59.20 -3.30 0.47
N ASP G 13 -59.71 -4.34 -0.20
CA ASP G 13 -58.87 -5.34 -0.85
C ASP G 13 -58.06 -4.78 -2.03
N TYR G 14 -58.46 -3.62 -2.58
CA TYR G 14 -57.84 -3.16 -3.82
C TYR G 14 -56.40 -2.69 -3.63
N PHE G 15 -56.02 -2.29 -2.43
CA PHE G 15 -54.65 -1.82 -2.19
C PHE G 15 -53.65 -2.92 -2.50
N ASP G 16 -52.55 -2.54 -3.15
CA ASP G 16 -51.44 -3.46 -3.41
C ASP G 16 -50.26 -2.64 -3.92
N ILE G 17 -49.10 -3.29 -3.98
CA ILE G 17 -47.83 -2.61 -4.23
C ILE G 17 -46.95 -3.49 -5.11
N SER G 18 -46.09 -2.85 -5.89
CA SER G 18 -45.11 -3.54 -6.71
C SER G 18 -43.72 -3.46 -6.07
N ASP G 19 -42.82 -4.32 -6.54
CA ASP G 19 -41.46 -4.32 -6.05
C ASP G 19 -40.72 -3.08 -6.53
N GLU G 20 -39.50 -2.90 -6.02
CA GLU G 20 -38.72 -1.72 -6.39
C GLU G 20 -38.31 -1.75 -7.86
N SER G 21 -37.96 -2.93 -8.38
CA SER G 21 -37.75 -3.05 -9.81
C SER G 21 -39.04 -2.99 -10.60
N ASN G 22 -40.18 -3.14 -9.92
CA ASN G 22 -41.52 -3.13 -10.51
C ASN G 22 -41.75 -4.30 -11.47
N TYR G 23 -40.96 -5.37 -11.33
CA TYR G 23 -41.14 -6.54 -12.19
C TYR G 23 -42.33 -7.39 -11.75
N TYR G 24 -42.53 -7.53 -10.44
CA TYR G 24 -43.57 -8.39 -9.89
C TYR G 24 -44.60 -7.54 -9.15
N LEU G 25 -45.88 -7.81 -9.39
CA LEU G 25 -46.97 -7.09 -8.76
C LEU G 25 -47.63 -7.98 -7.71
N ILE G 26 -47.74 -7.46 -6.50
CA ILE G 26 -48.43 -8.16 -5.41
C ILE G 26 -49.91 -7.80 -5.48
N SER G 27 -50.76 -8.70 -4.99
CA SER G 27 -52.19 -8.46 -4.91
C SER G 27 -52.72 -9.09 -3.63
N GLN G 28 -53.76 -8.46 -3.05
CA GLN G 28 -54.30 -8.95 -1.79
C GLN G 28 -54.99 -10.29 -1.97
N LEU G 29 -55.65 -10.50 -3.11
CA LEU G 29 -56.29 -11.78 -3.37
C LEU G 29 -55.25 -12.82 -3.77
N ARG G 30 -55.50 -14.07 -3.40
CA ARG G 30 -54.60 -15.14 -3.77
C ARG G 30 -54.72 -15.42 -5.27
N PRO G 31 -53.66 -15.95 -5.91
CA PRO G 31 -52.38 -16.41 -5.37
C PRO G 31 -51.41 -15.29 -4.99
N HIS G 32 -51.83 -14.04 -5.22
CA HIS G 32 -51.16 -12.79 -4.88
C HIS G 32 -50.06 -12.42 -5.87
N PHE G 33 -49.66 -13.29 -6.78
CA PHE G 33 -48.54 -13.01 -7.66
C PHE G 33 -48.87 -13.44 -9.09
N SER G 34 -48.28 -12.71 -10.05
CA SER G 34 -48.40 -13.10 -11.45
C SER G 34 -47.55 -14.33 -11.75
N ASN G 35 -46.41 -14.47 -11.07
CA ASN G 35 -45.50 -15.58 -11.36
C ASN G 35 -46.07 -16.91 -10.91
N ILE G 36 -46.91 -16.90 -9.87
CA ILE G 36 -47.51 -18.14 -9.38
C ILE G 36 -48.42 -18.76 -10.45
N TYR G 37 -49.18 -17.91 -11.15
CA TYR G 37 -49.99 -18.42 -12.26
C TYR G 37 -49.09 -18.98 -13.36
N PHE G 38 -47.96 -18.33 -13.60
CA PHE G 38 -46.99 -18.85 -14.57
C PHE G 38 -46.50 -20.24 -14.18
N PHE G 39 -46.27 -20.47 -12.89
CA PHE G 39 -45.74 -21.75 -12.45
C PHE G 39 -46.76 -22.86 -12.64
N ASP G 40 -48.00 -22.63 -12.22
CA ASP G 40 -49.08 -23.55 -12.57
C ASP G 40 -49.23 -23.65 -14.08
N GLU G 41 -48.99 -22.55 -14.79
CA GLU G 41 -49.08 -22.57 -16.25
C GLU G 41 -47.94 -23.38 -16.86
N PHE G 42 -46.75 -23.29 -16.28
CA PHE G 42 -45.62 -24.02 -16.85
C PHE G 42 -45.73 -25.51 -16.58
N LYS G 43 -46.42 -25.92 -15.51
CA LYS G 43 -46.61 -27.33 -15.23
C LYS G 43 -47.32 -28.03 -16.39
N ARG G 44 -48.45 -27.47 -16.83
CA ARG G 44 -49.11 -27.96 -18.03
C ARG G 44 -48.16 -27.97 -19.22
N TYR G 45 -47.27 -26.98 -19.27
CA TYR G 45 -46.32 -26.89 -20.39
C TYR G 45 -45.22 -27.95 -20.26
N ALA G 46 -44.49 -27.93 -19.15
CA ALA G 46 -43.33 -28.80 -19.00
C ALA G 46 -43.71 -30.27 -19.04
N SER G 47 -44.93 -30.61 -18.61
CA SER G 47 -45.34 -32.01 -18.59
C SER G 47 -45.44 -32.60 -19.98
N TYR G 48 -45.83 -31.79 -20.97
CA TYR G 48 -45.94 -32.31 -22.34
C TYR G 48 -44.60 -32.71 -22.90
N HIS G 49 -43.52 -32.05 -22.49
CA HIS G 49 -42.19 -32.43 -22.93
C HIS G 49 -41.79 -33.77 -22.32
N THR G 50 -41.16 -34.62 -23.13
CA THR G 50 -40.79 -35.97 -22.69
C THR G 50 -39.67 -35.97 -21.66
N GLU G 51 -39.08 -34.82 -21.35
CA GLU G 51 -38.12 -34.68 -20.28
C GLU G 51 -38.74 -33.88 -19.13
N ILE G 52 -37.89 -33.46 -18.19
CA ILE G 52 -38.28 -32.54 -17.12
C ILE G 52 -39.44 -33.16 -16.33
N LYS G 53 -39.43 -34.49 -16.21
CA LYS G 53 -40.41 -35.16 -15.36
C LYS G 53 -40.21 -34.84 -13.88
N ARG G 54 -39.01 -34.40 -13.51
CA ARG G 54 -38.72 -34.03 -12.13
C ARG G 54 -39.45 -32.77 -11.70
N TYR G 55 -39.88 -31.94 -12.65
CA TYR G 55 -40.52 -30.67 -12.31
C TYR G 55 -41.79 -30.86 -11.48
N GLU G 56 -42.40 -32.05 -11.52
CA GLU G 56 -43.59 -32.30 -10.72
C GLU G 56 -43.31 -32.14 -9.24
N ASP G 57 -42.10 -32.48 -8.79
CA ASP G 57 -41.76 -32.32 -7.37
C ASP G 57 -41.63 -30.85 -7.01
N ILE G 58 -41.11 -30.03 -7.94
CA ILE G 58 -40.99 -28.59 -7.68
C ILE G 58 -42.35 -27.97 -7.47
N HIS G 59 -43.30 -28.26 -8.38
CA HIS G 59 -44.62 -27.64 -8.25
C HIS G 59 -45.36 -28.15 -7.02
N LYS G 60 -45.25 -29.45 -6.72
CA LYS G 60 -46.02 -30.01 -5.62
C LYS G 60 -45.46 -29.61 -4.27
N THR G 61 -44.18 -29.28 -4.19
CA THR G 61 -43.56 -28.98 -2.91
C THR G 61 -42.90 -27.61 -2.86
N LYS G 62 -42.11 -27.24 -3.88
CA LYS G 62 -41.51 -25.91 -3.87
C LYS G 62 -42.56 -24.83 -4.09
N VAL G 63 -43.46 -25.03 -5.04
CA VAL G 63 -44.44 -24.00 -5.38
C VAL G 63 -45.54 -23.94 -4.33
N ASN G 64 -46.06 -25.11 -3.92
CA ASN G 64 -47.16 -25.13 -2.97
C ASN G 64 -46.73 -24.65 -1.59
N SER G 65 -45.52 -25.01 -1.15
CA SER G 65 -45.01 -24.51 0.13
C SER G 65 -44.58 -23.06 0.04
N LEU G 66 -44.40 -22.52 -1.17
CA LEU G 66 -44.12 -21.10 -1.32
C LEU G 66 -45.40 -20.28 -1.28
N LEU G 67 -46.47 -20.80 -1.87
CA LEU G 67 -47.72 -20.04 -1.95
C LEU G 67 -48.33 -19.82 -0.57
N ASN G 68 -48.37 -20.87 0.26
CA ASN G 68 -48.99 -20.73 1.58
C ASN G 68 -48.26 -19.69 2.43
N GLU G 69 -46.91 -19.68 2.36
CA GLU G 69 -46.14 -18.68 3.08
C GLU G 69 -46.50 -17.27 2.60
N ALA G 70 -46.75 -17.12 1.30
CA ALA G 70 -47.17 -15.83 0.78
C ALA G 70 -48.54 -15.44 1.30
N SER G 71 -49.47 -16.41 1.39
CA SER G 71 -50.80 -16.12 1.92
C SER G 71 -50.76 -15.87 3.43
N ARG G 72 -49.80 -16.46 4.13
CA ARG G 72 -49.65 -16.18 5.56
C ARG G 72 -49.02 -14.82 5.82
N ALA G 73 -48.12 -14.37 4.93
CA ALA G 73 -47.41 -13.12 5.16
C ALA G 73 -48.35 -11.93 5.06
N ILE G 74 -49.33 -11.99 4.17
CA ILE G 74 -50.29 -10.90 4.06
C ILE G 74 -51.21 -10.87 5.28
N GLY G 75 -51.39 -12.00 5.95
CA GLY G 75 -52.27 -12.04 7.11
C GLY G 75 -51.74 -11.26 8.28
N ILE G 76 -50.42 -11.07 8.33
CA ILE G 76 -49.83 -10.25 9.37
C ILE G 76 -50.23 -8.79 9.21
N CYS G 77 -50.67 -8.41 8.02
CA CYS G 77 -51.08 -7.03 7.75
C CYS G 77 -52.52 -6.75 8.16
N ASN G 78 -53.25 -7.76 8.65
CA ASN G 78 -54.65 -7.54 9.02
C ASN G 78 -54.78 -6.48 10.10
N ARG G 79 -53.89 -6.51 11.10
CA ARG G 79 -53.87 -5.46 12.10
C ARG G 79 -53.61 -4.10 11.46
N ALA G 80 -52.63 -4.03 10.55
CA ALA G 80 -52.38 -2.79 9.82
C ALA G 80 -53.52 -2.50 8.86
N LYS G 81 -54.11 -3.54 8.26
CA LYS G 81 -55.24 -3.34 7.37
C LYS G 81 -56.46 -2.79 8.12
N ASN G 82 -56.76 -3.34 9.30
CA ASN G 82 -57.92 -2.90 10.05
C ASN G 82 -57.78 -1.46 10.51
N THR G 83 -56.58 -1.06 10.93
CA THR G 83 -56.35 0.32 11.32
C THR G 83 -56.52 1.26 10.13
N VAL G 84 -56.00 0.88 8.96
CA VAL G 84 -56.22 1.67 7.76
C VAL G 84 -57.70 1.68 7.38
N LYS G 85 -58.34 0.51 7.45
CA LYS G 85 -59.77 0.43 7.18
C LYS G 85 -60.54 1.35 8.12
N GLY G 86 -60.13 1.43 9.38
CA GLY G 86 -60.83 2.29 10.32
C GLY G 86 -60.76 3.76 9.94
N LEU G 87 -59.58 4.23 9.55
CA LEU G 87 -59.43 5.62 9.14
C LEU G 87 -60.24 5.90 7.88
N ILE G 88 -60.31 4.92 6.97
CA ILE G 88 -61.27 5.01 5.89
C ILE G 88 -62.69 5.03 6.45
N ASN G 89 -63.01 4.04 7.28
CA ASN G 89 -64.40 3.78 7.67
C ASN G 89 -65.05 4.96 8.37
N ILE G 90 -64.29 5.76 9.12
CA ILE G 90 -64.89 6.90 9.80
C ILE G 90 -65.15 8.06 8.83
N LEU G 91 -64.43 8.10 7.71
CA LEU G 91 -64.49 9.27 6.83
C LEU G 91 -65.71 9.25 5.91
N GLU G 92 -65.88 8.17 5.12
CA GLU G 92 -66.80 8.21 3.98
C GLU G 92 -68.20 8.63 4.38
N ASN G 93 -68.60 8.40 5.62
CA ASN G 93 -69.87 8.89 6.13
C ASN G 93 -69.63 9.90 7.24
N PRO G 94 -70.28 11.05 7.21
CA PRO G 94 -70.10 12.03 8.31
C PRO G 94 -70.69 11.58 9.63
N GLN G 95 -71.59 10.58 9.62
CA GLN G 95 -72.23 10.16 10.87
C GLN G 95 -71.28 9.34 11.74
N LYS G 96 -70.43 8.50 11.12
CA LYS G 96 -69.39 7.86 11.91
C LYS G 96 -68.37 8.88 12.41
N PHE G 97 -68.16 9.96 11.66
CA PHE G 97 -67.35 11.05 12.17
C PHE G 97 -68.11 11.86 13.22
N LYS G 98 -69.43 11.72 13.28
CA LYS G 98 -70.22 12.54 14.20
C LYS G 98 -69.90 12.23 15.66
N THR G 99 -69.54 10.98 15.98
CA THR G 99 -69.35 10.60 17.37
C THR G 99 -68.19 11.36 18.01
N GLN G 100 -67.05 11.44 17.31
CA GLN G 100 -65.90 12.18 17.82
C GLN G 100 -65.11 12.70 16.63
N ARG G 101 -64.53 13.90 16.80
CA ARG G 101 -63.93 14.60 15.69
C ARG G 101 -62.60 15.22 16.07
N GLU G 102 -61.64 15.13 15.16
CA GLU G 102 -60.51 16.02 15.06
C GLU G 102 -60.69 16.85 13.80
N SER G 103 -59.71 17.69 13.50
CA SER G 103 -59.73 18.40 12.22
C SER G 103 -59.80 17.39 11.07
N TYR G 104 -60.51 17.77 10.01
CA TYR G 104 -60.69 16.85 8.90
C TYR G 104 -59.47 16.73 8.00
N ASP G 105 -58.61 17.74 8.00
CA ASP G 105 -57.37 17.67 7.23
C ASP G 105 -56.32 16.80 7.90
N VAL G 106 -56.24 16.80 9.23
CA VAL G 106 -55.27 15.95 9.90
C VAL G 106 -55.67 14.48 9.78
N LYS G 107 -56.97 14.20 9.64
CA LYS G 107 -57.39 12.83 9.32
C LYS G 107 -56.77 12.36 8.00
N LEU G 108 -56.76 13.23 6.99
CA LEU G 108 -56.10 12.89 5.74
C LEU G 108 -54.62 12.61 5.97
N ARG G 109 -53.99 13.35 6.88
CA ARG G 109 -52.63 13.05 7.28
C ARG G 109 -52.54 11.66 7.90
N GLN G 110 -53.43 11.36 8.85
CA GLN G 110 -53.45 10.03 9.46
C GLN G 110 -53.70 8.95 8.42
N TYR G 111 -54.69 9.15 7.56
CA TYR G 111 -55.00 8.17 6.53
C TYR G 111 -53.78 7.92 5.65
N GLU G 112 -53.14 8.98 5.16
CA GLU G 112 -52.00 8.82 4.26
C GLU G 112 -50.84 8.13 4.97
N GLU G 113 -50.60 8.46 6.24
CA GLU G 113 -49.52 7.83 6.98
C GLU G 113 -49.78 6.34 7.20
N LYS G 114 -50.99 6.01 7.66
CA LYS G 114 -51.30 4.60 7.95
C LYS G 114 -51.43 3.80 6.67
N LYS G 115 -51.97 4.41 5.60
CA LYS G 115 -52.05 3.73 4.31
C LYS G 115 -50.68 3.24 3.86
N GLU G 116 -49.64 4.03 4.14
CA GLU G 116 -48.28 3.61 3.79
C GLU G 116 -47.83 2.42 4.63
N ALA G 117 -48.24 2.39 5.90
CA ALA G 117 -47.88 1.27 6.77
C ALA G 117 -48.51 -0.02 6.29
N PHE G 118 -49.78 0.01 5.89
CA PHE G 118 -50.44 -1.16 5.34
C PHE G 118 -49.74 -1.62 4.06
N ARG G 119 -49.53 -0.69 3.13
CA ARG G 119 -48.82 -1.03 1.89
C ARG G 119 -47.39 -1.49 2.19
N GLY G 120 -46.76 -0.90 3.20
CA GLY G 120 -45.43 -1.35 3.57
C GLY G 120 -45.41 -2.77 4.11
N CYS G 121 -46.48 -3.16 4.82
CA CYS G 121 -46.53 -4.51 5.39
C CYS G 121 -46.55 -5.57 4.29
N LEU G 122 -47.37 -5.36 3.26
CA LEU G 122 -47.47 -6.36 2.19
C LEU G 122 -46.13 -6.57 1.52
N LEU G 123 -45.38 -5.50 1.25
CA LEU G 123 -44.12 -5.64 0.55
C LEU G 123 -43.02 -6.18 1.47
N ASN G 124 -42.98 -5.70 2.72
CA ASN G 124 -41.88 -6.07 3.61
C ASN G 124 -42.02 -7.48 4.16
N LYS G 125 -43.23 -7.91 4.50
CA LYS G 125 -43.39 -9.18 5.20
C LYS G 125 -43.20 -10.36 4.26
N ASN G 126 -43.63 -10.23 3.00
CA ASN G 126 -43.50 -11.30 2.02
C ASN G 126 -42.29 -11.10 1.11
N ARG G 127 -41.39 -10.18 1.45
CA ARG G 127 -40.20 -9.95 0.64
C ARG G 127 -39.27 -11.16 0.62
N LYS G 128 -39.34 -12.03 1.62
CA LYS G 128 -38.61 -13.28 1.54
C LYS G 128 -39.02 -14.06 0.30
N ASN G 129 -40.33 -14.18 0.07
CA ASN G 129 -40.84 -14.80 -1.15
C ASN G 129 -40.28 -14.10 -2.39
N LEU G 130 -40.12 -12.77 -2.31
CA LEU G 130 -39.54 -12.05 -3.44
C LEU G 130 -38.13 -12.55 -3.74
N ASP G 131 -37.37 -12.88 -2.69
CA ASP G 131 -36.09 -13.55 -2.90
C ASP G 131 -36.29 -15.02 -3.24
N GLN G 132 -37.35 -15.64 -2.72
CA GLN G 132 -37.63 -17.04 -3.00
C GLN G 132 -38.32 -17.26 -4.34
N ILE G 133 -39.02 -16.25 -4.87
CA ILE G 133 -39.70 -16.44 -6.15
C ILE G 133 -38.69 -16.49 -7.29
N LYS G 134 -37.56 -15.79 -7.15
CA LYS G 134 -36.60 -15.69 -8.23
C LYS G 134 -35.80 -16.98 -8.38
N LYS G 135 -35.46 -17.65 -7.27
CA LYS G 135 -34.63 -18.84 -7.37
C LYS G 135 -35.32 -19.96 -8.15
N ILE G 136 -36.65 -20.02 -8.11
CA ILE G 136 -37.36 -20.98 -8.97
C ILE G 136 -37.11 -20.66 -10.43
N ASN G 137 -37.27 -19.39 -10.81
CA ASN G 137 -37.02 -18.99 -12.20
C ASN G 137 -35.64 -19.40 -12.69
N ASN G 138 -34.67 -19.49 -11.77
CA ASN G 138 -33.34 -19.99 -12.13
C ASN G 138 -33.36 -21.50 -12.32
N GLU G 139 -33.97 -22.23 -11.39
CA GLU G 139 -34.04 -23.68 -11.49
C GLU G 139 -34.74 -24.12 -12.76
N ILE G 140 -35.82 -23.42 -13.14
CA ILE G 140 -36.50 -23.72 -14.40
C ILE G 140 -35.56 -23.54 -15.57
N ARG G 141 -34.79 -22.44 -15.57
CA ARG G 141 -33.83 -22.20 -16.65
C ARG G 141 -32.86 -23.36 -16.78
N ASP G 142 -32.43 -23.93 -15.65
CA ASP G 142 -31.58 -25.11 -15.69
C ASP G 142 -32.36 -26.35 -16.13
N LEU G 143 -33.65 -26.41 -15.82
CA LEU G 143 -34.42 -27.61 -16.07
C LEU G 143 -34.71 -27.81 -17.56
N LEU G 144 -35.00 -26.72 -18.27
CA LEU G 144 -35.28 -26.81 -19.71
C LEU G 144 -34.11 -27.39 -20.49
N GLU G 145 -32.90 -27.39 -19.92
CA GLU G 145 -31.72 -27.85 -20.62
C GLU G 145 -31.52 -29.36 -20.55
N LYS G 146 -32.34 -30.06 -19.75
CA LYS G 146 -32.18 -31.51 -19.65
C LYS G 146 -32.55 -32.21 -20.94
N LEU G 147 -33.46 -31.61 -21.73
CA LEU G 147 -33.94 -32.27 -22.93
C LEU G 147 -32.82 -32.52 -23.92
N LYS G 148 -32.98 -33.62 -24.66
CA LYS G 148 -32.04 -34.04 -25.69
C LYS G 148 -31.68 -32.91 -26.63
N CYS G 149 -32.68 -32.43 -27.37
CA CYS G 149 -32.49 -31.53 -28.48
C CYS G 149 -31.61 -30.34 -28.14
N SER G 150 -30.59 -30.13 -28.98
CA SER G 150 -29.81 -28.90 -28.99
C SER G 150 -29.68 -28.49 -30.45
N GLN G 151 -30.02 -27.22 -30.73
CA GLN G 151 -29.97 -26.58 -32.04
C GLN G 151 -31.25 -26.76 -32.88
N ASP G 152 -32.10 -27.76 -32.56
CA ASP G 152 -33.24 -28.13 -33.45
C ASP G 152 -34.33 -28.82 -32.60
N CYS G 153 -35.08 -28.01 -31.85
CA CYS G 153 -36.09 -28.51 -30.91
C CYS G 153 -37.48 -28.45 -31.51
N GLN G 154 -38.33 -29.36 -31.03
CA GLN G 154 -39.73 -29.39 -31.42
C GLN G 154 -40.47 -28.23 -30.74
N THR G 155 -41.25 -27.50 -31.54
CA THR G 155 -42.05 -26.37 -31.04
C THR G 155 -43.54 -26.58 -31.27
N ASN G 156 -43.95 -27.83 -31.53
CA ASN G 156 -45.36 -28.09 -31.82
C ASN G 156 -46.23 -27.90 -30.58
N VAL G 157 -45.74 -28.35 -29.41
CA VAL G 157 -46.46 -28.10 -28.16
C VAL G 157 -46.65 -26.61 -27.94
N TYR G 158 -45.69 -25.79 -28.38
CA TYR G 158 -45.80 -24.35 -28.23
C TYR G 158 -47.00 -23.80 -28.99
N PHE G 159 -47.10 -24.13 -30.28
CA PHE G 159 -48.24 -23.68 -31.07
C PHE G 159 -49.54 -24.24 -30.52
N ASP G 160 -49.53 -25.49 -30.05
CA ASP G 160 -50.72 -26.04 -29.43
C ASP G 160 -51.14 -25.27 -28.18
N MET G 161 -50.15 -24.75 -27.44
CA MET G 161 -50.48 -24.00 -26.23
C MET G 161 -51.09 -22.65 -26.58
N ILE G 162 -50.55 -21.95 -27.58
CA ILE G 162 -51.04 -20.60 -27.86
C ILE G 162 -52.44 -20.64 -28.46
N LYS G 163 -52.79 -21.69 -29.21
CA LYS G 163 -54.13 -21.77 -29.78
C LYS G 163 -55.15 -22.12 -28.69
N ILE G 164 -54.81 -23.04 -27.80
CA ILE G 164 -55.66 -23.31 -26.65
C ILE G 164 -55.72 -22.11 -25.72
N TYR G 165 -54.72 -21.24 -25.75
CA TYR G 165 -54.80 -19.99 -25.00
C TYR G 165 -55.81 -19.03 -25.62
N LEU G 166 -55.97 -19.08 -26.94
CA LEU G 166 -56.82 -18.11 -27.63
C LEU G 166 -58.28 -18.24 -27.22
N VAL G 167 -58.76 -19.48 -27.04
CA VAL G 167 -60.14 -19.66 -26.61
C VAL G 167 -60.33 -19.18 -25.17
N ASP G 168 -59.30 -19.32 -24.33
CA ASP G 168 -59.36 -18.75 -22.99
C ASP G 168 -59.40 -17.23 -23.04
N PHE G 169 -58.73 -16.63 -24.03
CA PHE G 169 -58.81 -15.18 -24.23
C PHE G 169 -60.19 -14.77 -24.72
N LYS G 170 -60.85 -15.63 -25.49
CA LYS G 170 -62.15 -15.28 -26.06
C LYS G 170 -63.19 -15.05 -24.98
N LYS G 171 -63.13 -15.81 -23.89
CA LYS G 171 -64.09 -15.67 -22.81
C LYS G 171 -64.10 -14.24 -22.27
N MET G 172 -62.94 -13.73 -21.87
CA MET G 172 -62.89 -12.42 -21.25
C MET G 172 -63.29 -11.34 -22.25
N PRO G 173 -64.14 -10.39 -21.84
CA PRO G 173 -64.55 -9.32 -22.76
C PRO G 173 -63.71 -8.07 -22.59
N TYR G 174 -62.95 -7.70 -23.62
CA TYR G 174 -62.21 -6.45 -23.51
C TYR G 174 -63.15 -5.27 -23.58
N GLU G 175 -64.10 -5.28 -24.51
CA GLU G 175 -64.93 -4.11 -24.76
C GLU G 175 -65.90 -3.84 -23.61
N ASN G 176 -66.59 -4.89 -23.13
CA ASN G 176 -67.56 -4.70 -22.05
C ASN G 176 -66.88 -4.16 -20.80
N TYR G 177 -65.74 -4.73 -20.43
CA TYR G 177 -64.92 -4.15 -19.37
C TYR G 177 -64.48 -2.73 -19.74
N ASP G 178 -64.12 -2.53 -21.01
CA ASP G 178 -63.64 -1.22 -21.44
C ASP G 178 -64.77 -0.19 -21.44
N THR G 179 -65.96 -0.59 -21.91
CA THR G 179 -67.12 0.31 -21.85
C THR G 179 -67.42 0.70 -20.41
N PHE G 180 -67.23 -0.23 -19.47
CA PHE G 180 -67.35 0.09 -18.06
C PHE G 180 -66.39 1.21 -17.66
N ILE G 181 -65.12 1.07 -18.04
CA ILE G 181 -64.13 2.06 -17.65
C ILE G 181 -64.23 3.32 -18.50
N LYS G 182 -64.73 3.21 -19.74
CA LYS G 182 -64.91 4.39 -20.56
C LYS G 182 -66.19 5.13 -20.21
N GLN G 183 -67.18 4.43 -19.66
CA GLN G 183 -68.31 5.10 -19.05
C GLN G 183 -67.90 5.82 -17.77
N TYR G 184 -67.17 5.12 -16.91
CA TYR G 184 -66.93 5.60 -15.56
C TYR G 184 -66.11 6.88 -15.54
N LYS G 185 -65.18 7.05 -16.48
CA LYS G 185 -64.33 8.23 -16.48
C LYS G 185 -65.16 9.50 -16.60
N ASN G 186 -66.17 9.50 -17.48
CA ASN G 186 -67.03 10.67 -17.61
C ASN G 186 -67.70 11.04 -16.30
N SER G 187 -68.15 10.03 -15.55
CA SER G 187 -68.86 10.30 -14.30
C SER G 187 -67.92 10.87 -13.25
N TYR G 188 -66.67 10.39 -13.20
CA TYR G 188 -65.75 10.83 -12.15
C TYR G 188 -65.25 12.24 -12.41
N LEU G 189 -64.96 12.59 -13.67
CA LEU G 189 -64.54 13.95 -13.96
C LEU G 189 -65.68 14.94 -13.76
N SER G 190 -66.92 14.51 -13.97
CA SER G 190 -68.06 15.42 -13.78
C SER G 190 -68.34 15.66 -12.30
N GLY G 191 -67.88 14.76 -11.43
CA GLY G 191 -68.17 14.87 -10.02
C GLY G 191 -67.13 15.68 -9.26
N VAL G 192 -65.93 15.79 -9.83
CA VAL G 192 -64.82 16.41 -9.12
C VAL G 192 -64.79 17.94 -9.30
N ASP G 193 -65.25 18.45 -10.45
CA ASP G 193 -65.24 19.89 -10.63
C ASP G 193 -66.38 20.56 -9.87
N MET G 194 -67.53 19.90 -9.78
CA MET G 194 -68.66 20.47 -9.06
C MET G 194 -68.36 20.60 -7.57
N ILE G 195 -67.72 19.58 -6.97
CA ILE G 195 -67.34 19.70 -5.57
C ILE G 195 -66.31 20.81 -5.38
N ARG G 196 -65.58 21.16 -6.43
CA ARG G 196 -64.66 22.29 -6.39
C ARG G 196 -65.31 23.62 -6.73
N LYS G 197 -66.44 23.60 -7.46
CA LYS G 197 -67.15 24.82 -7.83
C LYS G 197 -68.26 25.18 -6.85
N ILE G 198 -68.90 24.19 -6.23
CA ILE G 198 -70.02 24.43 -5.31
C ILE G 198 -69.60 24.23 -3.86
N GLU G 199 -68.31 24.06 -3.59
CA GLU G 199 -67.84 23.94 -2.20
C GLU G 199 -68.08 25.21 -1.40
N LYS G 200 -68.20 26.36 -2.07
CA LYS G 200 -68.44 27.61 -1.37
C LYS G 200 -69.92 27.85 -1.09
N GLN G 201 -70.79 27.39 -1.99
CA GLN G 201 -72.22 27.64 -1.82
C GLN G 201 -72.81 26.82 -0.67
N ILE G 202 -72.27 25.63 -0.42
CA ILE G 202 -72.78 24.82 0.69
C ILE G 202 -72.55 25.54 2.00
N ASP G 203 -73.45 25.31 2.95
CA ASP G 203 -73.35 25.92 4.26
C ASP G 203 -72.66 25.03 5.28
N ASN G 204 -72.76 23.71 5.10
CA ASN G 204 -72.08 22.75 5.96
C ASN G 204 -71.08 21.95 5.12
N PRO G 205 -69.78 22.03 5.40
CA PRO G 205 -68.79 21.27 4.63
C PRO G 205 -68.43 19.91 5.21
N VAL G 206 -69.14 19.45 6.24
CA VAL G 206 -68.88 18.11 6.77
C VAL G 206 -69.09 17.06 5.70
N THR G 207 -70.17 17.19 4.92
CA THR G 207 -70.39 16.30 3.78
C THR G 207 -69.35 16.54 2.69
N ILE G 208 -68.78 17.74 2.63
CA ILE G 208 -67.94 18.12 1.49
C ILE G 208 -66.58 17.41 1.54
N ASN G 209 -66.03 17.20 2.74
CA ASN G 209 -64.78 16.46 2.81
C ASN G 209 -65.02 14.97 2.57
N ALA G 210 -66.10 14.43 3.15
CA ALA G 210 -66.41 13.02 2.94
C ALA G 210 -66.53 12.70 1.46
N ILE G 211 -67.19 13.58 0.68
CA ILE G 211 -67.31 13.33 -0.75
C ILE G 211 -65.99 13.61 -1.47
N LYS G 212 -65.19 14.56 -0.96
CA LYS G 212 -63.96 14.91 -1.64
C LYS G 212 -62.92 13.79 -1.53
N PHE G 213 -62.93 13.03 -0.44
CA PHE G 213 -61.93 11.99 -0.28
C PHE G 213 -62.32 10.69 -0.98
N THR G 214 -63.61 10.32 -0.94
CA THR G 214 -64.05 9.16 -1.70
C THR G 214 -63.68 9.31 -3.17
N GLN G 215 -63.73 10.53 -3.69
CA GLN G 215 -63.18 10.81 -5.01
C GLN G 215 -61.71 10.42 -5.08
N LYS G 216 -60.93 10.75 -4.05
CA LYS G 216 -59.51 10.41 -4.04
C LYS G 216 -59.31 8.90 -4.06
N GLU G 217 -60.09 8.17 -3.25
CA GLU G 217 -60.02 6.71 -3.29
C GLU G 217 -60.38 6.19 -4.68
N MET G 218 -61.53 6.63 -5.20
CA MET G 218 -61.93 6.25 -6.56
C MET G 218 -60.84 6.61 -7.58
N GLY G 219 -60.31 7.84 -7.49
CA GLY G 219 -59.28 8.26 -8.42
C GLY G 219 -58.06 7.36 -8.43
N TYR G 220 -57.77 6.73 -7.29
CA TYR G 220 -56.67 5.77 -7.22
C TYR G 220 -57.09 4.41 -7.78
N ILE G 221 -58.38 4.06 -7.69
CA ILE G 221 -58.82 2.77 -8.18
C ILE G 221 -58.87 2.74 -9.72
N ILE G 222 -59.16 3.87 -10.36
CA ILE G 222 -59.36 3.88 -11.81
C ILE G 222 -58.06 3.55 -12.53
N ASP G 223 -56.97 4.24 -12.18
CA ASP G 223 -55.72 4.02 -12.89
C ASP G 223 -55.18 2.60 -12.67
N ARG G 224 -55.38 2.06 -11.46
CA ARG G 224 -55.05 0.65 -11.24
C ARG G 224 -55.91 -0.25 -12.11
N PHE G 225 -57.22 0.03 -12.15
CA PHE G 225 -58.10 -0.61 -13.11
C PHE G 225 -57.62 -0.35 -14.53
N GLU G 226 -57.25 0.90 -14.81
CA GLU G 226 -56.70 1.24 -16.12
C GLU G 226 -55.41 0.47 -16.38
N TYR G 227 -54.57 0.32 -15.35
CA TYR G 227 -53.30 -0.36 -15.51
C TYR G 227 -53.50 -1.83 -15.84
N HIS G 228 -54.33 -2.53 -15.05
CA HIS G 228 -54.62 -3.94 -15.31
C HIS G 228 -55.25 -4.12 -16.69
N LEU G 229 -56.15 -3.20 -17.06
CA LEU G 229 -56.83 -3.30 -18.35
C LEU G 229 -55.86 -3.12 -19.52
N GLN G 230 -54.83 -2.28 -19.35
CA GLN G 230 -53.84 -2.13 -20.42
C GLN G 230 -52.95 -3.36 -20.51
N LYS G 231 -52.59 -3.96 -19.38
CA LYS G 231 -51.70 -5.12 -19.40
C LYS G 231 -52.37 -6.33 -20.04
N VAL G 232 -53.64 -6.56 -19.74
CA VAL G 232 -54.36 -7.67 -20.37
C VAL G 232 -54.45 -7.45 -21.87
N LYS G 233 -54.69 -6.22 -22.29
CA LYS G 233 -54.68 -5.90 -23.72
C LYS G 233 -53.29 -6.14 -24.31
N HIS G 234 -52.25 -5.62 -23.65
CA HIS G 234 -50.89 -5.79 -24.13
C HIS G 234 -50.49 -7.26 -24.18
N SER G 235 -51.12 -8.10 -23.35
CA SER G 235 -50.84 -9.52 -23.39
C SER G 235 -51.58 -10.21 -24.54
N ILE G 236 -52.84 -9.85 -24.77
CA ILE G 236 -53.63 -10.55 -25.78
C ILE G 236 -53.25 -10.09 -27.19
N ASP G 237 -52.94 -8.80 -27.37
CA ASP G 237 -52.63 -8.32 -28.71
C ASP G 237 -51.26 -8.78 -29.18
N GLN G 238 -50.31 -8.92 -28.26
CA GLN G 238 -48.99 -9.41 -28.63
C GLN G 238 -48.99 -10.92 -28.86
N VAL G 239 -49.83 -11.66 -28.14
CA VAL G 239 -49.96 -13.09 -28.40
C VAL G 239 -50.61 -13.33 -29.76
N THR G 240 -51.60 -12.51 -30.13
CA THR G 240 -52.16 -12.59 -31.47
C THR G 240 -51.11 -12.31 -32.53
N ALA G 241 -50.15 -11.44 -32.24
CA ALA G 241 -49.05 -11.22 -33.17
C ALA G 241 -48.21 -12.48 -33.32
N LEU G 242 -48.06 -13.27 -32.25
CA LEU G 242 -47.29 -14.50 -32.31
C LEU G 242 -47.98 -15.55 -33.18
N SER G 243 -49.32 -15.54 -33.23
CA SER G 243 -50.04 -16.48 -34.08
C SER G 243 -49.79 -16.20 -35.55
N ASP G 244 -49.71 -14.92 -35.92
CA ASP G 244 -49.45 -14.50 -37.30
C ASP G 244 -48.00 -14.11 -37.52
N GLY G 245 -47.16 -14.16 -36.49
CA GLY G 245 -45.81 -13.66 -36.61
C GLY G 245 -44.95 -14.48 -37.55
N VAL G 246 -44.97 -15.80 -37.41
CA VAL G 246 -44.06 -16.67 -38.14
C VAL G 246 -44.58 -18.09 -38.07
N LYS G 247 -44.14 -18.93 -39.01
CA LYS G 247 -44.49 -20.35 -39.08
C LYS G 247 -43.20 -21.15 -39.07
N PRO G 248 -42.55 -21.30 -37.91
CA PRO G 248 -41.30 -22.07 -37.86
C PRO G 248 -41.50 -23.48 -37.32
N LYS G 249 -40.81 -24.46 -37.91
CA LYS G 249 -40.93 -25.82 -37.43
C LYS G 249 -40.15 -26.02 -36.13
N GLN G 250 -38.90 -25.56 -36.10
CA GLN G 250 -38.00 -25.82 -34.98
C GLN G 250 -37.12 -24.60 -34.73
N VAL G 251 -36.67 -24.45 -33.49
CA VAL G 251 -35.89 -23.29 -33.06
C VAL G 251 -34.69 -23.75 -32.22
N THR G 252 -33.83 -22.78 -31.91
CA THR G 252 -32.60 -23.03 -31.13
C THR G 252 -32.93 -23.29 -29.67
N LYS G 253 -32.16 -24.19 -29.05
CA LYS G 253 -32.46 -24.60 -27.67
C LYS G 253 -32.60 -23.41 -26.73
N ASN G 254 -31.75 -22.39 -26.90
CA ASN G 254 -31.90 -21.18 -26.12
C ASN G 254 -33.15 -20.40 -26.53
N ARG G 255 -33.61 -20.59 -27.77
CA ARG G 255 -34.71 -19.77 -28.28
C ARG G 255 -36.07 -20.28 -27.77
N LEU G 256 -36.26 -21.60 -27.68
CA LEU G 256 -37.54 -22.10 -27.16
C LEU G 256 -37.73 -21.74 -25.69
N LYS G 257 -36.70 -21.87 -24.87
CA LYS G 257 -36.86 -21.52 -23.47
C LYS G 257 -37.19 -20.04 -23.29
N GLU G 258 -36.81 -19.20 -24.27
CA GLU G 258 -37.30 -17.83 -24.30
C GLU G 258 -38.74 -17.79 -24.78
N TYR G 259 -39.06 -18.53 -25.84
CA TYR G 259 -40.43 -18.59 -26.32
C TYR G 259 -41.36 -19.24 -25.31
N TYR G 260 -40.85 -20.19 -24.52
CA TYR G 260 -41.66 -20.76 -23.45
C TYR G 260 -42.00 -19.70 -22.41
N PHE G 261 -41.12 -18.72 -22.23
CA PHE G 261 -41.33 -17.71 -21.21
C PHE G 261 -42.37 -16.68 -21.63
N ASN G 262 -42.41 -16.33 -22.92
CA ASN G 262 -43.26 -15.22 -23.35
C ASN G 262 -44.74 -15.54 -23.19
N ILE G 263 -45.19 -16.73 -23.60
CA ILE G 263 -46.58 -17.10 -23.35
C ILE G 263 -46.80 -17.27 -21.86
N GLY G 264 -45.80 -17.79 -21.14
CA GLY G 264 -45.91 -17.87 -19.69
C GLY G 264 -46.02 -16.49 -19.06
N ASN G 265 -45.20 -15.55 -19.52
CA ASN G 265 -45.29 -14.17 -19.05
C ASN G 265 -46.61 -13.53 -19.47
N TYR G 266 -46.95 -13.62 -20.76
CA TYR G 266 -48.16 -12.97 -21.26
C TYR G 266 -49.41 -13.58 -20.64
N TYR G 267 -49.53 -14.90 -20.64
CA TYR G 267 -50.74 -15.54 -20.14
C TYR G 267 -50.89 -15.36 -18.64
N SER G 268 -49.78 -15.45 -17.88
CA SER G 268 -49.87 -15.26 -16.44
C SER G 268 -50.37 -13.86 -16.10
N ILE G 269 -49.98 -12.86 -16.88
CA ILE G 269 -50.53 -11.52 -16.70
C ILE G 269 -52.03 -11.52 -17.02
N PHE G 270 -52.43 -12.23 -18.07
CA PHE G 270 -53.84 -12.34 -18.42
C PHE G 270 -54.63 -12.97 -17.29
N LYS G 271 -54.18 -14.14 -16.81
CA LYS G 271 -54.88 -14.80 -15.73
C LYS G 271 -54.84 -13.98 -14.44
N PHE G 272 -53.71 -13.32 -14.19
CA PHE G 272 -53.63 -12.42 -13.05
C PHE G 272 -54.51 -11.19 -13.25
N GLY G 273 -54.57 -10.68 -14.49
CA GLY G 273 -55.38 -9.51 -14.77
C GLY G 273 -56.87 -9.76 -14.63
N LYS G 274 -57.32 -10.98 -14.96
CA LYS G 274 -58.73 -11.31 -14.81
C LYS G 274 -59.17 -11.26 -13.36
N ASP G 275 -58.35 -11.82 -12.46
CA ASP G 275 -58.68 -11.79 -11.04
C ASP G 275 -58.70 -10.37 -10.50
N SER G 276 -57.79 -9.52 -10.98
CA SER G 276 -57.70 -8.15 -10.48
C SER G 276 -58.87 -7.31 -10.95
N LEU G 277 -59.32 -7.52 -12.19
CA LEU G 277 -60.40 -6.69 -12.72
C LEU G 277 -61.73 -6.98 -12.03
N ASN G 278 -62.00 -8.25 -11.74
CA ASN G 278 -63.25 -8.61 -11.06
C ASN G 278 -63.36 -7.90 -9.72
N MET G 279 -62.29 -7.93 -8.92
CA MET G 279 -62.32 -7.25 -7.63
C MET G 279 -62.36 -5.73 -7.81
N LEU G 280 -61.67 -5.21 -8.82
CA LEU G 280 -61.67 -3.77 -9.05
C LEU G 280 -63.00 -3.31 -9.64
N ASN G 281 -63.61 -4.14 -10.50
CA ASN G 281 -64.94 -3.81 -11.01
C ASN G 281 -65.97 -3.78 -9.89
N LYS G 282 -65.98 -4.81 -9.05
CA LYS G 282 -66.95 -4.86 -7.95
C LYS G 282 -66.67 -3.78 -6.92
N ALA G 283 -65.39 -3.47 -6.67
CA ALA G 283 -65.07 -2.43 -5.71
C ALA G 283 -65.50 -1.06 -6.22
N LEU G 284 -65.34 -0.81 -7.52
CA LEU G 284 -65.65 0.51 -8.07
C LEU G 284 -67.13 0.81 -8.01
N ILE G 285 -67.99 -0.17 -8.32
CA ILE G 285 -69.42 0.09 -8.31
C ILE G 285 -69.92 0.38 -6.91
N HIS G 286 -69.26 -0.17 -5.88
CA HIS G 286 -69.64 0.14 -4.51
C HIS G 286 -69.27 1.58 -4.17
N LYS G 287 -68.15 2.08 -4.70
CA LYS G 287 -67.71 3.44 -4.37
C LYS G 287 -68.61 4.48 -5.03
N GLU G 288 -69.04 4.23 -6.27
CA GLU G 288 -69.93 5.17 -6.93
C GLU G 288 -71.32 5.20 -6.29
N LYS G 289 -71.75 4.08 -5.71
CA LYS G 289 -73.05 4.03 -5.07
C LYS G 289 -73.05 4.81 -3.77
N ILE G 290 -72.06 4.57 -2.91
CA ILE G 290 -72.01 5.29 -1.64
C ILE G 290 -71.85 6.79 -1.88
N VAL G 291 -70.99 7.16 -2.84
CA VAL G 291 -70.74 8.57 -3.12
C VAL G 291 -72.01 9.30 -3.55
N HIS G 292 -73.02 8.57 -4.03
CA HIS G 292 -74.29 9.19 -4.37
C HIS G 292 -75.12 9.51 -3.13
N ASN G 293 -75.01 8.68 -2.09
CA ASN G 293 -75.84 8.87 -0.91
C ASN G 293 -75.42 10.10 -0.11
N LEU G 294 -74.11 10.33 0.04
CA LEU G 294 -73.69 11.53 0.75
C LEU G 294 -73.84 12.79 -0.10
N LEU G 295 -73.71 12.68 -1.42
CA LEU G 295 -74.06 13.82 -2.26
C LEU G 295 -75.56 14.05 -2.28
N GLY G 296 -76.35 12.97 -2.21
CA GLY G 296 -77.79 13.13 -2.19
C GLY G 296 -78.28 13.75 -0.88
N GLU G 297 -77.69 13.33 0.24
CA GLU G 297 -78.06 13.93 1.52
C GLU G 297 -77.68 15.41 1.58
N LEU G 298 -76.58 15.78 0.91
CA LEU G 298 -76.19 17.18 0.85
C LEU G 298 -77.20 18.01 0.06
N PHE G 299 -77.76 17.45 -1.01
CA PHE G 299 -78.66 18.21 -1.86
C PHE G 299 -80.02 18.39 -1.20
N GLY G 300 -80.54 17.35 -0.54
CA GLY G 300 -81.77 17.51 0.22
C GLY G 300 -81.64 18.48 1.37
N HIS G 301 -80.41 18.73 1.83
CA HIS G 301 -80.12 19.62 2.95
C HIS G 301 -80.13 21.08 2.55
N LEU G 302 -80.23 21.41 1.26
CA LEU G 302 -80.19 22.80 0.84
C LEU G 302 -81.44 23.55 1.27
N GLU G 303 -82.60 22.89 1.25
CA GLU G 303 -83.82 23.53 1.73
C GLU G 303 -83.70 23.89 3.20
N GLU G 304 -83.15 22.97 4.00
CA GLU G 304 -83.02 23.20 5.43
C GLU G 304 -81.99 24.27 5.74
N ARG G 305 -80.96 24.39 4.91
CA ARG G 305 -79.79 25.19 5.29
C ARG G 305 -80.11 26.69 5.32
N ILE G 306 -80.90 27.17 4.37
CA ILE G 306 -81.16 28.60 4.34
C ILE G 306 -82.48 28.92 5.04
N VAL H 24 -17.64 -34.77 4.47
CA VAL H 24 -18.20 -34.37 5.75
C VAL H 24 -18.97 -35.54 6.33
N GLU H 25 -18.98 -36.64 5.59
CA GLU H 25 -19.67 -37.85 6.03
C GLU H 25 -19.02 -38.41 7.29
N SER H 26 -19.86 -38.94 8.19
CA SER H 26 -19.34 -39.59 9.37
C SER H 26 -18.56 -40.84 8.97
N GLU H 27 -17.40 -41.03 9.60
CA GLU H 27 -16.53 -42.14 9.25
C GLU H 27 -17.19 -43.46 9.60
N GLY H 28 -17.02 -44.45 8.71
CA GLY H 28 -17.48 -45.80 8.95
C GLY H 28 -16.33 -46.77 8.93
N GLY H 29 -16.38 -47.76 9.81
CA GLY H 29 -15.36 -48.79 9.87
C GLY H 29 -15.79 -50.06 9.15
N LEU H 30 -14.82 -50.96 9.01
CA LEU H 30 -15.11 -52.27 8.44
C LEU H 30 -16.07 -53.03 9.35
N VAL H 31 -17.17 -53.52 8.77
CA VAL H 31 -18.21 -54.17 9.54
C VAL H 31 -18.61 -55.48 8.86
N GLN H 32 -19.20 -56.37 9.66
CA GLN H 32 -19.81 -57.58 9.15
C GLN H 32 -21.13 -57.22 8.46
N PRO H 33 -21.71 -58.13 7.67
CA PRO H 33 -22.98 -57.82 7.01
C PRO H 33 -24.16 -57.80 7.97
N GLY H 34 -24.11 -56.93 8.98
CA GLY H 34 -25.20 -56.83 9.93
C GLY H 34 -25.57 -55.40 10.24
N SER H 35 -25.05 -54.47 9.45
CA SER H 35 -25.29 -53.06 9.69
C SER H 35 -26.76 -52.71 9.50
N SER H 36 -27.27 -51.85 10.38
CA SER H 36 -28.55 -51.19 10.20
C SER H 36 -28.42 -49.68 10.33
N MET H 37 -27.19 -49.17 10.48
CA MET H 37 -26.94 -47.76 10.72
C MET H 37 -27.01 -46.96 9.42
N ASN H 38 -27.13 -45.65 9.57
CA ASN H 38 -27.07 -44.71 8.46
C ASN H 38 -25.79 -43.90 8.55
N LEU H 39 -25.04 -43.87 7.45
CA LEU H 39 -24.00 -42.87 7.32
C LEU H 39 -24.69 -41.50 7.35
N SER H 40 -24.06 -40.55 8.03
CA SER H 40 -24.68 -39.24 8.22
C SER H 40 -23.65 -38.17 7.87
N CYS H 41 -23.97 -37.33 6.90
CA CYS H 41 -23.11 -36.22 6.56
C CYS H 41 -23.83 -34.94 6.96
N THR H 42 -23.17 -34.12 7.78
CA THR H 42 -23.59 -32.75 8.02
C THR H 42 -23.12 -31.91 6.84
N ALA H 43 -23.78 -30.79 6.61
CA ALA H 43 -23.34 -29.90 5.56
C ALA H 43 -23.86 -28.50 5.83
N SER H 44 -23.14 -27.51 5.31
CA SER H 44 -23.19 -26.17 5.85
C SER H 44 -22.96 -25.17 4.74
N GLY H 45 -23.33 -23.92 5.02
CA GLY H 45 -23.05 -22.85 4.09
C GLY H 45 -23.98 -22.77 2.90
N PHE H 46 -24.96 -23.67 2.80
CA PHE H 46 -25.87 -23.71 1.68
C PHE H 46 -27.23 -24.24 2.15
N THR H 47 -28.26 -24.00 1.34
CA THR H 47 -29.63 -24.30 1.70
C THR H 47 -30.03 -25.65 1.12
N PHE H 48 -30.49 -26.55 1.99
CA PHE H 48 -30.85 -27.91 1.60
C PHE H 48 -32.32 -28.03 1.26
N SER H 49 -33.12 -27.06 1.68
CA SER H 49 -34.55 -27.12 1.41
C SER H 49 -34.84 -27.01 -0.07
N ASP H 50 -33.97 -26.36 -0.84
CA ASP H 50 -34.18 -26.20 -2.27
C ASP H 50 -33.22 -27.01 -3.11
N TYR H 51 -32.34 -27.79 -2.49
CA TYR H 51 -31.33 -28.56 -3.21
C TYR H 51 -31.50 -30.05 -2.95
N TYR H 52 -31.54 -30.83 -4.02
CA TYR H 52 -31.64 -32.27 -3.91
C TYR H 52 -30.36 -32.85 -3.32
N MET H 53 -30.49 -34.05 -2.76
CA MET H 53 -29.40 -34.72 -2.05
C MET H 53 -29.29 -36.15 -2.55
N ALA H 54 -28.09 -36.51 -3.02
CA ALA H 54 -27.80 -37.87 -3.46
C ALA H 54 -26.42 -38.27 -2.95
N TRP H 55 -26.22 -39.58 -2.77
CA TRP H 55 -24.91 -40.14 -2.52
C TRP H 55 -24.49 -41.04 -3.69
N VAL H 56 -23.28 -41.60 -3.56
CA VAL H 56 -22.65 -42.34 -4.64
C VAL H 56 -21.41 -43.06 -4.13
N ARG H 57 -21.28 -44.34 -4.44
CA ARG H 57 -20.07 -45.09 -4.20
C ARG H 57 -19.38 -45.36 -5.53
N GLN H 58 -18.06 -45.22 -5.57
CA GLN H 58 -17.30 -45.30 -6.81
C GLN H 58 -16.30 -46.45 -6.74
N VAL H 59 -16.58 -47.51 -7.47
CA VAL H 59 -15.64 -48.59 -7.76
C VAL H 59 -14.52 -47.98 -8.60
N PRO H 60 -13.29 -48.50 -8.53
CA PRO H 60 -12.25 -48.03 -9.47
C PRO H 60 -12.72 -47.95 -10.92
N ASP H 61 -13.38 -48.99 -11.42
CA ASP H 61 -13.95 -49.01 -12.76
C ASP H 61 -15.45 -49.25 -12.65
N LYS H 62 -16.24 -48.24 -12.99
CA LYS H 62 -15.70 -46.96 -13.46
C LYS H 62 -15.40 -45.89 -12.38
N GLY H 63 -16.21 -45.73 -11.32
CA GLY H 63 -17.38 -46.53 -10.98
C GLY H 63 -18.66 -46.16 -11.69
N LEU H 64 -18.99 -44.87 -11.69
CA LEU H 64 -20.25 -44.39 -12.26
C LEU H 64 -21.43 -45.13 -11.67
N GLU H 65 -21.40 -45.31 -10.35
CA GLU H 65 -22.41 -46.09 -9.64
C GLU H 65 -23.08 -45.19 -8.61
N TRP H 66 -24.31 -44.80 -8.90
CA TRP H 66 -25.08 -43.89 -8.06
C TRP H 66 -25.99 -44.72 -7.15
N VAL H 67 -25.87 -44.51 -5.83
CA VAL H 67 -26.60 -45.36 -4.89
C VAL H 67 -28.05 -44.92 -4.75
N ALA H 68 -28.28 -43.62 -4.55
CA ALA H 68 -29.63 -43.14 -4.26
C ALA H 68 -29.65 -41.62 -4.34
N SER H 69 -30.85 -41.06 -4.32
CA SER H 69 -31.08 -39.63 -4.25
C SER H 69 -32.36 -39.40 -3.45
N VAL H 70 -32.38 -38.34 -2.65
CA VAL H 70 -33.51 -38.06 -1.76
C VAL H 70 -34.04 -36.65 -2.05
N SER H 71 -35.35 -36.49 -1.95
CA SER H 71 -36.00 -35.23 -2.29
C SER H 71 -35.95 -34.27 -1.11
N TYR H 72 -35.90 -32.97 -1.41
CA TYR H 72 -35.75 -31.96 -0.36
C TYR H 72 -36.89 -32.03 0.65
N ASP H 73 -38.12 -32.24 0.16
CA ASP H 73 -39.23 -32.49 1.07
C ASP H 73 -39.10 -33.84 1.75
N GLY H 74 -38.38 -34.78 1.13
CA GLY H 74 -38.35 -36.15 1.59
C GLY H 74 -39.50 -37.00 1.12
N SER H 75 -40.35 -36.48 0.24
CA SER H 75 -41.55 -37.21 -0.17
C SER H 75 -41.21 -38.39 -1.07
N ILE H 76 -40.39 -38.15 -2.10
CA ILE H 76 -40.05 -39.19 -3.07
C ILE H 76 -38.55 -39.47 -3.00
N THR H 77 -38.19 -40.74 -3.13
CA THR H 77 -36.79 -41.18 -3.07
C THR H 77 -36.54 -42.20 -4.17
N TYR H 78 -35.37 -42.12 -4.79
CA TYR H 78 -34.97 -43.01 -5.85
C TYR H 78 -33.89 -43.97 -5.36
N TYR H 79 -34.08 -45.26 -5.64
CA TYR H 79 -33.11 -46.29 -5.29
C TYR H 79 -32.78 -47.11 -6.52
N LEU H 80 -31.50 -47.42 -6.68
CA LEU H 80 -31.06 -48.33 -7.74
C LEU H 80 -31.76 -49.68 -7.58
N ASP H 81 -32.31 -50.20 -8.68
CA ASP H 81 -33.06 -51.46 -8.59
C ASP H 81 -32.14 -52.61 -8.19
N SER H 82 -30.90 -52.60 -8.68
CA SER H 82 -29.93 -53.59 -8.23
C SER H 82 -29.57 -53.37 -6.76
N LEU H 83 -29.58 -52.13 -6.30
CA LEU H 83 -29.37 -51.81 -4.90
C LEU H 83 -30.69 -51.68 -4.12
N LYS H 84 -31.81 -51.98 -4.77
CA LYS H 84 -33.11 -51.85 -4.13
C LYS H 84 -33.27 -52.89 -3.02
N SER H 85 -34.06 -52.53 -2.01
CA SER H 85 -34.38 -53.37 -0.85
C SER H 85 -33.16 -53.60 0.03
N ARG H 86 -31.97 -53.25 -0.46
CA ARG H 86 -30.78 -53.44 0.36
C ARG H 86 -30.68 -52.37 1.44
N PHE H 87 -30.94 -51.10 1.09
CA PHE H 87 -30.80 -50.04 2.07
C PHE H 87 -31.65 -48.85 1.67
N ILE H 88 -31.86 -47.93 2.62
CA ILE H 88 -32.70 -46.76 2.45
C ILE H 88 -31.91 -45.51 2.82
N ILE H 89 -32.40 -44.37 2.33
CA ILE H 89 -31.80 -43.06 2.60
C ILE H 89 -32.84 -42.20 3.32
N SER H 90 -32.38 -41.45 4.32
CA SER H 90 -33.24 -40.57 5.11
C SER H 90 -32.61 -39.19 5.21
N ARG H 91 -33.44 -38.17 5.24
CA ARG H 91 -32.91 -36.81 5.32
C ARG H 91 -33.72 -36.01 6.34
N ASP H 92 -33.01 -35.15 7.07
CA ASP H 92 -33.63 -34.27 8.07
C ASP H 92 -33.30 -32.84 7.67
N ASN H 93 -34.34 -32.08 7.31
CA ASN H 93 -34.12 -30.74 6.76
C ASN H 93 -33.73 -29.73 7.84
N VAL H 94 -34.37 -29.79 9.00
CA VAL H 94 -34.04 -28.85 10.07
C VAL H 94 -32.63 -29.12 10.60
N LYS H 95 -32.26 -30.40 10.72
CA LYS H 95 -30.90 -30.75 11.09
C LYS H 95 -29.91 -30.56 9.94
N ASN H 96 -30.40 -30.51 8.70
CA ASN H 96 -29.62 -30.40 7.48
C ASN H 96 -28.77 -31.63 7.21
N ILE H 97 -28.96 -32.71 7.97
CA ILE H 97 -28.15 -33.91 7.85
C ILE H 97 -28.79 -34.85 6.83
N LEU H 98 -27.95 -35.68 6.21
CA LEU H 98 -28.39 -36.69 5.27
C LEU H 98 -28.01 -38.07 5.82
N ASN H 99 -28.97 -38.99 5.80
CA ASN H 99 -28.79 -40.32 6.38
C ASN H 99 -29.11 -41.39 5.34
N LEU H 100 -28.28 -42.43 5.27
CA LEU H 100 -28.54 -43.55 4.37
C LEU H 100 -28.32 -44.83 5.18
N GLN H 101 -29.41 -45.34 5.78
CA GLN H 101 -29.35 -46.58 6.54
C GLN H 101 -29.08 -47.75 5.61
N MET H 102 -28.10 -48.58 5.98
CA MET H 102 -27.71 -49.74 5.19
C MET H 102 -28.11 -51.03 5.92
N SER H 103 -28.44 -52.05 5.13
CA SER H 103 -28.81 -53.34 5.66
C SER H 103 -28.46 -54.42 4.64
N SER H 104 -28.37 -55.66 5.13
CA SER H 104 -28.03 -56.83 4.31
C SER H 104 -26.78 -56.54 3.47
N LEU H 105 -25.74 -56.04 4.13
CA LEU H 105 -24.51 -55.65 3.44
C LEU H 105 -23.89 -56.86 2.75
N LYS H 106 -23.18 -56.60 1.66
CA LYS H 106 -22.62 -57.68 0.84
C LYS H 106 -21.20 -57.30 0.41
N SER H 107 -20.43 -58.33 0.04
CA SER H 107 -19.05 -58.13 -0.35
C SER H 107 -18.91 -57.35 -1.66
N GLU H 108 -19.98 -57.25 -2.45
CA GLU H 108 -20.00 -56.32 -3.57
C GLU H 108 -20.49 -54.95 -3.17
N ASP H 109 -21.17 -54.83 -2.03
CA ASP H 109 -21.69 -53.54 -1.58
C ASP H 109 -20.60 -52.65 -1.01
N THR H 110 -19.54 -53.24 -0.47
CA THR H 110 -18.47 -52.45 0.10
C THR H 110 -17.80 -51.59 -0.97
N ALA H 111 -17.55 -50.34 -0.61
CA ALA H 111 -16.90 -49.37 -1.49
C ALA H 111 -16.65 -48.12 -0.66
N THR H 112 -16.28 -47.04 -1.34
CA THR H 112 -16.14 -45.71 -0.72
C THR H 112 -17.37 -44.87 -1.07
N TYR H 113 -17.99 -44.28 -0.05
CA TYR H 113 -19.23 -43.55 -0.21
C TYR H 113 -18.99 -42.06 -0.03
N TYR H 114 -19.81 -41.25 -0.71
CA TYR H 114 -19.68 -39.80 -0.70
C TYR H 114 -21.02 -39.17 -0.38
N CYS H 115 -20.97 -37.95 0.17
CA CYS H 115 -22.14 -37.10 0.31
C CYS H 115 -22.07 -36.03 -0.78
N THR H 116 -23.09 -35.97 -1.63
CA THR H 116 -23.06 -35.10 -2.79
C THR H 116 -24.31 -34.23 -2.82
N ARG H 117 -24.25 -33.22 -3.69
CA ARG H 117 -25.36 -32.31 -3.92
C ARG H 117 -25.79 -32.44 -5.38
N VAL H 118 -27.06 -32.76 -5.59
CA VAL H 118 -27.59 -32.94 -6.93
C VAL H 118 -27.81 -31.57 -7.56
N THR H 119 -27.57 -31.47 -8.86
CA THR H 119 -27.99 -30.29 -9.59
C THR H 119 -29.47 -30.44 -9.97
N VAL H 120 -30.02 -29.39 -10.58
CA VAL H 120 -31.38 -29.47 -11.10
C VAL H 120 -31.46 -30.44 -12.27
N VAL H 121 -30.34 -30.71 -12.95
CA VAL H 121 -30.31 -31.56 -14.13
C VAL H 121 -29.86 -32.98 -13.80
N ASP H 122 -29.77 -33.32 -12.51
CA ASP H 122 -29.38 -34.62 -11.94
C ASP H 122 -27.87 -34.83 -11.92
N SER H 123 -27.07 -33.91 -12.45
CA SER H 123 -25.63 -33.97 -12.20
C SER H 123 -25.36 -33.61 -10.74
N PHE H 124 -24.10 -33.69 -10.34
CA PHE H 124 -23.71 -33.58 -8.95
C PHE H 124 -23.01 -32.24 -8.73
N ASP H 125 -23.68 -31.35 -8.01
CA ASP H 125 -23.16 -30.00 -7.79
C ASP H 125 -21.84 -30.04 -7.05
N TYR H 126 -21.83 -30.62 -5.85
CA TYR H 126 -20.63 -30.71 -5.03
C TYR H 126 -20.46 -32.14 -4.55
N TRP H 127 -19.33 -32.39 -3.88
CA TRP H 127 -18.97 -33.71 -3.40
C TRP H 127 -18.41 -33.60 -1.99
N GLY H 128 -18.74 -34.59 -1.16
CA GLY H 128 -18.26 -34.61 0.20
C GLY H 128 -16.88 -35.22 0.33
N GLN H 129 -16.40 -35.26 1.58
CA GLN H 129 -15.08 -35.81 1.85
C GLN H 129 -15.01 -37.29 1.46
N GLY H 130 -16.02 -38.05 1.86
CA GLY H 130 -16.06 -39.46 1.55
C GLY H 130 -15.89 -40.31 2.80
N THR H 131 -16.42 -41.53 2.73
CA THR H 131 -16.27 -42.50 3.80
C THR H 131 -15.97 -43.85 3.20
N THR H 132 -15.24 -44.67 3.95
CA THR H 132 -14.78 -45.98 3.49
C THR H 132 -15.51 -47.08 4.24
N LEU H 133 -16.14 -47.99 3.50
CA LEU H 133 -16.85 -49.11 4.09
C LEU H 133 -16.33 -50.41 3.50
N THR H 134 -16.06 -51.39 4.37
CA THR H 134 -15.59 -52.69 3.94
C THR H 134 -16.27 -53.77 4.75
N VAL H 135 -16.60 -54.88 4.10
CA VAL H 135 -17.26 -56.02 4.74
C VAL H 135 -16.41 -57.26 4.54
N SER H 136 -16.13 -57.96 5.63
CA SER H 136 -15.38 -59.21 5.59
C SER H 136 -15.50 -59.95 6.92
N VAL I 41 -0.35 -29.29 -24.63
CA VAL I 41 -1.06 -29.71 -25.83
C VAL I 41 -2.56 -29.76 -25.57
N ARG I 42 -3.30 -30.28 -26.56
CA ARG I 42 -4.74 -30.50 -26.44
C ARG I 42 -4.99 -32.00 -26.43
N VAL I 43 -5.69 -32.46 -25.40
CA VAL I 43 -6.03 -33.87 -25.27
C VAL I 43 -7.48 -34.07 -25.71
N SER I 44 -7.91 -35.33 -25.77
CA SER I 44 -9.27 -35.65 -26.20
C SER I 44 -9.61 -37.09 -25.84
N VAL I 45 -10.83 -37.29 -25.34
CA VAL I 45 -11.28 -38.61 -24.90
C VAL I 45 -12.82 -38.58 -24.91
N THR I 46 -13.43 -39.70 -25.29
CA THR I 46 -14.86 -39.73 -25.59
C THR I 46 -15.58 -40.77 -24.75
N CYS I 47 -16.92 -40.68 -24.75
CA CYS I 47 -17.80 -41.44 -23.88
C CYS I 47 -19.18 -41.46 -24.53
N LYS I 48 -19.64 -42.62 -25.03
CA LYS I 48 -20.83 -42.66 -25.87
C LYS I 48 -21.63 -43.94 -25.62
N ALA I 49 -22.93 -43.87 -25.91
CA ALA I 49 -23.85 -44.99 -25.86
C ALA I 49 -24.15 -45.49 -27.29
N SER I 50 -25.28 -46.17 -27.46
CA SER I 50 -25.74 -46.59 -28.77
C SER I 50 -26.97 -45.83 -29.23
N GLN I 51 -27.89 -45.60 -28.29
CA GLN I 51 -29.11 -44.86 -28.53
C GLN I 51 -29.28 -43.88 -27.37
N ASN I 52 -29.54 -42.61 -27.67
CA ASN I 52 -29.70 -41.64 -26.61
C ASN I 52 -30.76 -40.58 -26.88
N VAL I 53 -31.36 -40.06 -25.81
CA VAL I 53 -32.37 -39.02 -25.94
C VAL I 53 -31.66 -37.82 -26.55
N GLY I 54 -30.43 -37.59 -26.10
CA GLY I 54 -29.60 -36.51 -26.59
C GLY I 54 -28.52 -36.06 -25.62
N THR I 55 -28.19 -34.78 -25.62
CA THR I 55 -26.94 -34.28 -25.06
C THR I 55 -27.17 -33.36 -23.88
N ASN I 56 -26.65 -33.76 -22.71
CA ASN I 56 -26.60 -32.89 -21.54
C ASN I 56 -25.52 -33.35 -20.57
N VAL I 57 -24.41 -33.89 -21.08
CA VAL I 57 -23.48 -34.68 -20.28
C VAL I 57 -22.42 -33.81 -19.62
N ALA I 58 -22.17 -34.20 -18.37
CA ALA I 58 -21.17 -33.65 -17.47
C ALA I 58 -20.18 -34.81 -17.32
N TRP I 59 -18.94 -34.49 -17.67
CA TRP I 59 -17.81 -35.37 -17.56
C TRP I 59 -16.99 -34.62 -16.54
N TYR I 60 -16.66 -35.30 -15.46
CA TYR I 60 -15.90 -34.70 -14.35
C TYR I 60 -14.88 -35.68 -13.79
N GLN I 61 -14.07 -35.20 -12.84
CA GLN I 61 -13.04 -36.09 -12.30
C GLN I 61 -12.43 -35.56 -11.01
N GLN I 62 -11.94 -36.51 -10.21
CA GLN I 62 -11.11 -36.28 -9.03
C GLN I 62 -9.66 -36.04 -9.41
N LYS I 63 -8.94 -35.35 -8.52
CA LYS I 63 -7.48 -35.24 -8.58
C LYS I 63 -6.95 -34.59 -7.30
N SER I 67 -12.45 -37.81 -3.29
CA SER I 67 -13.14 -36.53 -3.31
C SER I 67 -13.17 -35.91 -4.70
N PRO I 68 -13.93 -36.52 -5.61
CA PRO I 68 -13.97 -35.99 -6.99
C PRO I 68 -14.68 -34.66 -7.06
N LYS I 69 -14.20 -33.79 -7.94
CA LYS I 69 -14.80 -32.48 -8.15
C LYS I 69 -15.37 -32.41 -9.57
N ALA I 70 -16.51 -31.72 -9.70
CA ALA I 70 -17.16 -31.56 -11.00
C ALA I 70 -16.61 -30.32 -11.69
N LEU I 71 -16.31 -30.46 -12.99
CA LEU I 71 -15.68 -29.39 -13.74
C LEU I 71 -16.42 -28.97 -15.00
N ILE I 72 -17.57 -29.57 -15.32
CA ILE I 72 -18.29 -29.25 -16.55
C ILE I 72 -19.73 -29.72 -16.35
N TYR I 73 -20.64 -29.14 -17.13
CA TYR I 73 -22.01 -29.62 -17.15
C TYR I 73 -22.61 -29.43 -18.54
N SER I 74 -23.30 -30.46 -19.03
CA SER I 74 -23.79 -30.52 -20.41
C SER I 74 -22.69 -30.17 -21.40
N ALA I 75 -21.47 -30.64 -21.10
CA ALA I 75 -20.30 -30.53 -21.96
C ALA I 75 -19.85 -29.08 -22.18
N SER I 76 -20.74 -28.24 -22.68
CA SER I 76 -20.32 -26.91 -23.14
C SER I 76 -20.05 -25.97 -21.98
N TYR I 77 -20.92 -25.91 -20.99
CA TYR I 77 -20.77 -24.94 -19.92
C TYR I 77 -19.88 -25.48 -18.80
N ARG I 78 -19.39 -24.56 -17.98
CA ARG I 78 -18.36 -24.82 -16.99
C ARG I 78 -18.87 -24.48 -15.59
N ASN I 79 -18.57 -25.35 -14.62
CA ASN I 79 -18.90 -25.05 -13.24
C ASN I 79 -18.13 -23.81 -12.75
N SER I 80 -18.49 -23.35 -11.57
CA SER I 80 -17.82 -22.18 -11.00
C SER I 80 -16.38 -22.52 -10.62
N GLY I 81 -15.46 -21.63 -10.99
CA GLY I 81 -14.05 -21.84 -10.71
C GLY I 81 -13.33 -22.77 -11.65
N VAL I 82 -13.99 -23.22 -12.72
CA VAL I 82 -13.43 -24.16 -13.69
C VAL I 82 -12.43 -23.44 -14.58
N PRO I 83 -11.31 -24.08 -14.92
CA PRO I 83 -10.32 -23.42 -15.78
C PRO I 83 -10.90 -23.04 -17.13
N ASP I 84 -10.53 -21.85 -17.60
CA ASP I 84 -10.92 -21.37 -18.92
C ASP I 84 -10.38 -22.25 -20.04
N ARG I 85 -9.35 -23.05 -19.76
CA ARG I 85 -8.60 -23.70 -20.82
C ARG I 85 -9.35 -24.85 -21.47
N PHE I 86 -10.28 -25.47 -20.73
CA PHE I 86 -10.84 -26.76 -21.14
C PHE I 86 -12.34 -26.61 -21.38
N THR I 87 -12.76 -26.82 -22.63
CA THR I 87 -14.16 -26.78 -23.02
C THR I 87 -14.48 -27.98 -23.91
N GLY I 88 -15.52 -28.73 -23.56
CA GLY I 88 -15.96 -29.87 -24.34
C GLY I 88 -17.27 -29.56 -25.05
N SER I 89 -17.51 -30.26 -26.16
CA SER I 89 -18.71 -30.03 -26.94
C SER I 89 -19.09 -31.31 -27.68
N GLY I 90 -20.33 -31.75 -27.50
CA GLY I 90 -20.80 -32.96 -28.15
C GLY I 90 -22.27 -32.86 -28.52
N SER I 91 -22.66 -33.70 -29.48
CA SER I 91 -24.05 -33.73 -29.94
C SER I 91 -24.41 -35.15 -30.37
N GLY I 92 -25.71 -35.45 -30.35
CA GLY I 92 -26.21 -36.75 -30.73
C GLY I 92 -25.91 -37.82 -29.70
N THR I 93 -26.05 -39.08 -30.15
CA THR I 93 -25.65 -40.20 -29.31
C THR I 93 -24.19 -40.12 -28.92
N GLU I 94 -23.34 -39.75 -29.89
CA GLU I 94 -21.95 -39.50 -29.63
C GLU I 94 -21.78 -38.36 -28.63
N PHE I 95 -20.74 -38.46 -27.81
CA PHE I 95 -20.32 -37.38 -26.94
C PHE I 95 -18.80 -37.26 -27.03
N THR I 96 -18.31 -36.03 -26.92
CA THR I 96 -16.88 -35.75 -27.04
C THR I 96 -16.39 -34.93 -25.86
N LEU I 97 -15.14 -35.18 -25.46
CA LEU I 97 -14.55 -34.46 -24.33
C LEU I 97 -13.09 -34.13 -24.61
N THR I 98 -12.71 -32.86 -24.36
CA THR I 98 -11.35 -32.41 -24.58
C THR I 98 -10.36 -33.18 -23.71
N GLU I 109 -7.51 -39.49 -15.50
CA GLU I 109 -8.80 -40.10 -15.80
C GLU I 109 -9.88 -39.02 -15.85
N TYR I 110 -11.04 -39.35 -16.44
CA TYR I 110 -12.22 -38.50 -16.58
C TYR I 110 -13.41 -39.39 -16.97
N PHE I 111 -14.47 -39.44 -16.19
CA PHE I 111 -15.58 -40.35 -16.51
C PHE I 111 -16.97 -39.73 -16.61
N CYS I 112 -17.82 -40.30 -17.46
CA CYS I 112 -19.16 -39.75 -17.62
C CYS I 112 -20.43 -40.54 -17.32
N GLN I 113 -21.16 -40.17 -16.28
CA GLN I 113 -22.50 -40.70 -16.15
C GLN I 113 -23.43 -39.90 -17.06
N GLN I 114 -24.49 -40.52 -17.54
CA GLN I 114 -25.47 -39.84 -18.37
C GLN I 114 -26.64 -39.40 -17.50
N TYR I 115 -27.01 -38.14 -17.62
CA TYR I 115 -28.00 -37.52 -16.73
C TYR I 115 -29.39 -37.49 -17.33
N ASP I 116 -29.54 -37.87 -18.60
CA ASP I 116 -30.85 -37.78 -19.23
C ASP I 116 -31.77 -38.88 -18.75
N SER I 117 -31.23 -40.07 -18.50
CA SER I 117 -32.04 -41.18 -18.03
C SER I 117 -31.20 -42.14 -17.21
N TYR I 118 -31.86 -42.86 -16.33
CA TYR I 118 -31.33 -43.86 -15.40
C TYR I 118 -31.25 -45.21 -16.09
N PRO I 119 -30.13 -45.95 -15.95
CA PRO I 119 -28.95 -45.70 -15.09
C PRO I 119 -28.10 -44.52 -15.52
N TYR I 120 -27.65 -43.76 -14.53
CA TYR I 120 -26.80 -42.60 -14.76
C TYR I 120 -25.34 -43.02 -14.86
N THR J 6 -19.63 16.77 -5.24
CA THR J 6 -20.92 16.17 -5.53
C THR J 6 -21.66 15.84 -4.23
N ASN J 7 -21.69 16.82 -3.33
CA ASN J 7 -22.21 16.60 -1.98
C ASN J 7 -23.72 16.77 -1.88
N THR J 8 -24.30 17.72 -2.62
CA THR J 8 -25.70 18.07 -2.44
C THR J 8 -26.39 18.25 -3.78
N THR J 9 -27.72 18.15 -3.75
CA THR J 9 -28.55 18.42 -4.91
C THR J 9 -28.95 19.89 -4.92
N ASP J 10 -28.73 20.55 -6.06
CA ASP J 10 -29.08 21.97 -6.17
C ASP J 10 -30.45 22.21 -6.78
N ASN J 11 -31.04 21.22 -7.44
CA ASN J 11 -32.36 21.36 -8.03
C ASN J 11 -33.23 20.15 -7.71
N ILE J 12 -34.49 20.40 -7.39
CA ILE J 12 -35.48 19.37 -7.18
C ILE J 12 -36.54 19.38 -8.28
N ASP J 13 -36.18 19.91 -9.45
CA ASP J 13 -37.14 20.11 -10.53
C ASP J 13 -37.85 18.83 -10.95
N TYR J 14 -37.27 17.66 -10.67
CA TYR J 14 -37.78 16.40 -11.22
C TYR J 14 -39.21 16.09 -10.77
N PHE J 15 -39.66 16.67 -9.66
CA PHE J 15 -41.03 16.44 -9.21
C PHE J 15 -42.03 16.96 -10.23
N ASP J 16 -43.04 16.15 -10.53
CA ASP J 16 -44.14 16.56 -11.40
C ASP J 16 -45.45 15.99 -10.86
N ILE J 17 -46.56 16.59 -11.30
CA ILE J 17 -47.88 16.23 -10.81
C ILE J 17 -48.84 16.15 -11.99
N SER J 18 -49.82 15.26 -11.88
CA SER J 18 -50.87 15.11 -12.87
C SER J 18 -52.22 15.47 -12.27
N ASP J 19 -53.17 15.80 -13.14
CA ASP J 19 -54.52 16.10 -12.69
C ASP J 19 -55.23 14.82 -12.26
N GLU J 20 -56.42 15.00 -11.68
CA GLU J 20 -57.18 13.83 -11.23
C GLU J 20 -57.64 12.96 -12.40
N SER J 21 -57.92 13.57 -13.54
CA SER J 21 -58.24 12.80 -14.74
C SER J 21 -57.05 11.99 -15.22
N ASN J 22 -55.84 12.29 -14.74
CA ASN J 22 -54.58 11.68 -15.13
C ASN J 22 -54.19 11.96 -16.57
N TYR J 23 -54.97 12.77 -17.30
CA TYR J 23 -54.64 13.08 -18.68
C TYR J 23 -53.53 14.11 -18.78
N TYR J 24 -53.54 15.12 -17.90
CA TYR J 24 -52.60 16.23 -17.96
C TYR J 24 -51.61 16.13 -16.81
N LEU J 25 -50.33 16.31 -17.11
CA LEU J 25 -49.29 16.37 -16.10
C LEU J 25 -48.60 17.73 -16.14
N ILE J 26 -48.03 18.13 -15.00
CA ILE J 26 -47.44 19.46 -14.85
C ILE J 26 -45.96 19.29 -14.53
N SER J 27 -45.11 19.85 -15.38
CA SER J 27 -43.67 19.85 -15.16
C SER J 27 -43.20 21.25 -14.78
N GLN J 28 -42.18 21.30 -13.92
CA GLN J 28 -41.71 22.59 -13.42
C GLN J 28 -40.97 23.37 -14.51
N LEU J 29 -40.28 22.69 -15.42
CA LEU J 29 -39.59 23.38 -16.49
C LEU J 29 -40.58 23.94 -17.50
N ARG J 30 -40.16 25.00 -18.20
CA ARG J 30 -41.00 25.57 -19.23
C ARG J 30 -41.10 24.62 -20.41
N PRO J 31 -42.26 24.58 -21.10
CA PRO J 31 -43.49 25.39 -20.99
C PRO J 31 -44.43 25.03 -19.84
N HIS J 32 -44.22 23.87 -19.19
CA HIS J 32 -44.97 23.33 -18.04
C HIS J 32 -46.10 22.40 -18.46
N PHE J 33 -46.57 22.49 -19.70
CA PHE J 33 -47.72 21.69 -20.12
C PHE J 33 -47.48 21.10 -21.51
N SER J 34 -47.95 19.86 -21.68
CA SER J 34 -47.86 19.22 -22.99
C SER J 34 -48.80 19.88 -24.00
N ASN J 35 -49.90 20.47 -23.53
CA ASN J 35 -50.81 21.18 -24.40
C ASN J 35 -50.41 22.64 -24.61
N ILE J 36 -49.64 23.23 -23.69
CA ILE J 36 -49.06 24.53 -23.97
C ILE J 36 -48.06 24.44 -25.11
N TYR J 37 -47.36 23.29 -25.23
CA TYR J 37 -46.62 23.01 -26.45
C TYR J 37 -47.53 23.18 -27.66
N PHE J 38 -48.64 22.43 -27.67
CA PHE J 38 -49.60 22.43 -28.77
C PHE J 38 -49.88 23.82 -29.32
N PHE J 39 -49.96 24.83 -28.45
CA PHE J 39 -50.44 26.14 -28.87
C PHE J 39 -49.32 27.03 -29.40
N ASP J 40 -48.06 26.74 -29.07
CA ASP J 40 -46.95 27.50 -29.64
C ASP J 40 -46.78 27.18 -31.11
N GLU J 41 -46.83 25.90 -31.47
CA GLU J 41 -46.78 25.51 -32.87
C GLU J 41 -48.18 25.30 -33.45
N PHE J 42 -49.23 25.73 -32.73
CA PHE J 42 -50.56 25.76 -33.33
C PHE J 42 -50.63 26.77 -34.47
N LYS J 43 -49.87 27.86 -34.38
CA LYS J 43 -49.74 28.77 -35.51
C LYS J 43 -49.17 28.08 -36.73
N ARG J 44 -48.46 26.97 -36.53
CA ARG J 44 -47.82 26.25 -37.63
C ARG J 44 -48.68 25.09 -38.16
N TYR J 45 -49.64 24.59 -37.37
CA TYR J 45 -50.54 23.56 -37.90
C TYR J 45 -51.32 24.07 -39.10
N ALA J 46 -51.67 25.35 -39.12
CA ALA J 46 -52.42 25.95 -40.22
C ALA J 46 -51.82 27.32 -40.52
N SER J 47 -51.15 27.44 -41.66
CA SER J 47 -50.57 28.71 -42.08
C SER J 47 -50.98 29.05 -43.50
N TYR J 48 -50.88 28.09 -44.41
CA TYR J 48 -51.35 28.24 -45.78
C TYR J 48 -52.75 27.69 -45.98
N HIS J 49 -53.47 27.41 -44.90
CA HIS J 49 -54.86 26.98 -45.02
C HIS J 49 -55.70 28.11 -45.59
N THR J 50 -56.35 27.85 -46.72
CA THR J 50 -57.03 28.88 -47.50
C THR J 50 -58.51 29.00 -47.15
N GLU J 51 -59.01 28.17 -46.23
CA GLU J 51 -60.45 28.14 -45.99
C GLU J 51 -60.89 29.38 -45.22
N ILE J 52 -60.42 29.52 -43.98
CA ILE J 52 -60.30 30.82 -43.35
C ILE J 52 -58.86 30.92 -42.85
N LYS J 53 -58.39 32.15 -42.74
CA LYS J 53 -57.13 32.43 -42.07
C LYS J 53 -57.45 32.78 -40.62
N ARG J 54 -57.17 31.84 -39.72
CA ARG J 54 -57.56 31.98 -38.32
C ARG J 54 -56.81 33.14 -37.69
N TYR J 55 -57.55 34.18 -37.31
CA TYR J 55 -56.96 35.27 -36.54
C TYR J 55 -56.45 34.73 -35.21
N GLU J 56 -55.23 35.08 -34.86
CA GLU J 56 -54.60 34.61 -33.64
C GLU J 56 -54.18 35.78 -32.76
N ASP J 57 -55.01 36.83 -32.73
CA ASP J 57 -54.88 37.80 -31.64
C ASP J 57 -55.08 37.12 -30.30
N ILE J 58 -55.98 36.15 -30.25
CA ILE J 58 -56.13 35.34 -29.04
C ILE J 58 -54.87 34.55 -28.76
N HIS J 59 -54.05 34.26 -29.78
CA HIS J 59 -52.77 33.64 -29.51
C HIS J 59 -51.82 34.63 -28.83
N LYS J 60 -51.68 35.82 -29.42
CA LYS J 60 -50.80 36.82 -28.82
C LYS J 60 -51.37 37.34 -27.50
N THR J 61 -52.69 37.55 -27.44
CA THR J 61 -53.28 38.12 -26.24
C THR J 61 -53.53 37.05 -25.17
N LYS J 62 -53.93 35.84 -25.55
CA LYS J 62 -54.18 34.77 -24.57
C LYS J 62 -53.06 33.74 -24.54
N VAL J 63 -52.74 33.12 -25.69
CA VAL J 63 -51.80 31.98 -25.69
C VAL J 63 -50.43 32.40 -25.15
N ASN J 64 -49.96 33.60 -25.53
CA ASN J 64 -48.76 34.11 -24.91
C ASN J 64 -48.98 34.48 -23.43
N SER J 65 -50.22 34.72 -23.03
CA SER J 65 -50.49 35.07 -21.64
C SER J 65 -50.91 33.88 -20.78
N LEU J 66 -51.54 32.84 -21.36
CA LEU J 66 -51.75 31.67 -20.51
C LEU J 66 -50.50 30.81 -20.41
N LEU J 67 -49.66 30.80 -21.45
CA LEU J 67 -48.33 30.23 -21.29
C LEU J 67 -47.58 30.94 -20.18
N ASN J 68 -47.52 32.28 -20.25
CA ASN J 68 -46.84 33.05 -19.22
C ASN J 68 -47.49 32.84 -17.86
N GLU J 69 -48.81 33.03 -17.77
CA GLU J 69 -49.50 32.97 -16.48
C GLU J 69 -49.25 31.63 -15.78
N ALA J 70 -49.14 30.54 -16.55
CA ALA J 70 -48.79 29.26 -15.96
C ALA J 70 -47.44 29.31 -15.26
N SER J 71 -46.51 30.14 -15.76
CA SER J 71 -45.20 30.26 -15.12
C SER J 71 -45.26 31.12 -13.87
N ARG J 72 -46.03 32.22 -13.89
CA ARG J 72 -46.19 33.03 -12.69
C ARG J 72 -46.90 32.25 -11.58
N ALA J 73 -47.83 31.36 -11.95
CA ALA J 73 -48.52 30.55 -10.96
C ALA J 73 -47.57 29.62 -10.24
N ILE J 74 -46.59 29.07 -10.96
CA ILE J 74 -45.57 28.24 -10.32
C ILE J 74 -44.71 29.08 -9.39
N GLY J 75 -44.48 30.35 -9.74
CA GLY J 75 -43.68 31.22 -8.90
C GLY J 75 -44.26 31.41 -7.50
N ILE J 76 -45.57 31.24 -7.37
CA ILE J 76 -46.19 31.33 -6.04
C ILE J 76 -45.78 30.14 -5.18
N CYS J 77 -45.61 28.97 -5.80
CA CYS J 77 -45.17 27.78 -5.07
C CYS J 77 -43.66 27.70 -4.94
N ASN J 78 -42.91 28.71 -5.38
CA ASN J 78 -41.48 28.72 -5.18
C ASN J 78 -41.13 28.67 -3.69
N ARG J 79 -41.98 29.26 -2.84
CA ARG J 79 -41.72 29.22 -1.40
C ARG J 79 -41.82 27.80 -0.87
N ALA J 80 -42.79 27.03 -1.38
CA ALA J 80 -42.88 25.63 -0.98
C ALA J 80 -41.66 24.83 -1.43
N LYS J 81 -41.05 25.22 -2.55
CA LYS J 81 -39.85 24.54 -3.02
C LYS J 81 -38.69 24.69 -2.03
N ASN J 82 -38.61 25.86 -1.39
CA ASN J 82 -37.52 26.09 -0.44
C ASN J 82 -37.74 25.33 0.86
N THR J 83 -38.98 25.30 1.35
CA THR J 83 -39.27 24.59 2.59
C THR J 83 -38.97 23.11 2.47
N VAL J 84 -39.36 22.49 1.36
CA VAL J 84 -39.10 21.07 1.15
C VAL J 84 -37.59 20.84 1.07
N LYS J 85 -36.88 21.68 0.30
CA LYS J 85 -35.45 21.51 0.11
C LYS J 85 -34.71 21.50 1.44
N GLY J 86 -35.16 22.30 2.41
CA GLY J 86 -34.53 22.28 3.72
C GLY J 86 -34.61 20.93 4.40
N LEU J 87 -35.74 20.23 4.22
CA LEU J 87 -35.88 18.90 4.82
C LEU J 87 -35.26 17.81 3.95
N ILE J 88 -35.22 18.00 2.63
CA ILE J 88 -34.46 17.06 1.80
C ILE J 88 -32.97 17.18 2.09
N ASN J 89 -32.48 18.42 2.25
CA ASN J 89 -31.04 18.63 2.39
C ASN J 89 -30.52 18.02 3.69
N ILE J 90 -31.28 18.12 4.77
CA ILE J 90 -30.88 17.50 6.02
C ILE J 90 -30.85 15.98 5.86
N LEU J 91 -31.78 15.44 5.07
CA LEU J 91 -31.87 13.99 4.91
C LEU J 91 -30.74 13.46 4.02
N GLU J 92 -30.44 14.16 2.92
CA GLU J 92 -29.39 13.71 2.03
C GLU J 92 -27.99 13.96 2.58
N ASN J 93 -27.84 14.91 3.49
CA ASN J 93 -26.54 15.19 4.09
C ASN J 93 -26.51 14.61 5.49
N PRO J 94 -25.79 13.52 5.73
CA PRO J 94 -25.70 12.98 7.09
C PRO J 94 -25.08 13.95 8.07
N GLN J 95 -24.01 14.65 7.67
CA GLN J 95 -23.35 15.59 8.57
C GLN J 95 -24.32 16.67 9.03
N LYS J 96 -25.09 17.25 8.10
CA LYS J 96 -26.17 18.15 8.49
C LYS J 96 -27.11 17.47 9.47
N PHE J 97 -27.43 16.20 9.23
CA PHE J 97 -28.25 15.45 10.17
C PHE J 97 -27.53 15.25 11.50
N LYS J 98 -26.20 15.18 11.48
CA LYS J 98 -25.45 15.11 12.74
C LYS J 98 -25.46 16.46 13.46
N THR J 99 -25.57 17.57 12.72
CA THR J 99 -25.60 18.87 13.35
C THR J 99 -26.83 19.05 14.23
N GLN J 100 -27.98 18.55 13.77
CA GLN J 100 -29.24 18.71 14.48
C GLN J 100 -29.60 17.40 15.16
N ARG J 101 -29.72 17.42 16.49
CA ARG J 101 -29.97 16.23 17.29
C ARG J 101 -31.47 15.93 17.27
N GLU J 102 -31.87 14.98 16.42
CA GLU J 102 -33.24 14.50 16.36
C GLU J 102 -33.24 13.13 15.69
N SER J 103 -34.32 12.39 15.93
CA SER J 103 -34.43 11.05 15.36
C SER J 103 -34.42 11.11 13.83
N TYR J 104 -34.02 10.00 13.22
CA TYR J 104 -33.95 9.96 11.76
C TYR J 104 -35.34 9.86 11.15
N ASP J 105 -36.19 8.98 11.68
CA ASP J 105 -37.43 8.63 10.99
C ASP J 105 -38.43 9.78 11.02
N VAL J 106 -38.37 10.64 12.04
CA VAL J 106 -39.36 11.71 12.17
C VAL J 106 -39.31 12.64 10.96
N LYS J 107 -38.12 12.85 10.40
CA LYS J 107 -37.98 13.74 9.26
C LYS J 107 -38.54 13.12 7.99
N LEU J 108 -38.56 11.79 7.89
CA LEU J 108 -39.18 11.13 6.74
C LEU J 108 -40.67 11.42 6.69
N ARG J 109 -41.35 11.34 7.84
CA ARG J 109 -42.75 11.72 7.91
C ARG J 109 -42.96 13.15 7.45
N GLN J 110 -42.10 14.07 7.90
CA GLN J 110 -42.20 15.45 7.46
C GLN J 110 -41.79 15.59 6.01
N TYR J 111 -40.81 14.80 5.56
CA TYR J 111 -40.44 14.81 4.15
C TYR J 111 -41.63 14.45 3.27
N GLU J 112 -42.22 13.28 3.50
CA GLU J 112 -43.37 12.85 2.71
C GLU J 112 -44.49 13.88 2.77
N GLU J 113 -44.75 14.42 3.97
CA GLU J 113 -45.80 15.42 4.10
C GLU J 113 -45.46 16.70 3.33
N LYS J 114 -44.21 17.15 3.42
CA LYS J 114 -43.85 18.39 2.73
C LYS J 114 -43.64 18.16 1.24
N LYS J 115 -43.10 17.00 0.85
CA LYS J 115 -43.04 16.66 -0.57
C LYS J 115 -44.42 16.68 -1.19
N GLU J 116 -45.42 16.14 -0.50
CA GLU J 116 -46.78 16.22 -0.99
C GLU J 116 -47.35 17.63 -0.85
N ALA J 117 -46.86 18.40 0.13
CA ALA J 117 -47.35 19.77 0.30
C ALA J 117 -46.90 20.66 -0.84
N PHE J 118 -45.64 20.50 -1.29
CA PHE J 118 -45.17 21.25 -2.45
C PHE J 118 -45.83 20.74 -3.73
N ARG J 119 -45.86 19.41 -3.91
CA ARG J 119 -46.61 18.84 -5.02
C ARG J 119 -48.09 19.21 -4.91
N GLY J 120 -48.60 19.29 -3.69
CA GLY J 120 -49.92 19.78 -3.38
C GLY J 120 -50.01 21.28 -3.21
N CYS J 121 -48.97 22.02 -3.56
CA CYS J 121 -49.08 23.46 -3.74
C CYS J 121 -49.49 23.81 -5.16
N LEU J 122 -49.17 22.95 -6.11
CA LEU J 122 -49.42 23.28 -7.51
C LEU J 122 -50.91 23.25 -7.83
N LEU J 123 -51.65 22.31 -7.25
CA LEU J 123 -53.03 22.10 -7.69
C LEU J 123 -53.92 23.30 -7.38
N ASN J 124 -53.76 23.92 -6.20
CA ASN J 124 -54.63 25.03 -5.85
C ASN J 124 -54.26 26.32 -6.59
N LYS J 125 -52.95 26.53 -6.82
CA LYS J 125 -52.54 27.69 -7.59
C LYS J 125 -52.75 27.49 -9.09
N ASN J 126 -52.64 26.25 -9.57
CA ASN J 126 -52.90 25.97 -10.98
C ASN J 126 -54.36 25.71 -11.27
N ARG J 127 -55.23 25.64 -10.24
CA ARG J 127 -56.60 25.20 -10.46
C ARG J 127 -57.41 26.17 -11.30
N LYS J 128 -57.04 27.45 -11.33
CA LYS J 128 -57.81 28.41 -12.12
C LYS J 128 -57.45 28.40 -13.60
N ASN J 129 -56.26 27.91 -13.97
CA ASN J 129 -55.84 28.00 -15.36
C ASN J 129 -56.17 26.76 -16.19
N LEU J 130 -56.32 25.58 -15.57
CA LEU J 130 -56.62 24.40 -16.40
C LEU J 130 -58.01 24.50 -17.01
N ASP J 131 -58.93 25.22 -16.37
CA ASP J 131 -60.21 25.49 -17.01
C ASP J 131 -60.01 26.19 -18.35
N GLN J 132 -59.00 27.05 -18.44
CA GLN J 132 -58.75 27.80 -19.66
C GLN J 132 -58.17 26.92 -20.75
N ILE J 133 -57.25 26.02 -20.38
CA ILE J 133 -56.55 25.21 -21.39
C ILE J 133 -57.53 24.38 -22.20
N LYS J 134 -58.56 23.83 -21.53
CA LYS J 134 -59.54 23.03 -22.25
C LYS J 134 -60.37 23.86 -23.22
N LYS J 135 -60.56 25.14 -22.91
CA LYS J 135 -61.38 26.00 -23.77
C LYS J 135 -60.74 26.19 -25.14
N ILE J 136 -59.41 26.34 -25.19
CA ILE J 136 -58.73 26.57 -26.45
C ILE J 136 -58.97 25.43 -27.41
N ASN J 137 -58.87 24.19 -26.93
CA ASN J 137 -59.20 23.03 -27.76
C ASN J 137 -60.65 23.11 -28.22
N ASN J 138 -61.58 23.39 -27.30
CA ASN J 138 -62.98 23.57 -27.67
C ASN J 138 -63.13 24.64 -28.74
N GLU J 139 -62.39 25.74 -28.62
CA GLU J 139 -62.33 26.73 -29.69
C GLU J 139 -61.89 26.08 -31.00
N ILE J 140 -60.72 25.45 -30.99
CA ILE J 140 -60.14 24.82 -32.18
C ILE J 140 -61.10 23.83 -32.82
N ARG J 141 -62.00 23.25 -32.03
CA ARG J 141 -62.93 22.25 -32.57
C ARG J 141 -64.05 22.90 -33.38
N ASP J 142 -64.57 24.05 -32.93
CA ASP J 142 -65.45 24.81 -33.82
C ASP J 142 -64.70 25.36 -35.02
N LEU J 143 -63.37 25.49 -34.91
CA LEU J 143 -62.56 26.12 -35.93
C LEU J 143 -62.32 25.21 -37.14
N LEU J 144 -62.29 23.90 -36.94
CA LEU J 144 -62.12 22.98 -38.05
C LEU J 144 -63.42 22.70 -38.80
N GLU J 145 -64.57 22.87 -38.14
CA GLU J 145 -65.84 22.61 -38.81
C GLU J 145 -66.14 23.65 -39.88
N LYS J 146 -65.66 24.88 -39.70
CA LYS J 146 -65.87 25.92 -40.70
C LYS J 146 -65.11 25.64 -41.99
N LEU J 147 -64.32 24.57 -42.05
CA LEU J 147 -63.58 24.21 -43.25
C LEU J 147 -64.53 23.81 -44.37
N LYS J 148 -64.17 24.19 -45.60
CA LYS J 148 -65.03 24.00 -46.77
C LYS J 148 -64.97 22.57 -47.28
N CYS J 149 -63.80 21.94 -47.20
CA CYS J 149 -63.70 20.53 -47.55
C CYS J 149 -64.55 19.76 -46.55
N SER J 150 -65.74 19.34 -46.96
CA SER J 150 -66.75 18.83 -46.04
C SER J 150 -67.32 17.53 -46.58
N GLN J 151 -67.73 16.66 -45.66
CA GLN J 151 -68.32 15.36 -45.97
C GLN J 151 -67.32 14.44 -46.67
N ASP J 152 -66.56 14.97 -47.63
CA ASP J 152 -65.50 14.21 -48.29
C ASP J 152 -64.28 15.10 -48.43
N CYS J 153 -63.14 14.63 -47.94
CA CYS J 153 -61.88 15.36 -48.03
C CYS J 153 -60.82 14.53 -48.72
N GLN J 154 -59.99 15.20 -49.51
CA GLN J 154 -58.80 14.60 -50.07
C GLN J 154 -57.70 14.59 -49.01
N THR J 155 -56.62 13.86 -49.31
CA THR J 155 -55.46 13.89 -48.44
C THR J 155 -54.92 15.31 -48.37
N ASN J 156 -54.79 15.82 -47.15
CA ASN J 156 -54.49 17.21 -46.90
C ASN J 156 -52.99 17.42 -46.71
N VAL J 157 -52.61 18.62 -46.30
CA VAL J 157 -51.29 18.91 -45.78
C VAL J 157 -50.97 18.03 -44.57
N TYR J 158 -51.97 17.34 -44.05
CA TYR J 158 -51.81 16.44 -42.91
C TYR J 158 -50.77 15.35 -43.18
N PHE J 159 -50.93 14.62 -44.28
CA PHE J 159 -49.88 13.68 -44.68
C PHE J 159 -48.56 14.38 -44.94
N ASP J 160 -48.61 15.62 -45.43
CA ASP J 160 -47.39 16.40 -45.57
C ASP J 160 -46.84 16.80 -44.20
N MET J 161 -47.73 17.14 -43.27
CA MET J 161 -47.29 17.62 -41.96
C MET J 161 -46.68 16.53 -41.11
N ILE J 162 -46.90 15.25 -41.45
CA ILE J 162 -46.30 14.18 -40.65
C ILE J 162 -44.79 14.10 -40.91
N LYS J 163 -44.37 14.15 -42.17
CA LYS J 163 -42.96 14.00 -42.50
C LYS J 163 -42.14 15.23 -42.12
N ILE J 164 -42.80 16.32 -41.71
CA ILE J 164 -42.10 17.38 -41.00
C ILE J 164 -41.97 17.02 -39.53
N TYR J 165 -43.00 16.38 -38.97
CA TYR J 165 -43.10 16.14 -37.55
C TYR J 165 -42.44 14.85 -37.09
N LEU J 166 -42.21 13.89 -37.99
CA LEU J 166 -41.65 12.61 -37.56
C LEU J 166 -40.15 12.53 -37.70
N VAL J 167 -39.53 13.42 -38.47
CA VAL J 167 -38.07 13.41 -38.56
C VAL J 167 -37.44 13.96 -37.28
N ASP J 168 -38.21 14.73 -36.50
CA ASP J 168 -37.69 15.25 -35.24
C ASP J 168 -37.46 14.17 -34.20
N PHE J 169 -38.08 13.00 -34.36
CA PHE J 169 -37.85 11.90 -33.43
C PHE J 169 -36.39 11.49 -33.44
N LYS J 170 -35.82 11.32 -34.63
CA LYS J 170 -34.46 10.81 -34.77
C LYS J 170 -33.43 11.74 -34.14
N LYS J 171 -33.75 13.02 -33.96
CA LYS J 171 -32.82 13.96 -33.36
C LYS J 171 -32.35 13.47 -32.00
N MET J 172 -33.29 13.02 -31.16
CA MET J 172 -32.91 12.47 -29.87
C MET J 172 -32.49 11.01 -30.01
N PRO J 173 -31.59 10.52 -29.15
CA PRO J 173 -31.18 9.12 -29.22
C PRO J 173 -32.06 8.20 -28.38
N TYR J 174 -33.11 7.66 -28.98
CA TYR J 174 -34.04 6.80 -28.24
C TYR J 174 -33.33 5.58 -27.66
N GLU J 175 -32.41 4.98 -28.43
CA GLU J 175 -31.77 3.76 -27.97
C GLU J 175 -30.78 4.03 -26.84
N ASN J 176 -30.06 5.16 -26.91
CA ASN J 176 -29.16 5.52 -25.82
C ASN J 176 -29.91 5.67 -24.51
N TYR J 177 -31.06 6.33 -24.54
CA TYR J 177 -31.89 6.42 -23.34
C TYR J 177 -32.40 5.06 -22.92
N ASP J 178 -32.86 4.25 -23.88
CA ASP J 178 -33.37 2.92 -23.59
C ASP J 178 -32.27 2.03 -23.00
N THR J 179 -31.07 2.09 -23.57
CA THR J 179 -29.96 1.31 -23.04
C THR J 179 -29.47 1.87 -21.71
N PHE J 180 -29.52 3.20 -21.54
CA PHE J 180 -29.02 3.80 -20.31
C PHE J 180 -29.89 3.44 -19.10
N ILE J 181 -31.21 3.36 -19.30
CA ILE J 181 -32.09 3.15 -18.17
C ILE J 181 -32.00 1.71 -17.66
N LYS J 182 -31.73 0.75 -18.55
CA LYS J 182 -31.53 -0.63 -18.10
C LYS J 182 -30.25 -0.76 -17.28
N GLN J 183 -29.16 -0.16 -17.77
CA GLN J 183 -27.88 -0.27 -17.07
C GLN J 183 -27.88 0.55 -15.79
N TYR J 184 -28.51 1.73 -15.81
CA TYR J 184 -28.64 2.50 -14.58
C TYR J 184 -29.46 1.74 -13.55
N LYS J 185 -30.54 1.07 -13.99
CA LYS J 185 -31.32 0.24 -13.08
C LYS J 185 -30.44 -0.80 -12.41
N ASN J 186 -29.60 -1.49 -13.19
CA ASN J 186 -28.71 -2.52 -12.64
C ASN J 186 -27.89 -1.99 -11.47
N SER J 187 -27.33 -0.79 -11.61
CA SER J 187 -26.57 -0.21 -10.51
C SER J 187 -27.48 0.15 -9.34
N TYR J 188 -28.63 0.78 -9.63
CA TYR J 188 -29.58 1.09 -8.57
C TYR J 188 -30.17 -0.18 -7.97
N LEU J 189 -30.61 -1.12 -8.82
CA LEU J 189 -31.25 -2.33 -8.32
C LEU J 189 -30.29 -3.17 -7.50
N SER J 190 -29.06 -3.36 -7.99
CA SER J 190 -28.09 -4.14 -7.22
C SER J 190 -27.74 -3.44 -5.91
N GLY J 191 -27.65 -2.11 -5.92
CA GLY J 191 -27.34 -1.39 -4.71
C GLY J 191 -28.46 -1.44 -3.69
N VAL J 192 -29.70 -1.28 -4.14
CA VAL J 192 -30.83 -1.33 -3.21
C VAL J 192 -31.13 -2.76 -2.79
N ASP J 193 -30.77 -3.75 -3.63
CA ASP J 193 -31.02 -5.14 -3.27
C ASP J 193 -30.04 -5.62 -2.22
N MET J 194 -28.79 -5.20 -2.31
CA MET J 194 -27.74 -5.70 -1.42
C MET J 194 -27.75 -5.02 -0.06
N ILE J 195 -28.39 -3.85 0.07
CA ILE J 195 -28.35 -3.13 1.34
C ILE J 195 -29.04 -3.92 2.44
N ARG J 196 -30.06 -4.71 2.10
CA ARG J 196 -30.74 -5.50 3.10
C ARG J 196 -29.93 -6.71 3.53
N LYS J 197 -29.08 -7.24 2.65
CA LYS J 197 -28.24 -8.37 3.01
C LYS J 197 -27.24 -7.97 4.09
N ILE J 198 -26.63 -6.79 3.96
CA ILE J 198 -25.62 -6.32 4.91
C ILE J 198 -26.22 -5.48 6.03
N GLU J 199 -27.54 -5.32 6.07
CA GLU J 199 -28.15 -4.51 7.13
C GLU J 199 -27.90 -5.13 8.50
N LYS J 200 -27.89 -6.45 8.58
CA LYS J 200 -27.71 -7.12 9.87
C LYS J 200 -26.34 -6.84 10.46
N GLN J 201 -25.29 -6.95 9.65
CA GLN J 201 -23.93 -6.67 10.10
C GLN J 201 -23.65 -5.20 9.84
N ILE J 202 -23.66 -4.38 10.88
CA ILE J 202 -23.43 -2.95 10.70
C ILE J 202 -22.63 -2.41 11.87
N ASP J 203 -21.75 -1.47 11.57
CA ASP J 203 -20.87 -0.76 12.48
C ASP J 203 -21.51 0.49 13.05
N ASN J 204 -22.02 1.36 12.18
CA ASN J 204 -22.65 2.61 12.58
C ASN J 204 -24.03 2.68 11.94
N PRO J 205 -25.11 2.58 12.73
CA PRO J 205 -26.44 2.37 12.12
C PRO J 205 -27.00 3.55 11.36
N VAL J 206 -26.52 4.78 11.60
CA VAL J 206 -27.24 5.96 11.14
C VAL J 206 -27.02 6.20 9.64
N THR J 207 -25.79 6.02 9.16
CA THR J 207 -25.45 6.42 7.79
C THR J 207 -26.17 5.58 6.73
N ILE J 208 -26.73 4.43 7.09
CA ILE J 208 -27.35 3.55 6.11
C ILE J 208 -28.74 4.03 5.74
N ASN J 209 -29.49 4.55 6.72
CA ASN J 209 -30.82 5.04 6.40
C ASN J 209 -30.74 6.30 5.54
N ALA J 210 -29.64 7.04 5.63
CA ALA J 210 -29.48 8.26 4.82
C ALA J 210 -29.29 7.92 3.35
N ILE J 211 -28.39 6.98 3.05
CA ILE J 211 -28.19 6.58 1.66
C ILE J 211 -29.45 5.90 1.12
N LYS J 212 -30.16 5.16 1.97
CA LYS J 212 -31.38 4.51 1.51
C LYS J 212 -32.48 5.53 1.20
N PHE J 213 -32.53 6.64 1.94
CA PHE J 213 -33.50 7.68 1.63
C PHE J 213 -33.32 8.18 0.20
N THR J 214 -32.07 8.42 -0.20
CA THR J 214 -31.80 8.86 -1.57
C THR J 214 -32.31 7.84 -2.57
N GLN J 215 -32.17 6.55 -2.25
CA GLN J 215 -32.69 5.50 -3.14
C GLN J 215 -34.18 5.62 -3.33
N LYS J 216 -34.91 6.03 -2.28
CA LYS J 216 -36.35 6.25 -2.41
C LYS J 216 -36.63 7.38 -3.40
N GLU J 217 -35.95 8.50 -3.23
CA GLU J 217 -36.03 9.59 -4.21
C GLU J 217 -35.54 9.12 -5.56
N MET J 218 -34.30 8.64 -5.61
CA MET J 218 -33.69 8.18 -6.85
C MET J 218 -34.55 7.12 -7.53
N GLY J 219 -35.04 6.15 -6.75
CA GLY J 219 -35.93 5.14 -7.32
C GLY J 219 -37.22 5.71 -7.87
N TYR J 220 -37.71 6.80 -7.28
CA TYR J 220 -38.89 7.47 -7.81
C TYR J 220 -38.58 8.18 -9.12
N ILE J 221 -37.35 8.66 -9.28
CA ILE J 221 -36.98 9.35 -10.51
C ILE J 221 -36.99 8.39 -11.69
N ILE J 222 -36.56 7.15 -11.48
CA ILE J 222 -36.54 6.17 -12.57
C ILE J 222 -37.95 5.92 -13.10
N ASP J 223 -38.95 5.93 -12.21
CA ASP J 223 -40.33 5.77 -12.64
C ASP J 223 -40.75 6.89 -13.57
N ARG J 224 -40.35 8.13 -13.26
CA ARG J 224 -40.67 9.24 -14.14
C ARG J 224 -39.90 9.14 -15.46
N PHE J 225 -38.62 8.79 -15.38
CA PHE J 225 -37.83 8.62 -16.60
C PHE J 225 -38.39 7.50 -17.47
N GLU J 226 -38.77 6.38 -16.85
CA GLU J 226 -39.36 5.28 -17.62
C GLU J 226 -40.69 5.67 -18.22
N TYR J 227 -41.48 6.47 -17.49
CA TYR J 227 -42.81 6.86 -17.96
C TYR J 227 -42.70 7.70 -19.23
N HIS J 228 -41.85 8.73 -19.21
CA HIS J 228 -41.69 9.58 -20.39
C HIS J 228 -41.06 8.82 -21.55
N LEU J 229 -40.16 7.88 -21.25
CA LEU J 229 -39.57 7.06 -22.31
C LEU J 229 -40.62 6.24 -23.02
N GLN J 230 -41.57 5.67 -22.26
CA GLN J 230 -42.60 4.84 -22.87
C GLN J 230 -43.56 5.68 -23.70
N LYS J 231 -43.92 6.87 -23.22
CA LYS J 231 -44.82 7.74 -23.97
C LYS J 231 -44.19 8.16 -25.30
N VAL J 232 -42.92 8.56 -25.27
CA VAL J 232 -42.23 8.92 -26.51
C VAL J 232 -42.15 7.71 -27.43
N LYS J 233 -42.00 6.51 -26.86
CA LYS J 233 -42.03 5.30 -27.68
C LYS J 233 -43.37 5.14 -28.35
N HIS J 234 -44.46 5.47 -27.66
CA HIS J 234 -45.79 5.34 -28.27
C HIS J 234 -45.96 6.29 -29.44
N SER J 235 -45.31 7.45 -29.41
CA SER J 235 -45.47 8.41 -30.50
C SER J 235 -44.75 7.96 -31.76
N ILE J 236 -43.54 7.41 -31.61
CA ILE J 236 -42.71 7.13 -32.78
C ILE J 236 -43.28 5.97 -33.60
N ASP J 237 -43.65 4.88 -32.92
CA ASP J 237 -44.09 3.69 -33.67
C ASP J 237 -45.48 3.88 -34.26
N GLN J 238 -46.33 4.69 -33.62
CA GLN J 238 -47.70 4.85 -34.12
C GLN J 238 -47.75 5.68 -35.38
N VAL J 239 -46.98 6.78 -35.44
CA VAL J 239 -46.99 7.61 -36.65
C VAL J 239 -46.31 6.87 -37.80
N THR J 240 -45.37 5.97 -37.52
CA THR J 240 -44.82 5.14 -38.58
C THR J 240 -45.87 4.14 -39.07
N ALA J 241 -46.63 3.55 -38.14
CA ALA J 241 -47.69 2.62 -38.53
C ALA J 241 -48.75 3.29 -39.38
N LEU J 242 -48.90 4.61 -39.25
CA LEU J 242 -49.91 5.33 -40.01
C LEU J 242 -49.48 5.55 -41.46
N SER J 243 -48.20 5.87 -41.67
CA SER J 243 -47.72 6.12 -43.02
C SER J 243 -47.77 4.85 -43.87
N ASP J 244 -47.18 3.75 -43.38
CA ASP J 244 -47.22 2.50 -44.11
C ASP J 244 -48.59 1.82 -44.03
N GLY J 245 -49.39 2.17 -43.03
CA GLY J 245 -50.66 1.48 -42.81
C GLY J 245 -51.78 1.91 -43.73
N VAL J 246 -51.99 3.22 -43.87
CA VAL J 246 -53.10 3.76 -44.64
C VAL J 246 -52.58 4.35 -45.94
N LYS J 247 -53.31 4.08 -47.02
CA LYS J 247 -53.04 4.69 -48.32
C LYS J 247 -54.27 5.34 -48.98
N PRO J 248 -55.37 5.69 -48.25
CA PRO J 248 -56.51 6.27 -48.96
C PRO J 248 -56.50 7.79 -48.93
N LYS J 249 -56.70 8.41 -50.09
CA LYS J 249 -56.81 9.86 -50.15
C LYS J 249 -58.17 10.35 -49.65
N GLN J 250 -59.22 9.56 -49.88
CA GLN J 250 -60.56 9.95 -49.49
C GLN J 250 -60.73 9.87 -47.97
N VAL J 251 -61.15 10.98 -47.36
CA VAL J 251 -61.51 11.04 -45.95
C VAL J 251 -62.69 11.98 -45.80
N THR J 252 -63.32 11.92 -44.62
CA THR J 252 -64.38 12.85 -44.24
C THR J 252 -63.92 13.63 -43.02
N LYS J 253 -64.44 14.86 -42.87
CA LYS J 253 -64.10 15.67 -41.70
C LYS J 253 -64.31 14.88 -40.42
N ASN J 254 -65.50 14.29 -40.27
CA ASN J 254 -65.81 13.41 -39.14
C ASN J 254 -64.66 12.45 -38.86
N ARG J 255 -64.00 11.97 -39.91
CA ARG J 255 -62.81 11.15 -39.78
C ARG J 255 -61.52 11.90 -40.10
N LEU J 256 -61.60 13.21 -40.39
CA LEU J 256 -60.43 14.04 -40.64
C LEU J 256 -60.23 15.13 -39.59
N LYS J 257 -61.31 15.61 -38.97
CA LYS J 257 -61.18 16.55 -37.85
C LYS J 257 -60.16 16.05 -36.84
N GLU J 258 -60.21 14.76 -36.52
CA GLU J 258 -59.26 14.18 -35.56
C GLU J 258 -57.96 13.77 -36.22
N TYR J 259 -57.96 13.46 -37.52
CA TYR J 259 -56.73 12.95 -38.14
C TYR J 259 -55.59 13.95 -38.02
N TYR J 260 -55.81 15.18 -38.51
CA TYR J 260 -54.85 16.24 -38.25
C TYR J 260 -54.67 16.48 -36.76
N PHE J 261 -55.65 16.10 -35.95
CA PHE J 261 -55.65 16.27 -34.50
C PHE J 261 -55.08 15.06 -33.75
N ASN J 262 -55.09 13.87 -34.38
CA ASN J 262 -54.52 12.69 -33.74
C ASN J 262 -53.00 12.77 -33.70
N ILE J 263 -52.37 13.08 -34.84
CA ILE J 263 -50.90 13.14 -34.90
C ILE J 263 -50.36 14.08 -33.84
N GLY J 264 -51.13 15.09 -33.45
CA GLY J 264 -50.70 16.02 -32.44
C GLY J 264 -50.63 15.41 -31.05
N ASN J 265 -51.74 14.84 -30.56
CA ASN J 265 -51.76 14.34 -29.19
C ASN J 265 -50.70 13.27 -28.97
N TYR J 266 -50.30 12.57 -30.04
CA TYR J 266 -49.09 11.75 -29.97
C TYR J 266 -47.84 12.62 -29.94
N TYR J 267 -47.82 13.68 -30.75
CA TYR J 267 -46.64 14.54 -30.86
C TYR J 267 -46.43 15.38 -29.60
N SER J 268 -47.51 15.70 -28.90
CA SER J 268 -47.43 16.52 -27.69
C SER J 268 -46.44 15.92 -26.69
N ILE J 269 -46.66 14.66 -26.32
CA ILE J 269 -45.81 14.00 -25.33
C ILE J 269 -44.38 13.85 -25.83
N PHE J 270 -44.15 13.89 -27.14
CA PHE J 270 -42.79 13.76 -27.66
C PHE J 270 -41.94 14.97 -27.32
N LYS J 271 -42.30 16.14 -27.87
CA LYS J 271 -41.51 17.34 -27.61
C LYS J 271 -41.50 17.69 -26.13
N PHE J 272 -42.56 17.32 -25.40
CA PHE J 272 -42.54 17.45 -23.96
C PHE J 272 -41.67 16.40 -23.31
N GLY J 273 -41.68 15.18 -23.86
CA GLY J 273 -40.84 14.12 -23.32
C GLY J 273 -39.37 14.48 -23.37
N LYS J 274 -38.91 14.99 -24.52
CA LYS J 274 -37.50 15.34 -24.70
C LYS J 274 -37.03 16.30 -23.61
N ASP J 275 -37.79 17.36 -23.35
CA ASP J 275 -37.39 18.33 -22.34
C ASP J 275 -37.44 17.75 -20.94
N SER J 276 -38.39 16.86 -20.67
CA SER J 276 -38.56 16.34 -19.31
C SER J 276 -37.61 15.19 -18.99
N LEU J 277 -37.22 14.39 -19.99
CA LEU J 277 -36.23 13.35 -19.72
C LEU J 277 -34.83 13.91 -19.57
N ASN J 278 -34.53 15.02 -20.26
CA ASN J 278 -33.20 15.62 -20.17
C ASN J 278 -32.93 16.15 -18.77
N MET J 279 -33.90 16.89 -18.21
CA MET J 279 -33.77 17.36 -16.83
C MET J 279 -33.74 16.19 -15.85
N LEU J 280 -34.50 15.13 -16.14
CA LEU J 280 -34.47 13.95 -15.29
C LEU J 280 -33.11 13.28 -15.32
N ASN J 281 -32.51 13.16 -16.51
CA ASN J 281 -31.21 12.50 -16.63
C ASN J 281 -30.14 13.25 -15.86
N LYS J 282 -30.14 14.58 -15.94
CA LYS J 282 -29.13 15.36 -15.22
C LYS J 282 -29.31 15.21 -13.71
N ALA J 283 -30.54 15.36 -13.22
CA ALA J 283 -30.80 15.14 -11.81
C ALA J 283 -30.52 13.70 -11.41
N LEU J 284 -30.91 12.75 -12.25
CA LEU J 284 -30.70 11.33 -11.94
C LEU J 284 -29.23 11.01 -11.77
N ILE J 285 -28.41 11.40 -12.75
CA ILE J 285 -26.97 11.15 -12.68
C ILE J 285 -26.37 11.89 -11.48
N HIS J 286 -26.85 13.10 -11.22
CA HIS J 286 -26.44 13.79 -10.00
C HIS J 286 -26.86 13.00 -8.76
N LYS J 287 -28.07 12.44 -8.78
CA LYS J 287 -28.54 11.64 -7.64
C LYS J 287 -27.70 10.37 -7.48
N GLU J 288 -27.28 9.77 -8.60
CA GLU J 288 -26.44 8.57 -8.53
C GLU J 288 -25.12 8.86 -7.84
N LYS J 289 -24.49 9.99 -8.19
CA LYS J 289 -23.14 10.26 -7.70
C LYS J 289 -23.12 10.57 -6.21
N ILE J 290 -24.21 11.11 -5.67
CA ILE J 290 -24.30 11.29 -4.22
C ILE J 290 -24.32 9.94 -3.53
N VAL J 291 -25.15 9.02 -4.04
CA VAL J 291 -25.23 7.67 -3.46
C VAL J 291 -23.84 7.07 -3.33
N HIS J 292 -23.08 7.06 -4.43
CA HIS J 292 -21.77 6.43 -4.40
C HIS J 292 -20.76 7.25 -3.61
N ASN J 293 -20.93 8.58 -3.59
CA ASN J 293 -20.17 9.38 -2.62
C ASN J 293 -20.62 9.07 -1.20
N LEU J 294 -21.90 8.76 -1.01
CA LEU J 294 -22.40 8.37 0.30
C LEU J 294 -22.12 6.89 0.57
N LEU J 295 -22.24 6.05 -0.45
CA LEU J 295 -21.97 4.62 -0.29
C LEU J 295 -20.50 4.38 0.04
N GLY J 296 -19.60 5.09 -0.64
CA GLY J 296 -18.18 4.88 -0.41
C GLY J 296 -17.75 5.22 1.00
N GLU J 297 -18.47 6.14 1.66
CA GLU J 297 -18.10 6.50 3.02
C GLU J 297 -18.36 5.36 4.00
N LEU J 298 -19.42 4.59 3.78
CA LEU J 298 -19.69 3.45 4.65
C LEU J 298 -18.63 2.36 4.49
N PHE J 299 -18.26 2.04 3.26
CA PHE J 299 -17.09 1.19 3.04
C PHE J 299 -15.82 1.87 3.51
N GLY J 300 -15.72 3.19 3.28
CA GLY J 300 -14.59 3.95 3.77
C GLY J 300 -14.53 4.09 5.27
N HIS J 301 -15.67 3.87 5.95
CA HIS J 301 -15.65 3.86 7.42
C HIS J 301 -14.76 2.74 7.94
N LEU J 302 -14.74 1.61 7.23
CA LEU J 302 -13.95 0.44 7.62
C LEU J 302 -12.47 0.78 7.74
#